data_9N4E
#
_entry.id   9N4E
#
_cell.length_a   1.00
_cell.length_b   1.00
_cell.length_c   1.00
_cell.angle_alpha   90.00
_cell.angle_beta   90.00
_cell.angle_gamma   90.00
#
_symmetry.space_group_name_H-M   'P 1'
#
loop_
_entity.id
_entity.type
_entity.pdbx_description
1 polymer Hemagglutinin
2 polymer 'Variable domain of the heavy chain of Fab AG2-G02'
3 polymer 'Variable domain of the light chain of Fab AG2-G02'
4 polymer Hemagglutinin
#
loop_
_entity_poly.entity_id
_entity_poly.type
_entity_poly.pdbx_seq_one_letter_code
_entity_poly.pdbx_strand_id
1 'polypeptide(L)'
;ATLCLGHHAVPNGTIVKTITDDQIEVTNATELVQSSSTGKICNNPHRILDGRDCTLIDALLGDPHCDVFQDETWDLYVER
SSAFSNCYPYDVPDYASLRSLVASSGTLEFITEGFTWTGVTQNGGSNACKRGPASGFFSRLNWLTKSGSAYPVLNVTMPN
NDNFDKLYVWGVHHPSTNQEQTSLYVQASGRVTVSTRRSQQTIIPNIGSRPWVRGQSGRISIYWTIVKPGDVLVINSNGN
LIAPRGYFKMRTGKSSIMRSDAPIDTCISECITPNGSIPNDKPFQNVNKITYGACPKYVKQSTLKLATGMRNVPEKQTRG
LFGAKAGFIENGWEGMIDGWYGFRHQNSEGTGQAADLKSTQAAIDQINGKLNRVIEKTNEKFHQIEKEFSEVEGRIQDLE
KYVEDTKIDLWSYNAELLVALENQHTIDLTDSEMNKLFEKTRRQLRENAEDMGNGCFKIYHKCDNACIESIRNGTYDHDI
YRDEALNNRFQIKGV
;
A,C,E
2 'polypeptide(L)'
;VQLVQSGAEMKKPGASVKVSCKASGYTFSAYYIHWVRQAPGQGLEWMGRINTDSGGTNFAQQFEGRVTMTRDTSISTAYM
ELSSLRSDDTAVYYCARGYDFWLGSYRAGGWFDPWGQGTLVTVSS
;
K,O,Q
3 'polypeptide(L)'
;EIVLTQSPGTLSLSPGERATLSCRASQSVSSSYLAWYQQKPGQAPRLLIYGASSRATGIPDRFRGSGSGTDFTLTISRLE
PEDFAVYYCQQYGSSPQGFTFGPGTKVDIK
;
M,P,R
4 'polypeptide(L)'
;ATLCLGHHAVPNGTIVKTITDDQIEVTNATELVQSSSTGKICNNPHRILDGRDCTLIDALLGDPHCDVFQDETWDLYVER
SSAFSNCYPYDVPDYASLRSLVASSGTLEFITEGFTWTGVTQNGGSNACKRGPASGFFSRLNWLTKSGSAYPVLNVTMPN
NDNFDKLYVWGVHHPSTNQEQTNLYVQASGRVTVSTRRSQQTIIPNIGSRPWVRGQSGRISIYWTIVKPGDVLVINSNGN
LIAPRGYFKMRTGKSSIMRSDAPIDTCISECITPNGSIPNDKPFQNVNKITYGACPKYVKQSTLKLATGMRNVPEKQTRG
LFGAKAGFIENGWEGMIDGWYGFRHQNSEGTGQAADLKSTQAAIDQINGKLNRVIEKTNEKFHQIEKEFSEVEGRIQDLE
KYVEDTKIDLWSYNAELLVALENQHTIDLTDSEMNKLFEKTRRQLRENAEDMGNGCFKIYHKCDNACIESIRNGTYDHDI
YRDEALNNRFQIKGV
;
B,D,F
#
# COMPACT_ATOMS: atom_id res chain seq x y z
N ALA A 1 8.69 20.22 -44.16
CA ALA A 1 7.68 19.37 -43.54
C ALA A 1 7.76 19.43 -42.03
N THR A 2 6.59 19.36 -41.39
CA THR A 2 6.47 19.38 -39.94
C THR A 2 5.65 18.18 -39.49
N LEU A 3 6.22 17.40 -38.56
CA LEU A 3 5.55 16.23 -38.01
C LEU A 3 5.35 16.44 -36.52
N CYS A 4 4.12 16.29 -36.06
CA CYS A 4 3.75 16.59 -34.68
C CYS A 4 3.20 15.34 -34.01
N LEU A 5 3.64 15.11 -32.77
CA LEU A 5 3.17 14.01 -31.96
C LEU A 5 2.17 14.52 -30.94
N GLY A 6 1.10 13.77 -30.73
CA GLY A 6 0.07 14.19 -29.81
C GLY A 6 -0.80 13.02 -29.40
N HIS A 7 -1.77 13.33 -28.55
CA HIS A 7 -2.66 12.32 -28.00
C HIS A 7 -4.09 12.83 -28.07
N HIS A 8 -5.04 11.91 -27.84
CA HIS A 8 -6.44 12.25 -27.99
C HIS A 8 -6.98 12.90 -26.72
N ALA A 9 -8.23 13.37 -26.81
CA ALA A 9 -8.90 14.00 -25.68
C ALA A 9 -10.40 13.85 -25.89
N VAL A 10 -11.15 14.11 -24.83
CA VAL A 10 -12.61 13.99 -24.87
C VAL A 10 -13.20 15.30 -24.36
N PRO A 11 -14.41 15.67 -24.80
CA PRO A 11 -14.99 16.96 -24.34
C PRO A 11 -15.15 17.03 -22.84
N ASN A 12 -15.53 15.93 -22.21
CA ASN A 12 -15.72 15.90 -20.76
C ASN A 12 -15.37 14.50 -20.28
N GLY A 13 -14.45 14.43 -19.32
CA GLY A 13 -14.04 13.18 -18.72
C GLY A 13 -14.39 13.09 -17.25
N THR A 14 -14.03 11.97 -16.66
CA THR A 14 -14.27 11.70 -15.25
C THR A 14 -13.20 12.37 -14.41
N ILE A 15 -13.49 12.51 -13.12
CA ILE A 15 -12.52 13.00 -12.14
C ILE A 15 -12.12 11.83 -11.25
N VAL A 16 -10.83 11.55 -11.20
CA VAL A 16 -10.30 10.46 -10.39
C VAL A 16 -9.45 11.06 -9.27
N LYS A 17 -8.95 10.18 -8.41
CA LYS A 17 -8.29 10.57 -7.18
C LYS A 17 -6.94 9.85 -7.09
N THR A 18 -5.87 10.63 -7.02
CA THR A 18 -4.51 10.09 -7.08
C THR A 18 -3.77 10.40 -5.78
N ILE A 19 -2.49 10.03 -5.74
CA ILE A 19 -1.64 10.33 -4.59
C ILE A 19 -1.53 11.84 -4.40
N THR A 20 -1.31 12.57 -5.49
CA THR A 20 -1.04 14.00 -5.39
C THR A 20 -2.31 14.80 -5.15
N ASP A 21 -3.25 14.78 -6.10
CA ASP A 21 -4.44 15.61 -6.04
C ASP A 21 -5.69 14.79 -6.29
N ASP A 22 -6.78 15.21 -5.68
CA ASP A 22 -8.05 14.49 -5.74
C ASP A 22 -8.89 14.86 -6.96
N GLN A 23 -8.46 15.84 -7.76
CA GLN A 23 -9.21 16.28 -8.93
C GLN A 23 -8.30 16.22 -10.15
N ILE A 24 -8.21 15.04 -10.77
CA ILE A 24 -7.53 14.87 -12.05
C ILE A 24 -8.55 14.32 -13.04
N GLU A 25 -8.65 14.98 -14.18
CA GLU A 25 -9.58 14.54 -15.22
C GLU A 25 -8.94 13.44 -16.05
N VAL A 26 -9.71 12.38 -16.30
CA VAL A 26 -9.24 11.23 -17.06
C VAL A 26 -10.29 10.92 -18.13
N THR A 27 -9.83 10.45 -19.29
CA THR A 27 -10.74 10.24 -20.42
C THR A 27 -11.83 9.24 -20.09
N ASN A 28 -11.47 8.15 -19.42
CA ASN A 28 -12.45 7.13 -19.04
C ASN A 28 -12.08 6.54 -17.69
N ALA A 29 -13.09 6.35 -16.85
CA ALA A 29 -12.91 5.71 -15.55
C ALA A 29 -14.10 4.80 -15.28
N THR A 30 -13.86 3.74 -14.51
CA THR A 30 -14.88 2.76 -14.16
C THR A 30 -15.05 2.70 -12.64
N GLU A 31 -16.30 2.63 -12.20
CA GLU A 31 -16.60 2.54 -10.78
C GLU A 31 -16.19 1.18 -10.23
N LEU A 32 -15.70 1.19 -8.99
CA LEU A 32 -15.27 -0.03 -8.32
C LEU A 32 -16.09 -0.38 -7.09
N VAL A 33 -17.11 0.42 -6.75
CA VAL A 33 -17.94 0.18 -5.58
C VAL A 33 -19.37 -0.07 -6.05
N GLN A 34 -19.93 -1.21 -5.66
CA GLN A 34 -21.30 -1.57 -6.00
C GLN A 34 -22.23 -1.02 -4.93
N SER A 35 -23.02 0.00 -5.29
CA SER A 35 -23.88 0.68 -4.34
C SER A 35 -25.36 0.49 -4.65
N SER A 36 -25.70 -0.47 -5.51
CA SER A 36 -27.09 -0.70 -5.90
C SER A 36 -27.42 -2.18 -5.74
N SER A 37 -28.68 -2.44 -5.37
CA SER A 37 -29.15 -3.80 -5.19
C SER A 37 -30.46 -3.97 -5.94
N THR A 38 -30.71 -5.20 -6.40
CA THR A 38 -31.94 -5.50 -7.13
C THR A 38 -33.16 -5.58 -6.24
N GLY A 39 -32.98 -5.58 -4.92
CA GLY A 39 -34.10 -5.63 -4.00
C GLY A 39 -34.74 -6.98 -3.87
N LYS A 40 -34.14 -8.02 -4.43
CA LYS A 40 -34.72 -9.35 -4.42
C LYS A 40 -33.61 -10.36 -4.19
N ILE A 41 -34.00 -11.53 -3.70
CA ILE A 41 -33.05 -12.59 -3.37
C ILE A 41 -33.18 -13.69 -4.42
N CYS A 42 -32.11 -13.90 -5.18
CA CYS A 42 -32.07 -14.99 -6.14
C CYS A 42 -32.02 -16.33 -5.42
N ASN A 43 -32.64 -17.34 -6.03
CA ASN A 43 -32.66 -18.68 -5.46
C ASN A 43 -31.67 -19.63 -6.12
N ASN A 44 -30.76 -19.11 -6.94
CA ASN A 44 -29.71 -19.94 -7.52
C ASN A 44 -28.36 -19.28 -7.34
N PRO A 45 -27.32 -20.06 -7.06
CA PRO A 45 -27.29 -21.50 -6.88
C PRO A 45 -27.49 -21.94 -5.43
N HIS A 46 -27.62 -20.98 -4.50
CA HIS A 46 -27.82 -21.34 -3.10
C HIS A 46 -29.27 -21.75 -2.86
N ARG A 47 -29.47 -22.50 -1.79
CA ARG A 47 -30.79 -22.99 -1.41
C ARG A 47 -31.37 -22.06 -0.36
N ILE A 48 -32.27 -21.18 -0.78
CA ILE A 48 -32.85 -20.18 0.10
C ILE A 48 -34.18 -20.73 0.63
N LEU A 49 -34.35 -20.69 1.94
CA LEU A 49 -35.53 -21.23 2.60
C LEU A 49 -36.19 -20.09 3.38
N ASP A 50 -37.27 -19.55 2.84
CA ASP A 50 -37.94 -18.43 3.48
C ASP A 50 -38.64 -18.93 4.76
N GLY A 51 -38.41 -18.22 5.85
CA GLY A 51 -39.00 -18.60 7.12
C GLY A 51 -40.41 -18.09 7.34
N ARG A 52 -40.91 -17.24 6.45
CA ARG A 52 -42.24 -16.65 6.57
C ARG A 52 -42.44 -16.01 7.93
N ASP A 53 -43.29 -16.60 8.76
CA ASP A 53 -43.57 -16.10 10.10
C ASP A 53 -42.96 -16.97 11.19
N CYS A 54 -41.97 -17.78 10.85
CA CYS A 54 -41.36 -18.72 11.79
C CYS A 54 -39.89 -18.38 11.98
N THR A 55 -39.45 -18.34 13.23
CA THR A 55 -38.04 -18.21 13.54
C THR A 55 -37.36 -19.58 13.48
N LEU A 56 -36.03 -19.57 13.51
CA LEU A 56 -35.29 -20.82 13.42
C LEU A 56 -35.56 -21.70 14.64
N ILE A 57 -35.60 -21.10 15.83
CA ILE A 57 -35.85 -21.88 17.04
C ILE A 57 -37.29 -22.39 17.05
N ASP A 58 -38.23 -21.58 16.57
CA ASP A 58 -39.63 -22.01 16.53
C ASP A 58 -39.80 -23.20 15.61
N ALA A 59 -39.15 -23.19 14.45
CA ALA A 59 -39.20 -24.35 13.56
C ALA A 59 -38.40 -25.52 14.12
N LEU A 60 -37.38 -25.22 14.93
CA LEU A 60 -36.63 -26.27 15.62
C LEU A 60 -37.53 -27.06 16.56
N LEU A 61 -38.24 -26.35 17.44
CA LEU A 61 -38.99 -27.01 18.50
C LEU A 61 -40.26 -27.67 17.96
N GLY A 62 -40.85 -27.10 16.92
CA GLY A 62 -42.07 -27.66 16.38
C GLY A 62 -43.32 -26.88 16.75
N ASP A 63 -43.24 -25.57 16.64
CA ASP A 63 -44.42 -24.73 16.83
C ASP A 63 -45.48 -25.13 15.81
N PRO A 64 -46.75 -25.28 16.22
CA PRO A 64 -47.78 -25.71 15.27
C PRO A 64 -47.85 -24.91 13.98
N HIS A 65 -47.69 -23.60 14.04
CA HIS A 65 -47.70 -22.81 12.82
C HIS A 65 -46.39 -22.92 12.05
N CYS A 66 -45.50 -23.83 12.46
CA CYS A 66 -44.25 -24.09 11.77
C CYS A 66 -44.10 -25.57 11.46
N ASP A 67 -45.21 -26.25 11.18
CA ASP A 67 -45.18 -27.68 10.91
C ASP A 67 -44.79 -28.01 9.48
N VAL A 68 -44.61 -27.01 8.62
CA VAL A 68 -44.18 -27.26 7.26
C VAL A 68 -42.66 -27.29 7.12
N PHE A 69 -41.93 -26.97 8.18
CA PHE A 69 -40.48 -26.91 8.14
C PHE A 69 -39.82 -28.19 8.61
N GLN A 70 -40.57 -29.28 8.74
CA GLN A 70 -40.01 -30.53 9.24
C GLN A 70 -39.01 -31.10 8.25
N ASP A 71 -37.83 -31.48 8.77
CA ASP A 71 -36.79 -32.16 8.00
C ASP A 71 -36.44 -31.41 6.73
N GLU A 72 -36.19 -30.11 6.88
CA GLU A 72 -35.82 -29.26 5.76
C GLU A 72 -34.32 -28.98 5.76
N THR A 73 -33.83 -28.55 4.62
CA THR A 73 -32.43 -28.20 4.43
C THR A 73 -32.36 -26.79 3.88
N TRP A 74 -31.22 -26.14 4.09
CA TRP A 74 -31.05 -24.80 3.56
C TRP A 74 -29.57 -24.49 3.43
N ASP A 75 -29.27 -23.56 2.52
CA ASP A 75 -27.98 -22.89 2.47
C ASP A 75 -28.04 -21.51 3.09
N LEU A 76 -29.21 -20.90 3.13
CA LEU A 76 -29.41 -19.62 3.81
C LEU A 76 -30.86 -19.57 4.28
N TYR A 77 -31.04 -19.43 5.59
CA TYR A 77 -32.37 -19.31 6.19
C TYR A 77 -32.70 -17.83 6.32
N VAL A 78 -33.83 -17.41 5.73
CA VAL A 78 -34.23 -16.01 5.74
C VAL A 78 -35.27 -15.82 6.83
N GLU A 79 -34.93 -15.01 7.82
CA GLU A 79 -35.82 -14.70 8.93
C GLU A 79 -36.51 -13.37 8.68
N ARG A 80 -37.82 -13.35 8.80
CA ARG A 80 -38.61 -12.16 8.54
C ARG A 80 -38.96 -11.44 9.84
N SER A 81 -39.08 -10.12 9.75
CA SER A 81 -39.41 -9.31 10.92
C SER A 81 -40.84 -9.50 11.39
N SER A 82 -41.67 -10.19 10.62
CA SER A 82 -43.06 -10.45 10.99
C SER A 82 -43.25 -11.80 11.66
N ALA A 83 -42.17 -12.48 12.00
CA ALA A 83 -42.27 -13.79 12.65
C ALA A 83 -42.77 -13.64 14.08
N PHE A 84 -43.53 -14.63 14.53
CA PHE A 84 -44.10 -14.63 15.87
C PHE A 84 -44.22 -16.06 16.36
N SER A 85 -44.34 -16.22 17.67
CA SER A 85 -44.49 -17.52 18.31
C SER A 85 -45.90 -17.69 18.82
N ASN A 86 -46.45 -18.89 18.64
CA ASN A 86 -47.84 -19.20 18.98
C ASN A 86 -47.91 -20.52 19.74
N CYS A 87 -47.09 -20.65 20.77
CA CYS A 87 -47.07 -21.84 21.61
C CYS A 87 -46.76 -21.40 23.03
N TYR A 88 -46.36 -22.36 23.86
CA TYR A 88 -46.05 -22.05 25.25
C TYR A 88 -44.92 -21.05 25.33
N PRO A 89 -45.03 -20.02 26.18
CA PRO A 89 -43.94 -19.03 26.29
C PRO A 89 -42.68 -19.68 26.81
N TYR A 90 -41.58 -19.46 26.10
CA TYR A 90 -40.33 -20.13 26.37
C TYR A 90 -39.19 -19.13 26.31
N ASP A 91 -38.09 -19.50 26.99
CA ASP A 91 -36.85 -18.74 26.91
C ASP A 91 -35.69 -19.70 26.68
N VAL A 92 -34.71 -19.22 25.94
CA VAL A 92 -33.50 -19.99 25.63
C VAL A 92 -32.30 -19.23 26.17
N PRO A 93 -31.76 -19.64 27.31
CA PRO A 93 -30.44 -19.15 27.71
C PRO A 93 -29.42 -19.51 26.64
N ASP A 94 -28.53 -18.56 26.34
CA ASP A 94 -27.61 -18.68 25.22
C ASP A 94 -28.38 -18.90 23.91
N TYR A 95 -29.35 -18.03 23.66
CA TYR A 95 -30.21 -18.15 22.49
C TYR A 95 -29.40 -17.98 21.20
N ALA A 96 -28.50 -17.00 21.18
CA ALA A 96 -27.72 -16.75 19.97
C ALA A 96 -26.83 -17.95 19.64
N SER A 97 -26.29 -18.61 20.65
CA SER A 97 -25.45 -19.78 20.43
C SER A 97 -26.24 -20.89 19.75
N LEU A 98 -27.45 -21.18 20.24
CA LEU A 98 -28.26 -22.21 19.62
C LEU A 98 -28.67 -21.83 18.21
N ARG A 99 -29.06 -20.56 18.02
CA ARG A 99 -29.43 -20.08 16.70
C ARG A 99 -28.29 -20.29 15.71
N SER A 100 -27.08 -19.88 16.10
CA SER A 100 -25.92 -20.04 15.22
C SER A 100 -25.59 -21.51 14.98
N LEU A 101 -25.66 -22.33 16.03
CA LEU A 101 -25.35 -23.75 15.90
C LEU A 101 -26.27 -24.42 14.89
N VAL A 102 -27.57 -24.22 15.05
CA VAL A 102 -28.52 -24.85 14.15
C VAL A 102 -28.44 -24.25 12.75
N ALA A 103 -28.21 -22.94 12.66
CA ALA A 103 -28.09 -22.30 11.36
C ALA A 103 -26.90 -22.84 10.58
N SER A 104 -25.78 -23.06 11.25
CA SER A 104 -24.62 -23.66 10.58
C SER A 104 -24.81 -25.15 10.35
N SER A 105 -25.68 -25.80 11.10
CA SER A 105 -25.98 -27.21 10.84
C SER A 105 -26.62 -27.37 9.46
N GLY A 106 -27.59 -26.54 9.13
CA GLY A 106 -28.22 -26.56 7.84
C GLY A 106 -29.33 -27.58 7.64
N THR A 107 -29.68 -28.35 8.67
CA THR A 107 -30.69 -29.39 8.54
C THR A 107 -31.54 -29.45 9.80
N LEU A 108 -32.85 -29.36 9.63
CA LEU A 108 -33.79 -29.64 10.72
C LEU A 108 -34.24 -31.08 10.69
N GLU A 109 -33.30 -32.01 10.59
CA GLU A 109 -33.60 -33.42 10.40
C GLU A 109 -33.73 -34.08 11.77
N PHE A 110 -34.94 -34.56 12.07
CA PHE A 110 -35.26 -35.18 13.35
C PHE A 110 -35.45 -36.67 13.15
N ILE A 111 -34.82 -37.47 14.00
CA ILE A 111 -35.03 -38.91 14.04
C ILE A 111 -35.48 -39.30 15.43
N THR A 112 -36.70 -39.80 15.53
CA THR A 112 -37.30 -40.16 16.82
C THR A 112 -36.61 -41.38 17.40
N GLU A 113 -36.38 -41.36 18.71
CA GLU A 113 -35.74 -42.46 19.40
C GLU A 113 -36.69 -43.04 20.43
N GLY A 114 -36.49 -44.31 20.75
CA GLY A 114 -37.37 -45.00 21.68
C GLY A 114 -37.06 -44.71 23.13
N PHE A 115 -37.36 -43.50 23.57
CA PHE A 115 -37.18 -43.15 24.97
C PHE A 115 -38.29 -43.79 25.80
N THR A 116 -37.92 -44.46 26.88
CA THR A 116 -38.87 -45.10 27.77
C THR A 116 -38.98 -44.28 29.06
N TRP A 117 -40.18 -43.78 29.34
CA TRP A 117 -40.45 -43.00 30.53
C TRP A 117 -41.48 -43.75 31.36
N THR A 118 -41.02 -44.48 32.38
CA THR A 118 -41.89 -45.30 33.20
C THR A 118 -42.45 -44.49 34.36
N GLY A 119 -43.74 -44.63 34.60
CA GLY A 119 -44.38 -43.98 35.73
C GLY A 119 -44.83 -42.56 35.50
N VAL A 120 -44.80 -42.07 34.26
CA VAL A 120 -45.21 -40.70 33.97
C VAL A 120 -46.19 -40.72 32.80
N THR A 121 -46.96 -39.64 32.70
CA THR A 121 -47.90 -39.44 31.60
C THR A 121 -47.24 -38.57 30.54
N GLN A 122 -47.27 -39.03 29.29
CA GLN A 122 -46.58 -38.38 28.19
C GLN A 122 -47.54 -37.53 27.38
N ASN A 123 -46.99 -36.85 26.38
CA ASN A 123 -47.76 -36.08 25.41
C ASN A 123 -48.63 -35.02 26.08
N GLY A 124 -48.09 -34.39 27.12
CA GLY A 124 -48.78 -33.29 27.75
C GLY A 124 -48.85 -32.07 26.85
N GLY A 125 -49.85 -31.24 27.10
CA GLY A 125 -50.07 -30.05 26.30
C GLY A 125 -50.61 -28.92 27.13
N SER A 126 -50.89 -27.80 26.45
CA SER A 126 -51.43 -26.63 27.11
C SER A 126 -52.33 -25.90 26.12
N ASN A 127 -53.21 -25.06 26.66
CA ASN A 127 -54.14 -24.30 25.83
C ASN A 127 -53.45 -23.17 25.08
N ALA A 128 -52.19 -22.86 25.40
CA ALA A 128 -51.46 -21.81 24.69
C ALA A 128 -50.91 -22.29 23.36
N CYS A 129 -51.05 -23.57 23.05
CA CYS A 129 -50.45 -24.19 21.87
C CYS A 129 -51.49 -25.01 21.12
N LYS A 130 -52.64 -24.41 20.85
CA LYS A 130 -53.71 -25.10 20.14
C LYS A 130 -53.26 -25.59 18.77
N ARG A 131 -53.12 -26.91 18.61
CA ARG A 131 -52.84 -27.52 17.32
C ARG A 131 -54.18 -27.90 16.72
N GLY A 132 -54.84 -26.94 16.07
CA GLY A 132 -56.20 -27.10 15.65
C GLY A 132 -57.15 -26.72 16.76
N PRO A 133 -58.09 -27.60 17.08
CA PRO A 133 -59.03 -27.33 18.16
C PRO A 133 -58.63 -27.89 19.52
N ALA A 134 -57.58 -28.70 19.58
CA ALA A 134 -57.16 -29.34 20.83
C ALA A 134 -56.06 -28.52 21.48
N SER A 135 -55.46 -29.05 22.54
CA SER A 135 -54.37 -28.41 23.27
C SER A 135 -53.09 -29.18 22.98
N GLY A 136 -52.28 -28.64 22.08
CA GLY A 136 -51.06 -29.28 21.65
C GLY A 136 -49.83 -28.77 22.36
N PHE A 137 -48.69 -28.91 21.72
CA PHE A 137 -47.39 -28.58 22.28
C PHE A 137 -46.38 -28.58 21.13
N PHE A 138 -45.11 -28.41 21.46
CA PHE A 138 -44.05 -28.53 20.47
C PHE A 138 -43.99 -29.96 19.94
N SER A 139 -43.67 -30.10 18.66
CA SER A 139 -43.65 -31.42 18.04
C SER A 139 -42.45 -32.23 18.51
N ARG A 140 -41.31 -31.59 18.72
CA ARG A 140 -40.07 -32.28 19.04
C ARG A 140 -39.78 -32.33 20.53
N LEU A 141 -40.73 -31.92 21.37
CA LEU A 141 -40.57 -31.97 22.81
C LEU A 141 -41.74 -32.73 23.42
N ASN A 142 -41.47 -33.37 24.55
CA ASN A 142 -42.45 -34.22 25.23
C ASN A 142 -42.62 -33.70 26.65
N TRP A 143 -43.86 -33.41 27.03
CA TRP A 143 -44.17 -32.88 28.36
C TRP A 143 -44.58 -34.02 29.27
N LEU A 144 -43.66 -34.44 30.14
CA LEU A 144 -43.94 -35.50 31.07
C LEU A 144 -44.67 -34.94 32.30
N THR A 145 -45.69 -35.67 32.75
CA THR A 145 -46.54 -35.25 33.85
C THR A 145 -46.80 -36.45 34.74
N LYS A 146 -47.03 -36.19 36.03
CA LYS A 146 -47.30 -37.24 36.99
C LYS A 146 -48.41 -38.16 36.50
N SER A 147 -48.27 -39.45 36.82
CA SER A 147 -49.26 -40.46 36.50
C SER A 147 -49.86 -40.95 37.81
N GLY A 148 -51.16 -40.75 37.98
CA GLY A 148 -51.79 -41.08 39.23
C GLY A 148 -51.45 -40.07 40.31
N SER A 149 -50.62 -40.48 41.27
CA SER A 149 -50.22 -39.59 42.35
C SER A 149 -48.73 -39.75 42.68
N ALA A 150 -47.91 -40.08 41.68
CA ALA A 150 -46.49 -40.26 41.90
C ALA A 150 -45.73 -39.89 40.65
N TYR A 151 -44.59 -39.21 40.85
CA TYR A 151 -43.68 -38.87 39.77
C TYR A 151 -42.33 -39.51 40.07
N PRO A 152 -42.04 -40.69 39.52
CA PRO A 152 -40.79 -41.38 39.86
C PRO A 152 -39.58 -40.65 39.33
N VAL A 153 -38.45 -40.89 39.99
CA VAL A 153 -37.17 -40.39 39.50
C VAL A 153 -36.85 -41.08 38.18
N LEU A 154 -36.64 -40.30 37.13
CA LEU A 154 -36.38 -40.83 35.80
C LEU A 154 -34.87 -40.97 35.61
N ASN A 155 -34.45 -42.13 35.12
CA ASN A 155 -33.05 -42.41 34.85
C ASN A 155 -32.98 -43.17 33.52
N VAL A 156 -32.84 -42.44 32.43
CA VAL A 156 -32.79 -43.05 31.11
C VAL A 156 -31.43 -42.80 30.48
N THR A 157 -31.05 -43.67 29.56
CA THR A 157 -29.78 -43.59 28.86
C THR A 157 -29.99 -43.83 27.38
N MET A 158 -29.12 -43.24 26.58
CA MET A 158 -29.19 -43.45 25.14
C MET A 158 -27.82 -43.23 24.53
N PRO A 159 -27.11 -44.29 24.18
CA PRO A 159 -25.70 -44.18 23.76
C PRO A 159 -25.57 -43.80 22.29
N ASN A 160 -24.32 -43.65 21.88
CA ASN A 160 -23.98 -43.29 20.50
C ASN A 160 -23.33 -44.48 19.81
N ASN A 161 -24.14 -45.27 19.12
CA ASN A 161 -23.65 -46.36 18.31
C ASN A 161 -23.46 -45.97 16.85
N ASP A 162 -23.79 -44.73 16.48
CA ASP A 162 -23.60 -44.24 15.13
C ASP A 162 -22.24 -43.57 15.01
N ASN A 163 -22.01 -42.86 13.91
CA ASN A 163 -20.72 -42.22 13.65
C ASN A 163 -20.91 -40.75 13.32
N PHE A 164 -21.81 -40.08 14.04
CA PHE A 164 -22.03 -38.66 13.83
C PHE A 164 -22.57 -38.04 15.12
N ASP A 165 -22.48 -36.72 15.20
CA ASP A 165 -22.95 -35.99 16.37
C ASP A 165 -24.47 -35.90 16.37
N LYS A 166 -25.05 -35.98 17.56
CA LYS A 166 -26.48 -35.74 17.74
C LYS A 166 -26.69 -34.48 18.56
N LEU A 167 -27.86 -33.87 18.38
CA LEU A 167 -28.24 -32.67 19.11
C LEU A 167 -29.56 -32.91 19.80
N TYR A 168 -29.54 -32.98 21.12
CA TYR A 168 -30.73 -33.19 21.92
C TYR A 168 -31.18 -31.85 22.49
N VAL A 169 -32.42 -31.46 22.19
CA VAL A 169 -33.00 -30.25 22.73
C VAL A 169 -34.07 -30.65 23.73
N TRP A 170 -33.87 -30.25 24.98
CA TRP A 170 -34.78 -30.56 26.07
C TRP A 170 -35.17 -29.26 26.75
N GLY A 171 -35.93 -29.37 27.84
CA GLY A 171 -36.41 -28.18 28.50
C GLY A 171 -36.77 -28.44 29.95
N VAL A 172 -36.83 -27.35 30.71
CA VAL A 172 -37.24 -27.37 32.10
C VAL A 172 -38.42 -26.42 32.25
N HIS A 173 -39.50 -26.90 32.85
CA HIS A 173 -40.71 -26.11 33.02
C HIS A 173 -40.64 -25.34 34.33
N HIS A 174 -40.80 -24.03 34.25
CA HIS A 174 -40.89 -23.20 35.44
C HIS A 174 -42.35 -22.90 35.72
N PRO A 175 -42.95 -23.46 36.76
CA PRO A 175 -44.37 -23.24 37.01
C PRO A 175 -44.65 -21.84 37.53
N SER A 176 -45.88 -21.40 37.34
CA SER A 176 -46.30 -20.10 37.85
C SER A 176 -46.44 -20.12 39.36
N THR A 177 -47.03 -21.16 39.91
CA THR A 177 -47.28 -21.26 41.34
C THR A 177 -46.80 -22.62 41.86
N ASN A 178 -46.70 -22.72 43.19
CA ASN A 178 -46.39 -24.00 43.82
C ASN A 178 -47.52 -25.01 43.65
N GLN A 179 -48.77 -24.52 43.63
CA GLN A 179 -49.91 -25.41 43.45
C GLN A 179 -49.84 -26.13 42.10
N GLU A 180 -49.49 -25.40 41.04
CA GLU A 180 -49.33 -26.03 39.73
C GLU A 180 -48.20 -27.05 39.74
N GLN A 181 -47.11 -26.72 40.45
CA GLN A 181 -45.97 -27.63 40.53
C GLN A 181 -46.38 -28.95 41.17
N THR A 182 -47.12 -28.89 42.29
CA THR A 182 -47.53 -30.13 42.93
C THR A 182 -48.65 -30.83 42.18
N SER A 183 -49.49 -30.08 41.46
CA SER A 183 -50.58 -30.69 40.71
C SER A 183 -50.13 -31.34 39.41
N LEU A 184 -48.94 -31.02 38.91
CA LEU A 184 -48.42 -31.71 37.74
C LEU A 184 -47.16 -32.52 38.00
N TYR A 185 -46.57 -32.45 39.20
CA TYR A 185 -45.25 -32.99 39.38
C TYR A 185 -45.03 -33.65 40.74
N VAL A 186 -46.06 -33.75 41.58
CA VAL A 186 -45.99 -34.36 42.91
C VAL A 186 -44.99 -33.63 43.80
N GLN A 187 -43.71 -33.70 43.44
CA GLN A 187 -42.66 -33.15 44.28
C GLN A 187 -42.78 -31.64 44.41
N ALA A 188 -42.31 -31.12 45.55
CA ALA A 188 -42.36 -29.70 45.80
C ALA A 188 -41.28 -28.94 45.02
N SER A 189 -40.12 -29.54 44.81
CA SER A 189 -39.04 -28.91 44.07
C SER A 189 -38.42 -29.94 43.13
N GLY A 190 -38.53 -29.67 41.82
CA GLY A 190 -38.00 -30.56 40.82
C GLY A 190 -36.52 -30.31 40.55
N ARG A 191 -36.01 -31.05 39.58
CA ARG A 191 -34.61 -30.97 39.19
C ARG A 191 -34.42 -31.77 37.92
N VAL A 192 -33.63 -31.24 36.99
CA VAL A 192 -33.30 -31.93 35.76
C VAL A 192 -31.80 -31.85 35.56
N THR A 193 -31.16 -33.00 35.37
CA THR A 193 -29.76 -33.07 34.99
C THR A 193 -29.63 -33.92 33.73
N VAL A 194 -28.87 -33.41 32.76
CA VAL A 194 -28.60 -34.09 31.50
C VAL A 194 -27.10 -34.08 31.30
N SER A 195 -26.49 -35.25 31.28
CA SER A 195 -25.04 -35.35 31.32
C SER A 195 -24.53 -36.35 30.30
N THR A 196 -23.30 -36.10 29.84
CA THR A 196 -22.53 -37.02 29.02
C THR A 196 -21.26 -37.39 29.80
N ARG A 197 -20.34 -38.07 29.12
CA ARG A 197 -19.13 -38.54 29.79
C ARG A 197 -18.13 -37.42 30.08
N ARG A 198 -18.32 -36.23 29.51
CA ARG A 198 -17.40 -35.13 29.73
C ARG A 198 -18.06 -33.84 30.17
N SER A 199 -19.39 -33.74 30.13
CA SER A 199 -20.06 -32.50 30.50
C SER A 199 -21.37 -32.82 31.18
N GLN A 200 -21.87 -31.85 31.94
CA GLN A 200 -23.15 -32.01 32.61
C GLN A 200 -23.85 -30.66 32.67
N GLN A 201 -25.18 -30.70 32.69
CA GLN A 201 -26.00 -29.52 32.90
C GLN A 201 -27.10 -29.88 33.88
N THR A 202 -27.12 -29.21 35.03
CA THR A 202 -28.14 -29.42 36.05
C THR A 202 -28.92 -28.13 36.23
N ILE A 203 -30.24 -28.21 36.05
CA ILE A 203 -31.14 -27.06 36.13
C ILE A 203 -32.11 -27.30 37.28
N ILE A 204 -32.19 -26.32 38.18
CA ILE A 204 -33.18 -26.32 39.26
C ILE A 204 -34.29 -25.36 38.86
N PRO A 205 -35.54 -25.82 38.78
CA PRO A 205 -36.62 -24.95 38.32
C PRO A 205 -37.00 -23.88 39.34
N ASN A 206 -37.59 -22.81 38.81
CA ASN A 206 -37.92 -21.60 39.55
C ASN A 206 -39.42 -21.39 39.52
N ILE A 207 -40.01 -21.10 40.68
CA ILE A 207 -41.46 -20.90 40.79
C ILE A 207 -41.74 -19.43 41.02
N GLY A 208 -42.61 -18.86 40.20
CA GLY A 208 -42.95 -17.46 40.31
C GLY A 208 -43.90 -17.08 39.19
N SER A 209 -44.51 -15.92 39.35
CA SER A 209 -45.52 -15.43 38.42
C SER A 209 -44.84 -14.55 37.37
N ARG A 210 -44.60 -15.12 36.20
CA ARG A 210 -44.12 -14.35 35.07
C ARG A 210 -45.29 -13.66 34.37
N PRO A 211 -45.02 -12.67 33.52
CA PRO A 211 -46.11 -11.99 32.82
C PRO A 211 -46.96 -12.95 31.99
N TRP A 212 -48.25 -12.66 31.95
CA TRP A 212 -49.25 -13.42 31.21
C TRP A 212 -48.96 -13.38 29.71
N VAL A 213 -48.61 -14.53 29.14
CA VAL A 213 -48.35 -14.63 27.70
C VAL A 213 -49.15 -15.81 27.16
N ARG A 214 -50.04 -15.53 26.22
CA ARG A 214 -50.81 -16.55 25.50
C ARG A 214 -51.62 -17.44 26.45
N GLY A 215 -51.97 -16.91 27.61
CA GLY A 215 -52.78 -17.62 28.57
C GLY A 215 -52.04 -18.29 29.69
N GLN A 216 -50.71 -18.28 29.68
CA GLN A 216 -49.92 -18.98 30.67
C GLN A 216 -48.94 -18.03 31.33
N SER A 217 -48.82 -18.14 32.66
N SER A 217 -48.82 -18.13 32.66
CA SER A 217 -47.92 -17.33 33.44
CA SER A 217 -47.90 -17.32 33.44
C SER A 217 -46.59 -18.02 33.73
C SER A 217 -46.60 -18.02 33.74
N GLY A 218 -46.39 -19.24 33.24
N GLY A 218 -46.39 -19.24 33.23
CA GLY A 218 -45.15 -19.96 33.42
CA GLY A 218 -45.15 -19.96 33.42
C GLY A 218 -44.28 -19.93 32.18
C GLY A 218 -44.27 -19.93 32.18
N ARG A 219 -43.05 -20.43 32.34
CA ARG A 219 -42.06 -20.39 31.27
C ARG A 219 -41.46 -21.78 31.10
N ILE A 220 -40.93 -22.01 29.90
CA ILE A 220 -40.17 -23.22 29.59
C ILE A 220 -38.78 -22.78 29.15
N SER A 221 -37.75 -23.30 29.82
CA SER A 221 -36.37 -22.98 29.48
C SER A 221 -35.79 -24.08 28.61
N ILE A 222 -35.24 -23.70 27.47
CA ILE A 222 -34.79 -24.65 26.44
C ILE A 222 -33.28 -24.80 26.53
N TYR A 223 -32.81 -26.03 26.66
CA TYR A 223 -31.39 -26.35 26.73
C TYR A 223 -31.06 -27.39 25.67
N TRP A 224 -29.80 -27.45 25.29
CA TRP A 224 -29.34 -28.38 24.28
C TRP A 224 -28.10 -29.12 24.77
N THR A 225 -27.98 -30.37 24.33
CA THR A 225 -26.83 -31.21 24.62
C THR A 225 -26.35 -31.84 23.31
N ILE A 226 -25.04 -31.94 23.16
CA ILE A 226 -24.43 -32.52 21.97
C ILE A 226 -23.68 -33.77 22.38
N VAL A 227 -23.98 -34.89 21.71
CA VAL A 227 -23.41 -36.19 22.03
C VAL A 227 -22.52 -36.61 20.88
N LYS A 228 -21.25 -36.84 21.19
CA LYS A 228 -20.24 -37.27 20.23
C LYS A 228 -20.31 -38.77 20.01
N PRO A 229 -19.74 -39.28 18.93
CA PRO A 229 -19.64 -40.73 18.76
C PRO A 229 -18.90 -41.37 19.92
N GLY A 230 -19.46 -42.46 20.43
CA GLY A 230 -18.92 -43.16 21.57
C GLY A 230 -19.34 -42.63 22.92
N ASP A 231 -20.08 -41.52 22.96
CA ASP A 231 -20.54 -40.94 24.20
C ASP A 231 -21.90 -41.55 24.57
N VAL A 232 -22.54 -41.01 25.60
CA VAL A 232 -23.82 -41.52 26.06
C VAL A 232 -24.56 -40.41 26.80
N LEU A 233 -25.86 -40.27 26.51
CA LEU A 233 -26.69 -39.26 27.14
C LEU A 233 -27.49 -39.90 28.26
N VAL A 234 -27.37 -39.37 29.47
CA VAL A 234 -28.13 -39.84 30.62
C VAL A 234 -28.99 -38.69 31.13
N ILE A 235 -30.29 -38.91 31.23
CA ILE A 235 -31.24 -37.92 31.70
C ILE A 235 -31.79 -38.37 33.03
N ASN A 236 -31.54 -37.59 34.08
CA ASN A 236 -32.01 -37.89 35.42
C ASN A 236 -32.83 -36.71 35.91
N SER A 237 -34.09 -36.97 36.26
CA SER A 237 -35.03 -35.91 36.59
C SER A 237 -35.93 -36.35 37.74
N ASN A 238 -35.88 -35.60 38.83
CA ASN A 238 -36.83 -35.76 39.93
C ASN A 238 -38.14 -35.05 39.63
N GLY A 239 -38.15 -34.20 38.62
CA GLY A 239 -39.36 -33.51 38.21
C GLY A 239 -39.03 -32.37 37.27
N ASN A 240 -40.10 -31.81 36.68
CA ASN A 240 -40.04 -30.58 35.90
C ASN A 240 -39.21 -30.77 34.63
N LEU A 241 -39.51 -31.83 33.87
CA LEU A 241 -38.72 -32.20 32.70
C LEU A 241 -39.58 -32.11 31.45
N ILE A 242 -39.06 -31.46 30.41
CA ILE A 242 -39.66 -31.47 29.09
C ILE A 242 -38.80 -32.36 28.19
N ALA A 243 -39.18 -33.62 28.09
CA ALA A 243 -38.29 -34.64 27.54
C ALA A 243 -38.05 -34.43 26.05
N PRO A 244 -36.89 -34.83 25.55
CA PRO A 244 -36.67 -34.84 24.10
C PRO A 244 -37.21 -36.12 23.47
N ARG A 245 -37.74 -35.97 22.27
CA ARG A 245 -38.29 -37.09 21.51
C ARG A 245 -37.27 -37.74 20.59
N GLY A 246 -36.07 -37.17 20.46
CA GLY A 246 -35.09 -37.68 19.52
C GLY A 246 -33.90 -36.75 19.43
N TYR A 247 -33.30 -36.71 18.24
CA TYR A 247 -32.11 -35.92 18.04
C TYR A 247 -32.13 -35.32 16.64
N PHE A 248 -31.37 -34.25 16.48
CA PHE A 248 -31.18 -33.60 15.19
C PHE A 248 -29.80 -33.94 14.66
N LYS A 249 -29.75 -34.43 13.43
CA LYS A 249 -28.47 -34.68 12.80
C LYS A 249 -27.74 -33.37 12.60
N MET A 250 -26.45 -33.37 12.93
N MET A 250 -26.45 -33.37 12.93
CA MET A 250 -25.62 -32.17 12.88
CA MET A 250 -25.62 -32.17 12.86
C MET A 250 -24.60 -32.33 11.76
C MET A 250 -24.60 -32.33 11.76
N ARG A 251 -24.54 -31.36 10.86
CA ARG A 251 -23.63 -31.38 9.73
C ARG A 251 -22.82 -30.09 9.73
N THR A 252 -21.64 -30.16 9.13
CA THR A 252 -20.78 -29.01 8.94
C THR A 252 -20.71 -28.69 7.45
N GLY A 253 -21.00 -27.45 7.12
CA GLY A 253 -21.02 -27.04 5.72
C GLY A 253 -20.92 -25.55 5.57
N LYS A 254 -21.56 -25.04 4.52
CA LYS A 254 -21.50 -23.62 4.17
C LYS A 254 -22.79 -22.89 4.48
N SER A 255 -23.66 -23.45 5.31
CA SER A 255 -24.95 -22.85 5.58
C SER A 255 -24.81 -21.72 6.61
N SER A 256 -25.84 -20.88 6.67
CA SER A 256 -25.87 -19.75 7.58
C SER A 256 -27.31 -19.27 7.69
N ILE A 257 -27.50 -18.14 8.38
CA ILE A 257 -28.80 -17.54 8.60
C ILE A 257 -28.69 -16.05 8.29
N MET A 258 -29.83 -15.44 7.94
CA MET A 258 -29.86 -14.03 7.64
C MET A 258 -31.25 -13.48 7.91
N ARG A 259 -31.32 -12.22 8.31
CA ARG A 259 -32.57 -11.51 8.51
C ARG A 259 -32.76 -10.54 7.35
N SER A 260 -33.89 -10.66 6.66
CA SER A 260 -34.15 -9.82 5.51
C SER A 260 -35.64 -9.83 5.22
N ASP A 261 -36.16 -8.66 4.84
CA ASP A 261 -37.54 -8.53 4.40
C ASP A 261 -37.66 -8.53 2.89
N ALA A 262 -36.57 -8.77 2.17
CA ALA A 262 -36.60 -8.71 0.73
C ALA A 262 -37.36 -9.90 0.15
N PRO A 263 -38.12 -9.71 -0.92
CA PRO A 263 -38.78 -10.83 -1.58
C PRO A 263 -37.78 -11.71 -2.32
N ILE A 264 -38.29 -12.84 -2.81
CA ILE A 264 -37.48 -13.84 -3.50
C ILE A 264 -37.95 -13.91 -4.95
N ASP A 265 -37.00 -13.84 -5.88
CA ASP A 265 -37.30 -13.89 -7.30
C ASP A 265 -36.38 -14.90 -7.98
N THR A 266 -36.93 -15.56 -9.00
CA THR A 266 -36.20 -16.61 -9.72
C THR A 266 -35.10 -15.99 -10.56
N CYS A 267 -33.85 -16.14 -10.10
CA CYS A 267 -32.69 -15.61 -10.80
C CYS A 267 -31.45 -16.30 -10.26
N ILE A 268 -30.31 -15.94 -10.82
CA ILE A 268 -29.01 -16.49 -10.42
C ILE A 268 -28.16 -15.35 -9.89
N SER A 269 -27.72 -15.48 -8.63
CA SER A 269 -26.79 -14.54 -8.03
C SER A 269 -25.92 -15.27 -7.02
N GLU A 270 -24.70 -14.80 -6.86
CA GLU A 270 -23.74 -15.41 -5.97
C GLU A 270 -23.54 -14.66 -4.67
N CYS A 271 -24.18 -13.51 -4.50
CA CYS A 271 -24.06 -12.70 -3.29
C CYS A 271 -25.45 -12.34 -2.81
N ILE A 272 -25.71 -12.51 -1.51
CA ILE A 272 -27.00 -12.19 -0.92
C ILE A 272 -26.77 -11.25 0.26
N THR A 273 -27.50 -10.14 0.26
CA THR A 273 -27.52 -9.17 1.35
C THR A 273 -28.96 -8.94 1.75
N PRO A 274 -29.20 -8.44 2.96
CA PRO A 274 -30.58 -8.14 3.36
C PRO A 274 -31.28 -7.20 2.42
N ASN A 275 -30.56 -6.23 1.84
CA ASN A 275 -31.15 -5.36 0.84
C ASN A 275 -31.43 -6.08 -0.48
N GLY A 276 -30.95 -7.31 -0.64
CA GLY A 276 -31.14 -8.10 -1.83
C GLY A 276 -29.83 -8.64 -2.33
N SER A 277 -29.87 -9.26 -3.50
CA SER A 277 -28.68 -9.81 -4.12
C SER A 277 -28.00 -8.75 -4.99
N ILE A 278 -26.67 -8.76 -4.99
CA ILE A 278 -25.90 -7.77 -5.72
C ILE A 278 -24.93 -8.47 -6.67
N PRO A 279 -24.57 -7.84 -7.79
CA PRO A 279 -23.52 -8.39 -8.65
C PRO A 279 -22.17 -8.35 -7.95
N ASN A 280 -21.33 -9.32 -8.28
CA ASN A 280 -20.04 -9.51 -7.63
C ASN A 280 -18.86 -9.22 -8.55
N ASP A 281 -19.09 -8.53 -9.67
CA ASP A 281 -17.99 -8.19 -10.56
C ASP A 281 -17.01 -7.24 -9.89
N LYS A 282 -17.53 -6.23 -9.19
CA LYS A 282 -16.68 -5.25 -8.55
C LYS A 282 -16.04 -5.80 -7.28
N PRO A 283 -14.86 -5.31 -6.91
CA PRO A 283 -14.22 -5.81 -5.69
C PRO A 283 -14.84 -5.29 -4.40
N PHE A 284 -15.50 -4.15 -4.43
CA PHE A 284 -16.04 -3.52 -3.22
C PHE A 284 -17.51 -3.22 -3.39
N GLN A 285 -18.21 -3.13 -2.27
CA GLN A 285 -19.62 -2.77 -2.27
C GLN A 285 -19.92 -1.94 -1.03
N ASN A 286 -20.97 -1.13 -1.13
CA ASN A 286 -21.43 -0.27 -0.05
C ASN A 286 -22.94 -0.40 0.08
N VAL A 287 -23.42 -1.64 0.14
CA VAL A 287 -24.84 -1.93 0.24
C VAL A 287 -25.16 -2.35 1.66
N ASN A 288 -24.55 -3.43 2.12
CA ASN A 288 -24.74 -3.91 3.48
C ASN A 288 -23.49 -4.68 3.90
N LYS A 289 -23.13 -4.56 5.18
CA LYS A 289 -22.01 -5.31 5.72
C LYS A 289 -22.36 -6.77 6.00
N ILE A 290 -23.63 -7.13 5.92
CA ILE A 290 -24.07 -8.51 6.09
C ILE A 290 -24.15 -9.14 4.70
N THR A 291 -23.23 -10.05 4.41
CA THR A 291 -23.13 -10.67 3.10
C THR A 291 -23.03 -12.18 3.24
N TYR A 292 -23.55 -12.88 2.24
CA TYR A 292 -23.46 -14.33 2.16
C TYR A 292 -23.02 -14.72 0.76
N GLY A 293 -22.04 -15.62 0.67
CA GLY A 293 -21.53 -16.06 -0.62
C GLY A 293 -20.40 -15.19 -1.13
N ALA A 294 -20.07 -15.42 -2.40
CA ALA A 294 -18.97 -14.69 -3.05
C ALA A 294 -19.39 -13.24 -3.23
N CYS A 295 -18.93 -12.38 -2.34
CA CYS A 295 -19.39 -11.01 -2.27
C CYS A 295 -18.23 -10.04 -2.31
N PRO A 296 -18.44 -8.84 -2.83
CA PRO A 296 -17.43 -7.79 -2.69
C PRO A 296 -17.32 -7.34 -1.25
N LYS A 297 -16.14 -6.80 -0.91
CA LYS A 297 -15.88 -6.37 0.45
C LYS A 297 -16.62 -5.06 0.74
N TYR A 298 -16.97 -4.87 2.00
CA TYR A 298 -17.72 -3.69 2.40
C TYR A 298 -16.77 -2.53 2.68
N VAL A 299 -17.08 -1.38 2.10
CA VAL A 299 -16.30 -0.17 2.28
C VAL A 299 -17.24 0.97 2.63
N LYS A 300 -16.69 1.99 3.29
CA LYS A 300 -17.47 3.18 3.62
C LYS A 300 -17.59 4.14 2.46
N GLN A 301 -16.66 4.11 1.51
CA GLN A 301 -16.71 5.02 0.38
C GLN A 301 -17.87 4.67 -0.54
N SER A 302 -18.64 5.69 -0.93
CA SER A 302 -19.76 5.49 -1.84
C SER A 302 -19.27 5.25 -3.27
N THR A 303 -18.22 5.95 -3.68
CA THR A 303 -17.68 5.83 -5.02
C THR A 303 -16.17 5.72 -4.97
N LEU A 304 -15.61 4.96 -5.91
CA LEU A 304 -14.16 4.80 -6.05
C LEU A 304 -13.88 4.53 -7.52
N LYS A 305 -13.47 5.56 -8.25
CA LYS A 305 -13.27 5.46 -9.68
C LYS A 305 -11.84 5.00 -9.98
N LEU A 306 -11.71 4.04 -10.89
CA LEU A 306 -10.42 3.58 -11.37
C LEU A 306 -10.17 4.13 -12.76
N ALA A 307 -9.02 4.75 -12.95
CA ALA A 307 -8.69 5.36 -14.25
C ALA A 307 -8.40 4.26 -15.26
N THR A 308 -9.27 4.14 -16.26
CA THR A 308 -9.05 3.24 -17.38
C THR A 308 -8.63 3.98 -18.64
N GLY A 309 -8.35 5.27 -18.52
CA GLY A 309 -7.85 6.09 -19.60
C GLY A 309 -6.63 6.86 -19.13
N MET A 310 -6.46 8.04 -19.69
CA MET A 310 -5.32 8.88 -19.37
C MET A 310 -5.78 10.30 -19.07
N ARG A 311 -4.81 11.17 -18.78
CA ARG A 311 -5.13 12.54 -18.44
C ARG A 311 -5.82 13.23 -19.61
N ASN A 312 -6.90 13.96 -19.30
CA ASN A 312 -7.68 14.65 -20.30
C ASN A 312 -7.25 16.10 -20.36
N VAL A 313 -6.76 16.54 -21.52
CA VAL A 313 -6.40 17.92 -21.75
C VAL A 313 -7.24 18.43 -22.93
N PRO A 314 -8.43 18.97 -22.68
CA PRO A 314 -9.32 19.36 -23.77
C PRO A 314 -8.76 20.52 -24.58
N GLU A 315 -9.24 20.61 -25.82
CA GLU A 315 -8.83 21.65 -26.75
C GLU A 315 -9.54 22.96 -26.45
N LYS A 316 -8.96 24.05 -26.95
CA LYS A 316 -9.54 25.37 -26.81
C LYS A 316 -8.92 26.35 -27.81
N ALA B 1 29.26 32.10 -23.28
CA ALA B 1 28.27 32.06 -22.20
C ALA B 1 28.05 30.65 -21.70
N THR B 2 27.85 30.52 -20.39
CA THR B 2 27.59 29.23 -19.76
C THR B 2 26.39 29.32 -18.87
N LEU B 3 25.20 29.01 -19.42
CA LEU B 3 23.96 28.95 -18.66
C LEU B 3 23.87 27.58 -18.04
N CYS B 4 23.73 27.53 -16.71
CA CYS B 4 23.98 26.27 -16.05
C CYS B 4 23.00 26.05 -14.90
N LEU B 5 22.37 24.88 -14.87
CA LEU B 5 21.18 24.60 -14.06
C LEU B 5 21.55 23.87 -12.78
N GLY B 6 20.63 23.90 -11.81
CA GLY B 6 20.83 23.24 -10.53
C GLY B 6 19.66 23.48 -9.61
N HIS B 7 19.78 22.93 -8.39
CA HIS B 7 18.75 23.05 -7.37
C HIS B 7 19.38 23.47 -6.05
N HIS B 8 18.53 23.75 -5.07
CA HIS B 8 18.98 24.28 -3.79
C HIS B 8 19.37 23.16 -2.83
N ALA B 9 19.89 23.57 -1.68
CA ALA B 9 20.33 22.65 -0.63
C ALA B 9 20.34 23.40 0.70
N VAL B 10 20.35 22.64 1.78
CA VAL B 10 20.37 23.22 3.13
C VAL B 10 21.57 22.65 3.88
N PRO B 11 22.13 23.38 4.84
CA PRO B 11 23.32 22.85 5.55
C PRO B 11 23.07 21.56 6.30
N ASN B 12 21.94 21.46 7.00
CA ASN B 12 21.64 20.27 7.78
C ASN B 12 20.16 19.94 7.59
N GLY B 13 19.89 18.79 6.97
CA GLY B 13 18.56 18.35 6.73
C GLY B 13 18.19 17.12 7.55
N THR B 14 16.94 16.71 7.40
CA THR B 14 16.42 15.56 8.12
C THR B 14 16.73 14.27 7.38
N ILE B 15 16.48 13.15 8.05
CA ILE B 15 16.64 11.83 7.47
C ILE B 15 15.29 11.15 7.46
N VAL B 16 14.83 10.75 6.27
CA VAL B 16 13.55 10.07 6.11
C VAL B 16 13.81 8.69 5.56
N LYS B 17 12.78 7.85 5.63
CA LYS B 17 12.84 6.46 5.20
C LYS B 17 12.06 6.29 3.91
N THR B 18 12.67 5.67 2.92
CA THR B 18 12.04 5.41 1.63
C THR B 18 11.89 3.90 1.42
N ILE B 19 11.40 3.54 0.24
CA ILE B 19 11.21 2.12 -0.09
C ILE B 19 12.56 1.43 -0.23
N THR B 20 13.54 2.10 -0.85
CA THR B 20 14.84 1.49 -1.06
C THR B 20 15.72 1.59 0.19
N ASP B 21 16.03 2.81 0.61
CA ASP B 21 16.96 3.04 1.70
C ASP B 21 16.24 3.64 2.90
N ASP B 22 16.71 3.27 4.08
CA ASP B 22 16.13 3.73 5.33
C ASP B 22 16.77 5.00 5.88
N GLN B 23 17.79 5.54 5.20
CA GLN B 23 18.43 6.80 5.59
C GLN B 23 18.72 7.60 4.32
N ILE B 24 17.80 8.50 3.95
CA ILE B 24 18.02 9.46 2.88
C ILE B 24 17.81 10.85 3.46
N GLU B 25 18.67 11.79 3.09
CA GLU B 25 18.58 13.15 3.61
C GLU B 25 17.66 13.99 2.74
N VAL B 26 16.82 14.79 3.38
CA VAL B 26 15.84 15.62 2.71
C VAL B 26 15.89 17.01 3.31
N THR B 27 15.65 18.03 2.50
CA THR B 27 15.74 19.41 2.98
C THR B 27 14.76 19.66 4.12
N ASN B 28 13.55 19.13 4.04
CA ASN B 28 12.53 19.39 5.03
C ASN B 28 11.59 18.19 5.14
N ALA B 29 11.24 17.83 6.38
CA ALA B 29 10.23 16.81 6.61
C ALA B 29 9.40 17.19 7.82
N THR B 30 8.21 16.60 7.91
CA THR B 30 7.26 16.87 8.98
C THR B 30 6.95 15.57 9.73
N GLU B 31 6.76 15.71 11.04
CA GLU B 31 6.40 14.56 11.85
C GLU B 31 4.94 14.18 11.65
N LEU B 32 4.67 12.88 11.62
CA LEU B 32 3.32 12.37 11.46
C LEU B 32 2.80 11.62 12.68
N VAL B 33 3.57 11.55 13.76
CA VAL B 33 3.16 10.86 14.97
C VAL B 33 3.17 11.85 16.12
N GLN B 34 2.06 11.93 16.84
CA GLN B 34 1.93 12.81 18.00
C GLN B 34 2.38 12.03 19.23
N SER B 35 3.56 12.37 19.76
CA SER B 35 4.16 11.64 20.87
C SER B 35 4.21 12.47 22.15
N SER B 36 3.43 13.54 22.25
CA SER B 36 3.44 14.41 23.41
C SER B 36 2.02 14.65 23.88
N SER B 37 1.87 14.79 25.21
CA SER B 37 0.59 15.07 25.82
C SER B 37 0.73 16.23 26.78
N THR B 38 -0.33 17.03 26.89
CA THR B 38 -0.33 18.17 27.80
C THR B 38 -0.57 17.78 29.25
N GLY B 39 -1.06 16.58 29.50
CA GLY B 39 -1.32 16.15 30.87
C GLY B 39 -2.63 16.62 31.45
N LYS B 40 -3.47 17.27 30.65
CA LYS B 40 -4.74 17.81 31.13
C LYS B 40 -5.82 17.46 30.14
N ILE B 41 -7.06 17.45 30.62
CA ILE B 41 -8.23 17.11 29.81
C ILE B 41 -9.03 18.38 29.59
N CYS B 42 -9.23 18.73 28.32
CA CYS B 42 -10.01 19.91 27.98
C CYS B 42 -11.49 19.64 28.20
N ASN B 43 -12.19 20.68 28.66
CA ASN B 43 -13.61 20.57 28.99
C ASN B 43 -14.51 20.97 27.83
N ASN B 44 -13.94 21.21 26.65
CA ASN B 44 -14.71 21.52 25.46
C ASN B 44 -14.16 20.73 24.29
N PRO B 45 -15.01 20.36 23.33
CA PRO B 45 -16.45 20.58 23.26
C PRO B 45 -17.25 19.49 23.94
N HIS B 46 -16.59 18.48 24.49
CA HIS B 46 -17.29 17.39 25.15
C HIS B 46 -17.63 17.75 26.59
N ARG B 47 -18.70 17.14 27.09
CA ARG B 47 -19.15 17.35 28.46
C ARG B 47 -18.45 16.31 29.32
N ILE B 48 -17.40 16.73 30.01
CA ILE B 48 -16.62 15.83 30.85
C ILE B 48 -17.14 15.90 32.27
N LEU B 49 -17.36 14.75 32.88
CA LEU B 49 -17.81 14.65 34.27
C LEU B 49 -16.73 13.92 35.05
N ASP B 50 -16.15 14.60 36.04
CA ASP B 50 -15.14 13.98 36.88
C ASP B 50 -15.79 13.05 37.90
N GLY B 51 -15.32 11.81 37.96
CA GLY B 51 -15.89 10.85 38.89
C GLY B 51 -15.45 11.01 40.32
N ARG B 52 -14.43 11.84 40.56
CA ARG B 52 -13.93 12.12 41.90
C ARG B 52 -13.56 10.84 42.63
N ASP B 53 -14.22 10.59 43.76
CA ASP B 53 -14.03 9.37 44.52
C ASP B 53 -15.16 8.37 44.28
N CYS B 54 -15.96 8.59 43.25
CA CYS B 54 -17.12 7.75 42.96
C CYS B 54 -16.90 7.00 41.66
N THR B 55 -17.12 5.68 41.70
CA THR B 55 -17.21 4.90 40.49
C THR B 55 -18.57 5.12 39.84
N LEU B 56 -18.68 4.73 38.57
CA LEU B 56 -19.93 4.91 37.85
C LEU B 56 -21.05 4.11 38.50
N ILE B 57 -20.76 2.88 38.90
CA ILE B 57 -21.78 2.03 39.50
C ILE B 57 -22.19 2.58 40.86
N ASP B 58 -21.23 3.14 41.61
CA ASP B 58 -21.55 3.71 42.91
C ASP B 58 -22.53 4.87 42.78
N ALA B 59 -22.31 5.73 41.79
CA ALA B 59 -23.25 6.82 41.53
C ALA B 59 -24.56 6.30 40.99
N LEU B 60 -24.53 5.19 40.25
CA LEU B 60 -25.75 4.58 39.77
C LEU B 60 -26.63 4.13 40.94
N LEU B 61 -26.04 3.45 41.92
CA LEU B 61 -26.82 2.89 43.01
C LEU B 61 -27.26 3.96 44.00
N GLY B 62 -26.47 4.99 44.20
CA GLY B 62 -26.82 6.03 45.15
C GLY B 62 -26.05 5.96 46.44
N ASP B 63 -24.73 5.77 46.34
CA ASP B 63 -23.87 5.84 47.51
C ASP B 63 -24.04 7.19 48.18
N PRO B 64 -24.18 7.23 49.51
CA PRO B 64 -24.36 8.52 50.19
C PRO B 64 -23.29 9.55 49.89
N HIS B 65 -22.05 9.11 49.66
CA HIS B 65 -20.99 10.04 49.27
C HIS B 65 -20.95 10.27 47.77
N CYS B 66 -21.88 9.69 47.01
CA CYS B 66 -22.08 10.00 45.60
C CYS B 66 -23.45 10.61 45.35
N ASP B 67 -23.98 11.32 46.34
CA ASP B 67 -25.27 11.99 46.21
C ASP B 67 -25.21 13.24 45.35
N VAL B 68 -24.02 13.66 44.95
CA VAL B 68 -23.90 14.81 44.05
C VAL B 68 -24.13 14.42 42.60
N PHE B 69 -23.82 13.18 42.21
CA PHE B 69 -23.93 12.73 40.84
C PHE B 69 -25.33 12.33 40.43
N GLN B 70 -26.34 12.66 41.24
CA GLN B 70 -27.71 12.32 40.91
C GLN B 70 -28.18 13.10 39.68
N ASP B 71 -28.87 12.41 38.78
CA ASP B 71 -29.48 13.01 37.59
C ASP B 71 -28.45 13.77 36.76
N GLU B 72 -27.26 13.18 36.64
CA GLU B 72 -26.17 13.78 35.89
C GLU B 72 -26.05 13.13 34.52
N THR B 73 -25.69 13.95 33.53
CA THR B 73 -25.44 13.50 32.18
C THR B 73 -24.00 13.85 31.82
N TRP B 74 -23.42 13.07 30.91
CA TRP B 74 -22.03 13.27 30.56
C TRP B 74 -21.81 12.83 29.12
N ASP B 75 -20.72 13.30 28.54
CA ASP B 75 -20.20 12.77 27.29
C ASP B 75 -19.01 11.86 27.50
N LEU B 76 -18.30 12.01 28.62
CA LEU B 76 -17.23 11.11 29.01
C LEU B 76 -17.13 11.12 30.52
N TYR B 77 -17.35 9.96 31.14
CA TYR B 77 -17.20 9.80 32.58
C TYR B 77 -15.76 9.42 32.89
N VAL B 78 -15.08 10.27 33.65
CA VAL B 78 -13.68 10.04 34.00
C VAL B 78 -13.63 9.43 35.39
N GLU B 79 -13.11 8.21 35.48
CA GLU B 79 -12.97 7.49 36.74
C GLU B 79 -11.56 7.64 37.26
N ARG B 80 -11.44 7.99 38.54
CA ARG B 80 -10.15 8.19 39.18
C ARG B 80 -9.72 6.92 39.90
N SER B 81 -8.40 6.76 40.04
CA SER B 81 -7.86 5.61 40.75
C SER B 81 -8.05 5.69 42.25
N SER B 82 -8.52 6.82 42.77
CA SER B 82 -8.72 7.01 44.20
C SER B 82 -10.16 6.79 44.63
N ALA B 83 -11.01 6.27 43.75
CA ALA B 83 -12.40 6.03 44.09
C ALA B 83 -12.54 4.88 45.08
N PHE B 84 -13.57 4.97 45.92
CA PHE B 84 -13.83 3.97 46.95
C PHE B 84 -15.31 3.91 47.24
N SER B 85 -15.72 2.84 47.91
CA SER B 85 -17.10 2.62 48.31
C SER B 85 -17.23 2.72 49.82
N ASN B 86 -18.29 3.36 50.29
CA ASN B 86 -18.56 3.54 51.71
C ASN B 86 -20.01 3.20 52.01
N CYS B 87 -20.44 2.03 51.53
CA CYS B 87 -21.80 1.55 51.76
C CYS B 87 -21.72 0.05 52.01
N TYR B 88 -22.88 -0.60 51.97
CA TYR B 88 -22.95 -2.03 52.16
C TYR B 88 -22.13 -2.75 51.09
N PRO B 89 -21.36 -3.76 51.46
CA PRO B 89 -20.59 -4.50 50.45
C PRO B 89 -21.50 -5.14 49.41
N TYR B 90 -21.11 -5.01 48.15
CA TYR B 90 -21.91 -5.50 47.04
C TYR B 90 -21.01 -6.04 45.95
N ASP B 91 -21.56 -6.95 45.17
CA ASP B 91 -20.91 -7.47 43.97
C ASP B 91 -21.89 -7.45 42.82
N VAL B 92 -21.36 -7.30 41.62
CA VAL B 92 -22.15 -7.24 40.39
C VAL B 92 -21.65 -8.32 39.44
N PRO B 93 -22.37 -9.42 39.31
CA PRO B 93 -22.13 -10.32 38.18
C PRO B 93 -22.33 -9.57 36.88
N ASP B 94 -21.42 -9.78 35.94
CA ASP B 94 -21.35 -8.99 34.71
C ASP B 94 -21.21 -7.50 35.02
N TYR B 95 -20.23 -7.18 35.87
CA TYR B 95 -19.98 -5.79 36.24
C TYR B 95 -19.56 -4.97 35.03
N ALA B 96 -18.72 -5.53 34.17
CA ALA B 96 -18.26 -4.81 32.99
C ALA B 96 -19.42 -4.49 32.05
N SER B 97 -20.37 -5.40 31.93
CA SER B 97 -21.51 -5.16 31.04
C SER B 97 -22.38 -4.02 31.54
N LEU B 98 -22.68 -4.01 32.85
CA LEU B 98 -23.47 -2.92 33.41
C LEU B 98 -22.73 -1.60 33.29
N ARG B 99 -21.43 -1.59 33.61
CA ARG B 99 -20.65 -0.37 33.48
C ARG B 99 -20.66 0.13 32.05
N SER B 100 -20.48 -0.77 31.08
CA SER B 100 -20.42 -0.37 29.68
C SER B 100 -21.76 0.20 29.22
N LEU B 101 -22.86 -0.46 29.55
CA LEU B 101 -24.15 0.01 29.05
C LEU B 101 -24.57 1.32 29.72
N VAL B 102 -24.26 1.48 31.01
CA VAL B 102 -24.60 2.72 31.69
C VAL B 102 -23.73 3.87 31.19
N ALA B 103 -22.45 3.60 30.94
CA ALA B 103 -21.57 4.62 30.39
C ALA B 103 -22.01 5.02 28.98
N SER B 104 -22.43 4.04 28.17
CA SER B 104 -22.93 4.35 26.83
C SER B 104 -24.23 5.15 26.87
N SER B 105 -25.09 4.88 27.86
CA SER B 105 -26.33 5.64 27.97
C SER B 105 -26.03 7.13 28.21
N GLY B 106 -25.07 7.41 29.09
CA GLY B 106 -24.61 8.77 29.31
C GLY B 106 -25.40 9.59 30.29
N THR B 107 -26.51 9.07 30.81
CA THR B 107 -27.35 9.81 31.75
C THR B 107 -27.69 8.93 32.94
N LEU B 108 -27.46 9.45 34.14
CA LEU B 108 -27.96 8.85 35.37
C LEU B 108 -29.28 9.46 35.80
N GLU B 109 -30.24 9.51 34.88
CA GLU B 109 -31.52 10.16 35.15
C GLU B 109 -32.50 9.11 35.67
N PHE B 110 -33.00 9.32 36.88
CA PHE B 110 -33.86 8.36 37.56
C PHE B 110 -35.23 8.99 37.77
N ILE B 111 -36.27 8.25 37.41
CA ILE B 111 -37.65 8.66 37.66
C ILE B 111 -38.30 7.64 38.57
N THR B 112 -38.75 8.10 39.73
CA THR B 112 -39.35 7.24 40.73
C THR B 112 -40.72 6.76 40.27
N GLU B 113 -41.00 5.48 40.51
CA GLU B 113 -42.27 4.88 40.15
C GLU B 113 -43.00 4.43 41.41
N GLY B 114 -44.32 4.38 41.33
CA GLY B 114 -45.14 4.04 42.48
C GLY B 114 -45.22 2.55 42.75
N PHE B 115 -44.11 1.96 43.22
CA PHE B 115 -44.12 0.57 43.61
C PHE B 115 -44.79 0.41 44.97
N THR B 116 -45.71 -0.55 45.05
CA THR B 116 -46.45 -0.82 46.27
C THR B 116 -46.01 -2.17 46.84
N TRP B 117 -45.49 -2.15 48.06
CA TRP B 117 -45.00 -3.35 48.73
C TRP B 117 -45.88 -3.61 49.94
N THR B 118 -46.65 -4.69 49.89
CA THR B 118 -47.65 -4.97 50.91
C THR B 118 -47.13 -6.04 51.88
N GLY B 119 -47.28 -5.77 53.17
CA GLY B 119 -46.88 -6.71 54.20
C GLY B 119 -45.43 -6.67 54.59
N VAL B 120 -44.65 -5.74 54.05
CA VAL B 120 -43.24 -5.63 54.36
C VAL B 120 -42.93 -4.18 54.72
N THR B 121 -41.85 -4.00 55.49
CA THR B 121 -41.39 -2.67 55.87
C THR B 121 -40.24 -2.27 54.96
N GLN B 122 -40.20 -0.99 54.62
CA GLN B 122 -39.28 -0.48 53.61
C GLN B 122 -38.17 0.33 54.24
N ASN B 123 -37.30 0.87 53.39
CA ASN B 123 -36.25 1.81 53.79
C ASN B 123 -35.32 1.22 54.84
N GLY B 124 -35.04 -0.07 54.72
CA GLY B 124 -34.05 -0.68 55.58
C GLY B 124 -32.65 -0.18 55.29
N GLY B 125 -31.81 -0.23 56.32
CA GLY B 125 -30.47 0.29 56.21
C GLY B 125 -29.49 -0.54 57.01
N SER B 126 -28.23 -0.11 56.98
CA SER B 126 -27.17 -0.83 57.68
C SER B 126 -26.16 0.19 58.21
N ASN B 127 -25.40 -0.25 59.22
CA ASN B 127 -24.35 0.58 59.79
C ASN B 127 -23.17 0.76 58.84
N ALA B 128 -23.08 -0.05 57.78
CA ALA B 128 -22.02 0.07 56.80
C ALA B 128 -22.26 1.22 55.83
N CYS B 129 -23.41 1.86 55.88
CA CYS B 129 -23.78 2.92 54.96
C CYS B 129 -24.33 4.12 55.71
N LYS B 130 -23.60 4.57 56.73
CA LYS B 130 -24.04 5.67 57.57
C LYS B 130 -24.24 6.95 56.76
N ARG B 131 -25.49 7.36 56.58
CA ARG B 131 -25.83 8.60 55.91
C ARG B 131 -25.90 9.70 56.96
N GLY B 132 -24.80 10.43 57.11
CA GLY B 132 -24.67 11.35 58.22
C GLY B 132 -24.54 10.60 59.52
N PRO B 133 -25.40 10.92 60.50
CA PRO B 133 -25.40 10.21 61.77
C PRO B 133 -26.33 9.01 61.82
N ALA B 134 -27.15 8.80 60.80
CA ALA B 134 -28.14 7.72 60.81
C ALA B 134 -27.59 6.51 60.05
N SER B 135 -28.37 5.44 59.97
CA SER B 135 -28.00 4.22 59.25
C SER B 135 -28.81 4.19 57.96
N GLY B 136 -28.13 4.41 56.84
CA GLY B 136 -28.76 4.54 55.55
C GLY B 136 -28.50 3.37 54.64
N PHE B 137 -28.73 3.61 53.35
CA PHE B 137 -28.63 2.60 52.30
C PHE B 137 -28.41 3.34 50.99
N PHE B 138 -28.35 2.61 49.88
CA PHE B 138 -28.25 3.26 48.59
C PHE B 138 -29.51 4.07 48.32
N SER B 139 -29.32 5.22 47.67
CA SER B 139 -30.45 6.12 47.44
C SER B 139 -31.47 5.51 46.48
N ARG B 140 -31.00 4.77 45.48
CA ARG B 140 -31.87 4.29 44.41
C ARG B 140 -32.19 2.80 44.56
N LEU B 141 -32.09 2.25 45.76
CA LEU B 141 -32.51 0.89 46.05
C LEU B 141 -33.34 0.90 47.32
N ASN B 142 -34.17 -0.14 47.49
CA ASN B 142 -35.08 -0.24 48.61
C ASN B 142 -34.89 -1.60 49.28
N TRP B 143 -34.66 -1.60 50.58
CA TRP B 143 -34.43 -2.82 51.34
C TRP B 143 -35.74 -3.22 52.03
N LEU B 144 -36.39 -4.25 51.49
CA LEU B 144 -37.63 -4.74 52.08
C LEU B 144 -37.32 -5.75 53.18
N THR B 145 -37.98 -5.59 54.32
CA THR B 145 -37.72 -6.38 55.50
C THR B 145 -39.07 -6.85 56.06
N LYS B 146 -39.05 -7.96 56.80
CA LYS B 146 -40.28 -8.52 57.34
C LYS B 146 -41.02 -7.50 58.19
N SER B 147 -42.35 -7.55 58.13
CA SER B 147 -43.21 -6.69 58.92
C SER B 147 -43.95 -7.55 59.94
N GLY B 148 -43.84 -7.19 61.21
CA GLY B 148 -44.43 -8.00 62.25
C GLY B 148 -43.72 -9.33 62.39
N SER B 149 -44.37 -10.41 61.95
CA SER B 149 -43.76 -11.74 62.00
C SER B 149 -44.03 -12.51 60.73
N ALA B 150 -44.12 -11.83 59.59
CA ALA B 150 -44.39 -12.50 58.33
C ALA B 150 -43.82 -11.69 57.18
N TYR B 151 -43.27 -12.39 56.18
CA TYR B 151 -42.82 -11.78 54.93
C TYR B 151 -43.66 -12.36 53.80
N PRO B 152 -44.71 -11.67 53.36
CA PRO B 152 -45.58 -12.23 52.33
C PRO B 152 -44.88 -12.33 50.98
N VAL B 153 -45.40 -13.22 50.15
CA VAL B 153 -44.89 -13.36 48.79
C VAL B 153 -45.29 -12.13 48.01
N LEU B 154 -44.28 -11.37 47.56
CA LEU B 154 -44.51 -10.13 46.85
C LEU B 154 -44.70 -10.44 45.37
N ASN B 155 -45.77 -9.91 44.79
CA ASN B 155 -46.04 -10.05 43.36
C ASN B 155 -46.50 -8.69 42.85
N VAL B 156 -45.56 -7.89 42.34
CA VAL B 156 -45.86 -6.57 41.85
C VAL B 156 -45.57 -6.50 40.36
N THR B 157 -46.32 -5.65 39.67
CA THR B 157 -46.19 -5.47 38.24
C THR B 157 -46.12 -3.98 37.92
N MET B 158 -45.40 -3.65 36.86
CA MET B 158 -45.32 -2.26 36.45
C MET B 158 -45.06 -2.16 34.95
N PRO B 159 -46.03 -1.72 34.17
CA PRO B 159 -45.91 -1.76 32.71
C PRO B 159 -45.14 -0.58 32.15
N ASN B 160 -44.77 -0.71 30.88
CA ASN B 160 -44.04 0.32 30.15
C ASN B 160 -44.96 0.86 29.06
N ASN B 161 -45.67 1.94 29.38
CA ASN B 161 -46.58 2.57 28.44
C ASN B 161 -45.94 3.71 27.67
N ASP B 162 -44.67 4.01 27.93
CA ASP B 162 -43.96 5.08 27.24
C ASP B 162 -43.34 4.54 25.96
N ASN B 163 -42.47 5.33 25.35
CA ASN B 163 -41.83 4.97 24.08
C ASN B 163 -40.33 5.07 24.19
N PHE B 164 -39.78 4.74 25.36
CA PHE B 164 -38.34 4.72 25.55
C PHE B 164 -37.99 3.59 26.51
N ASP B 165 -36.77 3.08 26.36
CA ASP B 165 -36.34 1.92 27.13
C ASP B 165 -36.18 2.27 28.60
N LYS B 166 -36.53 1.32 29.45
CA LYS B 166 -36.38 1.43 30.88
C LYS B 166 -35.22 0.57 31.35
N LEU B 167 -34.59 0.99 32.45
CA LEU B 167 -33.53 0.20 33.08
C LEU B 167 -33.84 0.11 34.56
N TYR B 168 -34.14 -1.09 35.03
CA TYR B 168 -34.40 -1.34 36.44
C TYR B 168 -33.19 -2.02 37.06
N VAL B 169 -32.69 -1.46 38.16
CA VAL B 169 -31.57 -2.03 38.89
C VAL B 169 -32.08 -2.50 40.24
N TRP B 170 -31.98 -3.80 40.49
CA TRP B 170 -32.43 -4.42 41.72
C TRP B 170 -31.29 -5.22 42.32
N GLY B 171 -31.58 -5.94 43.40
CA GLY B 171 -30.56 -6.66 44.11
C GLY B 171 -31.10 -7.82 44.90
N VAL B 172 -30.20 -8.70 45.29
CA VAL B 172 -30.50 -9.86 46.13
C VAL B 172 -29.55 -9.83 47.32
N HIS B 173 -30.08 -10.03 48.52
CA HIS B 173 -29.29 -9.98 49.73
C HIS B 173 -28.87 -11.39 50.13
N HIS B 174 -27.58 -11.59 50.35
CA HIS B 174 -27.07 -12.86 50.83
C HIS B 174 -26.69 -12.72 52.29
N PRO B 175 -27.46 -13.26 53.22
CA PRO B 175 -27.15 -13.09 54.64
C PRO B 175 -25.93 -13.91 55.06
N SER B 176 -25.31 -13.46 56.15
CA SER B 176 -24.11 -14.12 56.64
C SER B 176 -24.43 -15.44 57.32
N THR B 177 -25.50 -15.47 58.11
CA THR B 177 -25.87 -16.65 58.87
C THR B 177 -27.34 -16.94 58.66
N ASN B 178 -27.76 -18.14 59.05
CA ASN B 178 -29.17 -18.51 58.96
C ASN B 178 -30.02 -17.67 59.91
N GLN B 179 -29.48 -17.33 61.08
CA GLN B 179 -30.24 -16.55 62.04
C GLN B 179 -30.59 -15.17 61.47
N GLU B 180 -29.65 -14.55 60.75
CA GLU B 180 -29.93 -13.27 60.12
C GLU B 180 -31.03 -13.39 59.08
N GLN B 181 -31.00 -14.46 58.28
CA GLN B 181 -32.03 -14.65 57.27
C GLN B 181 -33.40 -14.82 57.91
N THR B 182 -33.49 -15.66 58.93
CA THR B 182 -34.79 -15.85 59.57
C THR B 182 -35.24 -14.61 60.33
N SER B 183 -34.29 -13.78 60.76
CA SER B 183 -34.63 -12.57 61.48
C SER B 183 -35.13 -11.46 60.58
N LEU B 184 -34.63 -11.36 59.35
CA LEU B 184 -35.10 -10.32 58.43
C LEU B 184 -36.17 -10.78 57.45
N TYR B 185 -36.32 -12.08 57.21
CA TYR B 185 -37.13 -12.54 56.10
C TYR B 185 -38.00 -13.75 56.44
N VAL B 186 -38.04 -14.18 57.70
CA VAL B 186 -38.90 -15.27 58.16
C VAL B 186 -38.56 -16.57 57.44
N GLN B 187 -38.74 -16.59 56.13
CA GLN B 187 -38.47 -17.80 55.36
C GLN B 187 -37.00 -18.18 55.43
N ALA B 188 -36.75 -19.49 55.52
CA ALA B 188 -35.38 -19.98 55.60
C ALA B 188 -34.66 -19.93 54.26
N SER B 189 -35.40 -20.01 53.16
CA SER B 189 -34.81 -19.94 51.83
C SER B 189 -35.64 -18.98 51.00
N GLY B 190 -35.05 -17.84 50.65
CA GLY B 190 -35.71 -16.86 49.81
C GLY B 190 -35.59 -17.19 48.34
N ARG B 191 -36.17 -16.30 47.53
CA ARG B 191 -36.15 -16.45 46.08
C ARG B 191 -36.64 -15.15 45.46
N VAL B 192 -35.94 -14.67 44.44
CA VAL B 192 -36.29 -13.45 43.75
C VAL B 192 -36.28 -13.71 42.25
N THR B 193 -37.41 -13.49 41.60
CA THR B 193 -37.50 -13.57 40.15
C THR B 193 -38.03 -12.27 39.58
N VAL B 194 -37.36 -11.75 38.57
CA VAL B 194 -37.80 -10.56 37.84
C VAL B 194 -37.86 -10.95 36.38
N SER B 195 -39.03 -10.81 35.77
CA SER B 195 -39.26 -11.32 34.44
C SER B 195 -40.03 -10.31 33.61
N THR B 196 -39.82 -10.37 32.30
CA THR B 196 -40.59 -9.64 31.32
C THR B 196 -41.26 -10.66 30.40
N ARG B 197 -41.94 -10.17 29.37
CA ARG B 197 -42.61 -11.06 28.43
C ARG B 197 -41.64 -11.86 27.57
N ARG B 198 -40.35 -11.51 27.56
CA ARG B 198 -39.38 -12.23 26.76
C ARG B 198 -38.18 -12.75 27.56
N SER B 199 -37.99 -12.34 28.80
CA SER B 199 -36.83 -12.76 29.56
C SER B 199 -37.23 -13.00 31.01
N GLN B 200 -36.37 -13.70 31.74
CA GLN B 200 -36.58 -13.94 33.16
C GLN B 200 -35.25 -14.19 33.85
N GLN B 201 -35.16 -13.76 35.10
CA GLN B 201 -34.00 -14.03 35.96
C GLN B 201 -34.51 -14.41 37.33
N THR B 202 -34.03 -15.54 37.85
CA THR B 202 -34.37 -15.98 39.19
C THR B 202 -33.08 -16.27 39.96
N ILE B 203 -32.89 -15.57 41.06
CA ILE B 203 -31.70 -15.69 41.89
C ILE B 203 -32.10 -16.35 43.20
N ILE B 204 -31.40 -17.41 43.55
CA ILE B 204 -31.58 -18.11 44.82
C ILE B 204 -30.48 -17.62 45.76
N PRO B 205 -30.82 -17.00 46.87
CA PRO B 205 -29.79 -16.46 47.77
C PRO B 205 -29.05 -17.58 48.49
N ASN B 206 -27.81 -17.26 48.87
CA ASN B 206 -26.92 -18.24 49.48
C ASN B 206 -26.34 -17.66 50.76
N ILE B 207 -26.37 -18.46 51.82
CA ILE B 207 -26.03 -18.00 53.17
C ILE B 207 -24.65 -18.51 53.52
N GLY B 208 -23.78 -17.60 53.94
CA GLY B 208 -22.42 -17.95 54.30
C GLY B 208 -21.67 -16.74 54.77
N SER B 209 -20.53 -16.99 55.42
CA SER B 209 -19.72 -15.94 56.03
C SER B 209 -18.71 -15.46 55.00
N ARG B 210 -18.94 -14.27 54.46
CA ARG B 210 -17.97 -13.62 53.61
C ARG B 210 -17.03 -12.74 54.43
N PRO B 211 -15.93 -12.31 53.83
CA PRO B 211 -15.01 -11.43 54.55
C PRO B 211 -15.70 -10.23 55.16
N TRP B 212 -15.31 -9.93 56.40
CA TRP B 212 -15.82 -8.77 57.13
C TRP B 212 -15.45 -7.49 56.40
N VAL B 213 -16.45 -6.80 55.85
CA VAL B 213 -16.23 -5.55 55.14
C VAL B 213 -17.19 -4.51 55.69
N ARG B 214 -16.63 -3.42 56.20
CA ARG B 214 -17.39 -2.29 56.75
C ARG B 214 -18.40 -2.76 57.80
N GLY B 215 -18.09 -3.83 58.52
CA GLY B 215 -18.93 -4.30 59.60
C GLY B 215 -19.95 -5.36 59.22
N GLN B 216 -20.06 -5.69 57.94
CA GLN B 216 -21.06 -6.66 57.51
C GLN B 216 -20.39 -7.81 56.78
N SER B 217 -20.79 -9.03 57.12
N SER B 217 -20.78 -9.04 57.13
CA SER B 217 -20.28 -10.23 56.47
CA SER B 217 -20.27 -10.23 56.48
C SER B 217 -21.17 -10.72 55.34
C SER B 217 -21.15 -10.72 55.34
N GLY B 218 -22.27 -10.02 55.06
N GLY B 218 -22.26 -10.02 55.05
CA GLY B 218 -23.13 -10.34 53.94
CA GLY B 218 -23.10 -10.35 53.94
C GLY B 218 -22.86 -9.43 52.75
C GLY B 218 -22.86 -9.44 52.75
N ARG B 219 -23.42 -9.84 51.61
CA ARG B 219 -23.24 -9.11 50.37
C ARG B 219 -24.57 -8.97 49.66
N ILE B 220 -24.62 -7.98 48.76
CA ILE B 220 -25.78 -7.71 47.93
C ILE B 220 -25.36 -7.89 46.48
N SER B 221 -26.03 -8.78 45.76
CA SER B 221 -25.76 -9.03 44.35
C SER B 221 -26.69 -8.18 43.49
N ILE B 222 -26.11 -7.33 42.65
CA ILE B 222 -26.86 -6.34 41.89
C ILE B 222 -27.13 -6.88 40.50
N TYR B 223 -28.40 -6.86 40.10
CA TYR B 223 -28.84 -7.30 38.78
C TYR B 223 -29.63 -6.19 38.12
N TRP B 224 -29.73 -6.24 36.80
CA TRP B 224 -30.43 -5.23 36.04
C TRP B 224 -31.35 -5.88 35.02
N THR B 225 -32.46 -5.19 34.73
CA THR B 225 -33.44 -5.62 33.76
C THR B 225 -33.82 -4.43 32.88
N ILE B 226 -34.08 -4.70 31.60
CA ILE B 226 -34.48 -3.68 30.65
C ILE B 226 -35.88 -3.99 30.15
N VAL B 227 -36.77 -3.02 30.26
CA VAL B 227 -38.15 -3.15 29.82
C VAL B 227 -38.33 -2.29 28.58
N LYS B 228 -38.54 -2.93 27.45
CA LYS B 228 -38.79 -2.26 26.18
C LYS B 228 -40.19 -1.68 26.14
N PRO B 229 -40.45 -0.73 25.25
CA PRO B 229 -41.81 -0.19 25.14
C PRO B 229 -42.83 -1.27 24.84
N GLY B 230 -43.97 -1.21 25.53
CA GLY B 230 -44.99 -2.21 25.39
C GLY B 230 -44.80 -3.44 26.25
N ASP B 231 -43.71 -3.53 26.99
CA ASP B 231 -43.42 -4.69 27.81
C ASP B 231 -43.88 -4.44 29.25
N VAL B 232 -43.89 -5.50 30.05
CA VAL B 232 -44.35 -5.43 31.43
C VAL B 232 -43.30 -6.06 32.33
N LEU B 233 -43.00 -5.41 33.46
CA LEU B 233 -42.05 -5.95 34.43
C LEU B 233 -42.81 -6.51 35.61
N VAL B 234 -42.51 -7.75 35.98
CA VAL B 234 -43.11 -8.42 37.12
C VAL B 234 -42.00 -8.80 38.08
N ILE B 235 -42.17 -8.46 39.36
CA ILE B 235 -41.22 -8.80 40.41
C ILE B 235 -41.94 -9.73 41.40
N ASN B 236 -41.45 -10.95 41.52
CA ASN B 236 -41.99 -11.94 42.45
C ASN B 236 -40.88 -12.34 43.41
N SER B 237 -41.15 -12.20 44.71
CA SER B 237 -40.12 -12.43 45.72
C SER B 237 -40.74 -13.11 46.93
N ASN B 238 -40.27 -14.31 47.23
CA ASN B 238 -40.55 -14.97 48.50
C ASN B 238 -39.75 -14.32 49.62
N GLY B 239 -38.55 -13.84 49.34
CA GLY B 239 -37.75 -13.13 50.31
C GLY B 239 -36.43 -12.74 49.69
N ASN B 240 -35.63 -12.02 50.48
CA ASN B 240 -34.27 -11.66 50.11
C ASN B 240 -34.23 -10.77 48.87
N LEU B 241 -35.00 -9.70 48.90
CA LEU B 241 -35.11 -8.79 47.76
C LEU B 241 -34.70 -7.37 48.16
N ILE B 242 -33.82 -6.78 47.36
CA ILE B 242 -33.50 -5.36 47.47
C ILE B 242 -34.19 -4.66 46.30
N ALA B 243 -35.40 -4.16 46.56
CA ALA B 243 -36.27 -3.73 45.48
C ALA B 243 -35.80 -2.42 44.87
N PRO B 244 -36.20 -2.13 43.63
CA PRO B 244 -35.94 -0.83 43.04
C PRO B 244 -37.02 0.18 43.38
N ARG B 245 -36.65 1.45 43.32
CA ARG B 245 -37.60 2.54 43.52
C ARG B 245 -38.07 3.17 42.22
N GLY B 246 -37.49 2.79 41.09
CA GLY B 246 -37.88 3.38 39.81
C GLY B 246 -37.06 2.83 38.67
N TYR B 247 -36.84 3.68 37.68
CA TYR B 247 -36.10 3.27 36.49
C TYR B 247 -35.19 4.41 36.03
N PHE B 248 -34.15 4.03 35.28
CA PHE B 248 -33.25 4.99 34.65
C PHE B 248 -33.60 5.09 33.18
N LYS B 249 -33.72 6.33 32.69
CA LYS B 249 -33.88 6.52 31.25
C LYS B 249 -32.61 6.12 30.51
N MET B 250 -32.79 5.45 29.38
N MET B 250 -32.80 5.46 29.37
CA MET B 250 -31.69 4.95 28.56
CA MET B 250 -31.69 4.96 28.57
C MET B 250 -31.67 5.69 27.24
C MET B 250 -31.68 5.68 27.23
N ARG B 251 -30.53 6.24 26.87
CA ARG B 251 -30.34 6.91 25.59
C ARG B 251 -29.15 6.32 24.87
N THR B 252 -29.20 6.38 23.55
CA THR B 252 -28.11 5.95 22.70
C THR B 252 -27.41 7.19 22.15
N GLY B 253 -26.11 7.25 22.31
CA GLY B 253 -25.35 8.41 21.88
C GLY B 253 -23.88 8.14 21.81
N LYS B 254 -23.09 9.20 22.00
CA LYS B 254 -21.65 9.14 21.88
C LYS B 254 -20.94 9.16 23.23
N SER B 255 -21.66 8.90 24.32
CA SER B 255 -21.08 8.90 25.65
C SER B 255 -20.26 7.64 25.88
N SER B 256 -19.32 7.74 26.81
CA SER B 256 -18.43 6.63 27.12
C SER B 256 -17.82 6.85 28.51
N ILE B 257 -16.87 6.00 28.87
CA ILE B 257 -16.20 6.06 30.16
C ILE B 257 -14.70 5.91 29.94
N MET B 258 -13.92 6.46 30.86
CA MET B 258 -12.47 6.44 30.76
C MET B 258 -11.86 6.50 32.14
N ARG B 259 -10.74 5.80 32.32
CA ARG B 259 -9.96 5.83 33.55
C ARG B 259 -8.73 6.68 33.33
N SER B 260 -8.56 7.71 34.16
CA SER B 260 -7.46 8.65 33.99
C SER B 260 -7.24 9.40 35.29
N ASP B 261 -5.98 9.71 35.57
CA ASP B 261 -5.61 10.53 36.71
C ASP B 261 -5.28 11.95 36.31
N ALA B 262 -5.46 12.31 35.04
CA ALA B 262 -5.13 13.65 34.59
C ALA B 262 -6.18 14.65 35.06
N PRO B 263 -5.79 15.88 35.35
CA PRO B 263 -6.78 16.90 35.72
C PRO B 263 -7.61 17.33 34.52
N ILE B 264 -8.60 18.17 34.79
CA ILE B 264 -9.43 18.79 33.76
C ILE B 264 -9.18 20.28 33.78
N ASP B 265 -8.87 20.85 32.63
CA ASP B 265 -8.48 22.25 32.53
C ASP B 265 -9.36 22.94 31.48
N THR B 266 -9.50 24.24 31.63
CA THR B 266 -10.29 25.04 30.68
C THR B 266 -9.50 25.20 29.39
N CYS B 267 -9.84 24.40 28.39
CA CYS B 267 -9.22 24.48 27.08
C CYS B 267 -10.15 23.80 26.08
N ILE B 268 -9.70 23.71 24.83
CA ILE B 268 -10.47 23.09 23.76
C ILE B 268 -9.63 22.00 23.11
N SER B 269 -10.15 20.78 23.07
CA SER B 269 -9.49 19.67 22.40
C SER B 269 -10.54 18.63 22.03
N GLU B 270 -10.37 18.03 20.86
CA GLU B 270 -11.30 17.04 20.36
C GLU B 270 -10.90 15.61 20.66
N CYS B 271 -9.67 15.37 21.10
CA CYS B 271 -9.18 14.03 21.39
C CYS B 271 -8.80 13.96 22.85
N ILE B 272 -9.31 12.94 23.56
CA ILE B 272 -9.03 12.75 24.97
C ILE B 272 -8.44 11.36 25.16
N THR B 273 -7.31 11.30 25.84
CA THR B 273 -6.64 10.07 26.21
C THR B 273 -6.43 10.07 27.71
N PRO B 274 -6.22 8.91 28.33
CA PRO B 274 -5.94 8.89 29.78
C PRO B 274 -4.75 9.73 30.17
N ASN B 275 -3.77 9.90 29.28
CA ASN B 275 -2.62 10.76 29.57
C ASN B 275 -2.93 12.23 29.37
N GLY B 276 -4.10 12.57 28.84
CA GLY B 276 -4.51 13.93 28.60
C GLY B 276 -5.10 14.08 27.22
N SER B 277 -5.32 15.33 26.83
CA SER B 277 -5.86 15.63 25.51
C SER B 277 -4.73 15.92 24.54
N ILE B 278 -4.87 15.44 23.31
CA ILE B 278 -3.83 15.62 22.30
C ILE B 278 -4.41 16.26 21.04
N PRO B 279 -3.61 16.99 20.28
CA PRO B 279 -4.10 17.55 19.01
C PRO B 279 -4.36 16.45 17.99
N ASN B 280 -5.25 16.75 17.04
CA ASN B 280 -5.65 15.77 16.04
C ASN B 280 -5.22 16.13 14.62
N ASP B 281 -4.21 17.00 14.48
CA ASP B 281 -3.73 17.34 13.14
C ASP B 281 -3.01 16.17 12.50
N LYS B 282 -2.11 15.53 13.24
CA LYS B 282 -1.34 14.42 12.74
C LYS B 282 -2.22 13.18 12.60
N PRO B 283 -2.00 12.38 11.56
CA PRO B 283 -2.83 11.18 11.37
C PRO B 283 -2.57 10.07 12.35
N PHE B 284 -1.39 10.01 12.98
CA PHE B 284 -1.03 8.93 13.88
C PHE B 284 -0.57 9.49 15.21
N GLN B 285 -0.67 8.67 16.25
CA GLN B 285 -0.23 9.07 17.58
C GLN B 285 0.35 7.87 18.30
N ASN B 286 1.13 8.15 19.34
CA ASN B 286 1.81 7.13 20.14
C ASN B 286 1.72 7.45 21.61
N VAL B 287 0.59 7.99 22.06
CA VAL B 287 0.44 8.34 23.47
C VAL B 287 -0.28 7.20 24.18
N ASN B 288 -1.50 6.90 23.76
CA ASN B 288 -2.29 5.87 24.42
C ASN B 288 -3.18 5.20 23.38
N LYS B 289 -3.42 3.91 23.57
CA LYS B 289 -4.36 3.19 22.71
C LYS B 289 -5.81 3.43 23.08
N ILE B 290 -6.06 4.02 24.24
CA ILE B 290 -7.41 4.40 24.65
C ILE B 290 -7.62 5.84 24.23
N THR B 291 -8.67 6.10 23.46
CA THR B 291 -8.95 7.41 22.91
C THR B 291 -10.45 7.66 22.90
N TYR B 292 -10.82 8.93 22.83
CA TYR B 292 -12.20 9.35 22.72
C TYR B 292 -12.29 10.56 21.79
N GLY B 293 -13.20 10.50 20.84
CA GLY B 293 -13.40 11.60 19.92
C GLY B 293 -12.57 11.49 18.67
N ALA B 294 -12.41 12.63 18.00
CA ALA B 294 -11.59 12.70 16.79
C ALA B 294 -10.13 12.56 17.20
N CYS B 295 -9.59 11.37 17.03
CA CYS B 295 -8.25 11.05 17.49
C CYS B 295 -7.44 10.43 16.36
N PRO B 296 -6.12 10.65 16.36
CA PRO B 296 -5.27 9.94 15.41
C PRO B 296 -5.20 8.45 15.72
N LYS B 297 -4.97 7.67 14.68
CA LYS B 297 -4.83 6.23 14.84
C LYS B 297 -3.56 5.91 15.63
N TYR B 298 -3.68 4.93 16.52
CA TYR B 298 -2.55 4.56 17.37
C TYR B 298 -1.62 3.62 16.63
N VAL B 299 -0.33 3.94 16.65
CA VAL B 299 0.69 3.14 16.01
C VAL B 299 1.82 2.90 17.00
N LYS B 300 2.56 1.83 16.79
CA LYS B 300 3.68 1.48 17.67
C LYS B 300 4.89 2.37 17.45
N GLN B 301 5.07 2.89 16.24
CA GLN B 301 6.25 3.67 15.93
C GLN B 301 6.25 4.98 16.70
N SER B 302 7.44 5.42 17.13
CA SER B 302 7.56 6.69 17.85
C SER B 302 7.62 7.86 16.88
N THR B 303 8.25 7.69 15.73
CA THR B 303 8.40 8.77 14.76
C THR B 303 8.17 8.25 13.35
N LEU B 304 7.66 9.14 12.49
CA LEU B 304 7.41 8.83 11.08
C LEU B 304 7.46 10.16 10.32
N LYS B 305 8.57 10.40 9.64
CA LYS B 305 8.79 11.66 8.95
C LYS B 305 8.29 11.58 7.52
N LEU B 306 7.55 12.60 7.10
CA LEU B 306 7.07 12.72 5.73
C LEU B 306 7.90 13.78 5.00
N ALA B 307 8.48 13.41 3.88
CA ALA B 307 9.36 14.30 3.14
C ALA B 307 8.54 15.39 2.47
N THR B 308 8.70 16.63 2.93
CA THR B 308 8.10 17.79 2.31
C THR B 308 9.11 18.60 1.50
N GLY B 309 10.23 18.00 1.16
CA GLY B 309 11.25 18.62 0.33
C GLY B 309 11.94 17.58 -0.53
N MET B 310 13.05 17.98 -1.12
CA MET B 310 13.79 17.16 -2.06
C MET B 310 15.04 16.60 -1.38
N ARG B 311 15.78 15.79 -2.13
CA ARG B 311 17.03 15.25 -1.63
C ARG B 311 18.02 16.37 -1.37
N ASN B 312 18.73 16.27 -0.25
CA ASN B 312 19.67 17.31 0.16
C ASN B 312 21.09 16.85 -0.18
N VAL B 313 21.72 17.56 -1.10
CA VAL B 313 23.12 17.33 -1.44
C VAL B 313 23.88 18.60 -1.07
N PRO B 314 24.50 18.66 0.11
CA PRO B 314 25.15 19.89 0.55
C PRO B 314 26.40 20.19 -0.25
N GLU B 315 26.85 21.44 -0.13
CA GLU B 315 28.05 21.89 -0.80
C GLU B 315 29.29 21.50 -0.01
N LYS B 316 30.44 21.56 -0.70
CA LYS B 316 31.72 21.28 -0.06
C LYS B 316 32.86 21.92 -0.85
N ALA C 1 34.56 2.07 -33.65
CA ALA C 1 33.74 2.97 -34.45
C ALA C 1 32.26 2.70 -34.21
N THR C 2 31.95 1.74 -33.36
CA THR C 2 30.59 1.50 -32.89
C THR C 2 30.64 0.96 -31.47
N LEU C 3 29.71 1.40 -30.64
CA LEU C 3 29.66 1.04 -29.23
C LEU C 3 28.21 0.82 -28.81
N CYS C 4 27.92 -0.40 -28.35
CA CYS C 4 26.57 -0.78 -27.96
C CYS C 4 26.48 -0.95 -26.46
N LEU C 5 25.33 -0.59 -25.91
CA LEU C 5 25.07 -0.73 -24.48
C LEU C 5 23.94 -1.74 -24.29
N GLY C 6 24.07 -2.57 -23.26
CA GLY C 6 23.07 -3.60 -23.02
C GLY C 6 23.19 -4.16 -21.62
N HIS C 7 22.36 -5.16 -21.35
CA HIS C 7 22.30 -5.80 -20.05
C HIS C 7 22.37 -7.30 -20.21
N HIS C 8 22.59 -7.98 -19.09
CA HIS C 8 22.75 -9.44 -19.12
C HIS C 8 21.40 -10.13 -19.13
N ALA C 9 21.43 -11.41 -19.46
CA ALA C 9 20.24 -12.25 -19.46
C ALA C 9 20.64 -13.64 -19.01
N VAL C 10 19.65 -14.44 -18.65
CA VAL C 10 19.89 -15.78 -18.15
C VAL C 10 19.10 -16.75 -19.01
N PRO C 11 19.52 -18.02 -19.13
CA PRO C 11 18.76 -18.96 -19.97
C PRO C 11 17.32 -19.13 -19.54
N ASN C 12 17.06 -19.17 -18.24
CA ASN C 12 15.69 -19.30 -17.74
C ASN C 12 15.60 -18.62 -16.38
N GLY C 13 14.68 -17.67 -16.25
CA GLY C 13 14.50 -16.93 -15.04
C GLY C 13 13.13 -17.14 -14.41
N THR C 14 13.01 -16.68 -13.18
CA THR C 14 11.81 -16.84 -12.40
C THR C 14 10.72 -15.88 -12.86
N ILE C 15 9.48 -16.31 -12.73
CA ILE C 15 8.31 -15.52 -13.10
C ILE C 15 7.81 -14.81 -11.85
N VAL C 16 7.80 -13.49 -11.88
CA VAL C 16 7.34 -12.69 -10.75
C VAL C 16 6.04 -11.99 -11.15
N LYS C 17 5.35 -11.50 -10.13
CA LYS C 17 3.99 -10.99 -10.28
C LYS C 17 3.95 -9.53 -9.84
N THR C 18 3.71 -8.63 -10.78
CA THR C 18 3.77 -7.20 -10.55
C THR C 18 2.41 -6.55 -10.75
N ILE C 19 2.37 -5.22 -10.67
CA ILE C 19 1.11 -4.49 -10.71
C ILE C 19 0.43 -4.66 -12.06
N THR C 20 1.19 -4.52 -13.15
CA THR C 20 0.61 -4.60 -14.48
C THR C 20 0.26 -6.03 -14.87
N ASP C 21 1.27 -6.90 -14.92
CA ASP C 21 1.09 -8.26 -15.40
C ASP C 21 1.45 -9.25 -14.29
N ASP C 22 0.76 -10.38 -14.29
CA ASP C 22 0.98 -11.42 -13.30
C ASP C 22 2.02 -12.46 -13.73
N GLN C 23 2.57 -12.35 -14.93
CA GLN C 23 3.62 -13.25 -15.41
C GLN C 23 4.65 -12.43 -16.19
N ILE C 24 5.72 -12.03 -15.50
CA ILE C 24 6.85 -11.36 -16.15
C ILE C 24 8.13 -12.03 -15.67
N GLU C 25 8.98 -12.42 -16.62
CA GLU C 25 10.18 -13.17 -16.30
C GLU C 25 11.28 -12.25 -15.78
N VAL C 26 11.99 -12.71 -14.76
CA VAL C 26 13.04 -11.94 -14.09
C VAL C 26 14.21 -12.87 -13.84
N THR C 27 15.43 -12.32 -13.91
CA THR C 27 16.63 -13.14 -13.80
C THR C 27 16.68 -13.92 -12.50
N ASN C 28 16.36 -13.30 -11.37
CA ASN C 28 16.47 -13.95 -10.07
C ASN C 28 15.37 -13.46 -9.16
N ALA C 29 14.81 -14.38 -8.37
CA ALA C 29 13.78 -14.04 -7.40
C ALA C 29 13.98 -14.86 -6.13
N THR C 30 13.43 -14.36 -5.03
CA THR C 30 13.52 -15.03 -3.73
C THR C 30 12.12 -15.32 -3.22
N GLU C 31 11.96 -16.46 -2.57
CA GLU C 31 10.68 -16.81 -1.97
C GLU C 31 10.51 -16.09 -0.65
N LEU C 32 9.30 -15.61 -0.39
CA LEU C 32 9.00 -14.89 0.83
C LEU C 32 8.04 -15.61 1.75
N VAL C 33 7.53 -16.77 1.36
CA VAL C 33 6.63 -17.55 2.20
C VAL C 33 7.33 -18.85 2.55
N GLN C 34 7.46 -19.10 3.84
CA GLN C 34 8.01 -20.36 4.36
C GLN C 34 6.90 -21.40 4.35
N SER C 35 7.05 -22.44 3.55
CA SER C 35 6.03 -23.46 3.38
C SER C 35 6.51 -24.84 3.81
N SER C 36 7.58 -24.91 4.56
CA SER C 36 8.16 -26.19 4.97
C SER C 36 8.52 -26.15 6.45
N SER C 37 8.40 -27.30 7.09
CA SER C 37 8.77 -27.47 8.49
C SER C 37 9.51 -28.78 8.67
N THR C 38 10.36 -28.83 9.70
CA THR C 38 11.16 -30.02 9.95
C THR C 38 10.40 -31.10 10.69
N GLY C 39 9.20 -30.83 11.17
CA GLY C 39 8.43 -31.83 11.89
C GLY C 39 8.87 -32.03 13.32
N LYS C 40 9.80 -31.24 13.82
CA LYS C 40 10.36 -31.42 15.15
C LYS C 40 10.41 -30.08 15.85
N ILE C 41 10.29 -30.10 17.17
CA ILE C 41 10.25 -28.90 17.98
C ILE C 41 11.58 -28.74 18.68
N CYS C 42 12.24 -27.61 18.42
CA CYS C 42 13.51 -27.32 19.05
C CYS C 42 13.31 -26.96 20.52
N ASN C 43 14.33 -27.25 21.33
CA ASN C 43 14.28 -26.98 22.76
C ASN C 43 15.05 -25.72 23.15
N ASN C 44 15.53 -24.95 22.18
CA ASN C 44 16.25 -23.72 22.44
C ASN C 44 15.71 -22.62 21.55
N PRO C 45 15.65 -21.38 22.06
CA PRO C 45 16.01 -20.94 23.39
C PRO C 45 14.83 -20.99 24.36
N HIS C 46 13.67 -21.44 23.89
CA HIS C 46 12.51 -21.56 24.74
C HIS C 46 12.54 -22.88 25.52
N ARG C 47 12.03 -22.84 26.74
CA ARG C 47 11.96 -24.01 27.60
C ARG C 47 10.61 -24.69 27.34
N ILE C 48 10.64 -25.81 26.64
CA ILE C 48 9.43 -26.52 26.24
C ILE C 48 9.25 -27.71 27.18
N LEU C 49 8.03 -27.88 27.70
CA LEU C 49 7.71 -28.97 28.62
C LEU C 49 6.72 -29.89 27.91
N ASP C 50 7.22 -31.01 27.41
CA ASP C 50 6.37 -31.99 26.76
C ASP C 50 5.56 -32.72 27.82
N GLY C 51 4.24 -32.69 27.68
CA GLY C 51 3.34 -33.23 28.69
C GLY C 51 3.10 -34.72 28.61
N ARG C 52 3.58 -35.37 27.56
CA ARG C 52 3.31 -36.78 27.30
C ARG C 52 1.82 -37.07 27.34
N ASP C 53 1.39 -37.87 28.32
CA ASP C 53 0.00 -38.26 28.46
C ASP C 53 -0.73 -37.50 29.55
N CYS C 54 -0.41 -36.22 29.74
CA CYS C 54 -0.98 -35.41 30.80
C CYS C 54 -1.46 -34.08 30.24
N THR C 55 -2.72 -33.74 30.51
CA THR C 55 -3.21 -32.41 30.18
C THR C 55 -2.76 -31.42 31.25
N LEU C 56 -2.87 -30.13 30.93
CA LEU C 56 -2.43 -29.11 31.88
C LEU C 56 -3.27 -29.14 33.14
N ILE C 57 -4.59 -29.30 33.00
CA ILE C 57 -5.45 -29.35 34.17
C ILE C 57 -5.18 -30.61 34.98
N ASP C 58 -4.85 -31.71 34.30
CA ASP C 58 -4.52 -32.94 35.00
C ASP C 58 -3.30 -32.76 35.89
N ALA C 59 -2.28 -32.05 35.38
CA ALA C 59 -1.10 -31.77 36.19
C ALA C 59 -1.38 -30.73 37.26
N LEU C 60 -2.28 -29.79 36.97
CA LEU C 60 -2.66 -28.78 37.95
C LEU C 60 -3.31 -29.42 39.16
N LEU C 61 -4.27 -30.32 38.93
CA LEU C 61 -5.03 -30.91 40.02
C LEU C 61 -4.22 -31.94 40.78
N GLY C 62 -3.31 -32.64 40.11
CA GLY C 62 -2.54 -33.67 40.77
C GLY C 62 -2.99 -35.08 40.44
N ASP C 63 -3.22 -35.34 39.17
CA ASP C 63 -3.52 -36.69 38.73
C ASP C 63 -2.36 -37.61 39.11
N PRO C 64 -2.62 -38.80 39.66
CA PRO C 64 -1.51 -39.66 40.10
C PRO C 64 -0.46 -39.93 39.05
N HIS C 65 -0.84 -40.11 37.79
CA HIS C 65 0.13 -40.37 36.74
C HIS C 65 0.76 -39.09 36.19
N CYS C 66 0.37 -37.92 36.71
CA CYS C 66 1.00 -36.65 36.38
C CYS C 66 1.80 -36.12 37.55
N ASP C 67 2.44 -37.01 38.31
CA ASP C 67 3.25 -36.60 39.45
C ASP C 67 4.66 -36.20 39.06
N VAL C 68 5.03 -36.33 37.79
CA VAL C 68 6.33 -35.85 37.33
C VAL C 68 6.31 -34.34 37.08
N PHE C 69 5.14 -33.73 37.00
CA PHE C 69 5.01 -32.31 36.67
C PHE C 69 4.86 -31.43 37.90
N GLN C 70 5.09 -31.97 39.09
CA GLN C 70 4.99 -31.18 40.31
C GLN C 70 6.02 -30.06 40.28
N ASP C 71 5.58 -28.83 40.57
CA ASP C 71 6.45 -27.66 40.65
C ASP C 71 7.29 -27.51 39.38
N GLU C 72 6.60 -27.44 38.24
CA GLU C 72 7.25 -27.35 36.94
C GLU C 72 7.06 -25.96 36.35
N THR C 73 8.01 -25.58 35.51
CA THR C 73 8.02 -24.30 34.84
C THR C 73 8.30 -24.51 33.36
N TRP C 74 7.70 -23.68 32.51
CA TRP C 74 7.87 -23.84 31.08
C TRP C 74 7.73 -22.48 30.41
N ASP C 75 8.19 -22.42 29.16
CA ASP C 75 7.83 -21.34 28.26
C ASP C 75 6.76 -21.74 27.26
N LEU C 76 6.64 -23.03 26.96
CA LEU C 76 5.58 -23.53 26.11
C LEU C 76 5.26 -24.97 26.53
N TYR C 77 4.05 -25.19 27.01
CA TYR C 77 3.57 -26.53 27.34
C TYR C 77 2.98 -27.15 26.08
N VAL C 78 3.42 -28.36 25.76
CA VAL C 78 2.93 -29.08 24.59
C VAL C 78 1.96 -30.14 25.06
N GLU C 79 0.70 -30.03 24.63
CA GLU C 79 -0.33 -31.01 24.95
C GLU C 79 -0.46 -31.99 23.81
N ARG C 80 -0.45 -33.28 24.13
CA ARG C 80 -0.46 -34.34 23.14
C ARG C 80 -1.86 -34.91 22.97
N SER C 81 -2.11 -35.46 21.79
CA SER C 81 -3.41 -36.04 21.48
C SER C 81 -3.64 -37.37 22.19
N SER C 82 -2.61 -37.93 22.81
CA SER C 82 -2.72 -39.19 23.54
C SER C 82 -2.98 -39.00 25.02
N ALA C 83 -3.20 -37.77 25.46
CA ALA C 83 -3.40 -37.50 26.88
C ALA C 83 -4.71 -38.11 27.35
N PHE C 84 -4.69 -38.66 28.56
CA PHE C 84 -5.87 -39.29 29.15
C PHE C 84 -5.89 -38.99 30.64
N SER C 85 -7.07 -39.13 31.22
CA SER C 85 -7.30 -38.87 32.64
C SER C 85 -7.57 -40.18 33.36
N ASN C 86 -6.98 -40.34 34.54
CA ASN C 86 -7.12 -41.57 35.32
C ASN C 86 -7.37 -41.24 36.80
N CYS C 87 -8.33 -40.36 37.08
CA CYS C 87 -8.71 -40.08 38.45
C CYS C 87 -10.23 -39.94 38.49
N TYR C 88 -10.75 -39.42 39.59
CA TYR C 88 -12.18 -39.23 39.74
C TYR C 88 -12.71 -38.36 38.62
N PRO C 89 -13.80 -38.75 37.97
CA PRO C 89 -14.32 -37.94 36.86
C PRO C 89 -14.67 -36.54 37.31
N TYR C 90 -14.21 -35.56 36.54
CA TYR C 90 -14.38 -34.17 36.90
C TYR C 90 -14.74 -33.35 35.66
N ASP C 91 -15.39 -32.23 35.90
CA ASP C 91 -15.67 -31.24 34.87
C ASP C 91 -15.30 -29.87 35.41
N VAL C 92 -14.82 -29.01 34.52
CA VAL C 92 -14.42 -27.66 34.86
C VAL C 92 -15.32 -26.69 34.12
N PRO C 93 -16.24 -26.01 34.81
CA PRO C 93 -16.89 -24.85 34.21
C PRO C 93 -15.84 -23.81 33.84
N ASP C 94 -15.96 -23.27 32.63
CA ASP C 94 -14.94 -22.39 32.07
C ASP C 94 -13.58 -23.08 32.06
N TYR C 95 -13.52 -24.21 31.36
CA TYR C 95 -12.27 -24.96 31.22
C TYR C 95 -11.23 -24.15 30.46
N ALA C 96 -11.66 -23.46 29.39
CA ALA C 96 -10.73 -22.72 28.55
C ALA C 96 -10.07 -21.60 29.33
N SER C 97 -10.83 -20.91 30.18
CA SER C 97 -10.26 -19.79 30.93
C SER C 97 -9.19 -20.27 31.90
N LEU C 98 -9.46 -21.36 32.61
CA LEU C 98 -8.47 -21.89 33.54
C LEU C 98 -7.24 -22.36 32.79
N ARG C 99 -7.43 -23.07 31.68
CA ARG C 99 -6.29 -23.53 30.89
C ARG C 99 -5.46 -22.34 30.41
N SER C 100 -6.12 -21.30 29.91
CA SER C 100 -5.41 -20.13 29.40
C SER C 100 -4.62 -19.44 30.50
N LEU C 101 -5.25 -19.21 31.66
CA LEU C 101 -4.57 -18.44 32.70
C LEU C 101 -3.43 -19.24 33.31
N VAL C 102 -3.60 -20.55 33.49
CA VAL C 102 -2.52 -21.35 34.05
C VAL C 102 -1.38 -21.49 33.04
N ALA C 103 -1.71 -21.65 31.76
CA ALA C 103 -0.66 -21.74 30.74
C ALA C 103 0.12 -20.44 30.64
N SER C 104 -0.56 -19.30 30.75
CA SER C 104 0.12 -18.02 30.77
C SER C 104 0.96 -17.82 32.02
N SER C 105 0.54 -18.40 33.15
CA SER C 105 1.34 -18.31 34.37
C SER C 105 2.68 -18.99 34.18
N GLY C 106 2.68 -20.20 33.64
CA GLY C 106 3.90 -20.91 33.33
C GLY C 106 4.50 -21.72 34.45
N THR C 107 3.93 -21.68 35.66
CA THR C 107 4.48 -22.43 36.79
C THR C 107 3.37 -23.14 37.54
N LEU C 108 3.55 -24.44 37.79
CA LEU C 108 2.78 -25.16 38.80
C LEU C 108 3.50 -25.18 40.14
N GLU C 109 3.94 -24.03 40.63
CA GLU C 109 4.64 -23.95 41.90
C GLU C 109 3.60 -23.93 43.00
N PHE C 110 3.55 -24.99 43.80
CA PHE C 110 2.56 -25.16 44.83
C PHE C 110 3.20 -25.05 46.20
N ILE C 111 2.62 -24.20 47.05
CA ILE C 111 3.04 -24.09 48.45
C ILE C 111 1.84 -24.46 49.31
N THR C 112 2.01 -25.48 50.14
CA THR C 112 0.94 -25.97 50.99
C THR C 112 0.76 -25.06 52.20
N GLU C 113 -0.47 -24.65 52.44
CA GLU C 113 -0.79 -23.74 53.53
C GLU C 113 -1.47 -24.48 54.67
N GLY C 114 -1.51 -23.85 55.84
CA GLY C 114 -2.04 -24.44 57.04
C GLY C 114 -3.53 -24.34 57.21
N PHE C 115 -4.28 -25.15 56.47
CA PHE C 115 -5.74 -25.14 56.59
C PHE C 115 -6.17 -26.09 57.71
N THR C 116 -6.98 -25.58 58.63
CA THR C 116 -7.48 -26.37 59.75
C THR C 116 -8.93 -26.70 59.51
N TRP C 117 -9.20 -27.98 59.23
CA TRP C 117 -10.55 -28.47 58.96
C TRP C 117 -11.02 -29.26 60.18
N THR C 118 -11.70 -28.57 61.09
CA THR C 118 -12.14 -29.19 62.34
C THR C 118 -13.45 -29.93 62.11
N GLY C 119 -13.59 -31.08 62.77
CA GLY C 119 -14.82 -31.84 62.73
C GLY C 119 -15.05 -32.69 61.51
N VAL C 120 -14.10 -32.74 60.56
CA VAL C 120 -14.27 -33.52 59.35
C VAL C 120 -13.05 -34.39 59.13
N THR C 121 -13.25 -35.44 58.33
CA THR C 121 -12.20 -36.38 57.97
C THR C 121 -11.51 -35.90 56.70
N GLN C 122 -10.19 -35.83 56.73
CA GLN C 122 -9.40 -35.39 55.60
C GLN C 122 -8.90 -36.58 54.79
N ASN C 123 -8.27 -36.28 53.66
CA ASN C 123 -7.60 -37.27 52.81
C ASN C 123 -8.57 -38.36 52.35
N GLY C 124 -9.65 -37.95 51.70
CA GLY C 124 -10.57 -38.91 51.13
C GLY C 124 -9.98 -39.57 49.90
N GLY C 125 -10.65 -40.64 49.45
CA GLY C 125 -10.16 -41.40 48.32
C GLY C 125 -11.30 -42.01 47.53
N SER C 126 -10.93 -42.61 46.40
CA SER C 126 -11.87 -43.29 45.53
C SER C 126 -11.14 -44.38 44.77
N ASN C 127 -11.91 -45.37 44.31
CA ASN C 127 -11.33 -46.44 43.52
C ASN C 127 -11.06 -46.03 42.08
N ALA C 128 -11.48 -44.84 41.69
CA ALA C 128 -11.20 -44.33 40.35
C ALA C 128 -9.88 -43.60 40.25
N CYS C 129 -9.16 -43.45 41.36
CA CYS C 129 -7.93 -42.66 41.42
C CYS C 129 -6.84 -43.45 42.14
N LYS C 130 -6.64 -44.70 41.72
CA LYS C 130 -5.67 -45.59 42.34
C LYS C 130 -4.26 -45.01 42.31
N ARG C 131 -3.73 -44.69 43.49
CA ARG C 131 -2.35 -44.25 43.62
C ARG C 131 -1.55 -45.44 44.14
N GLY C 132 -0.91 -46.17 43.22
CA GLY C 132 -0.28 -47.42 43.54
C GLY C 132 -1.31 -48.53 43.62
N PRO C 133 -1.26 -49.33 44.68
CA PRO C 133 -2.27 -50.37 44.88
C PRO C 133 -3.47 -49.94 45.70
N ALA C 134 -3.42 -48.76 46.32
CA ALA C 134 -4.51 -48.29 47.19
C ALA C 134 -5.42 -47.35 46.41
N SER C 135 -6.35 -46.71 47.13
CA SER C 135 -7.30 -45.78 46.54
C SER C 135 -6.90 -44.37 46.96
N GLY C 136 -6.44 -43.58 46.01
CA GLY C 136 -5.98 -42.23 46.26
C GLY C 136 -6.94 -41.17 45.74
N PHE C 137 -6.38 -40.01 45.45
CA PHE C 137 -7.13 -38.84 45.00
C PHE C 137 -6.14 -37.88 44.36
N PHE C 138 -6.64 -36.72 43.94
CA PHE C 138 -5.76 -35.68 43.41
C PHE C 138 -4.78 -35.21 44.48
N SER C 139 -3.54 -34.95 44.04
CA SER C 139 -2.50 -34.57 44.99
C SER C 139 -2.75 -33.19 45.59
N ARG C 140 -3.33 -32.28 44.81
CA ARG C 140 -3.48 -30.89 45.24
C ARG C 140 -4.88 -30.57 45.74
N LEU C 141 -5.71 -31.58 45.96
CA LEU C 141 -7.04 -31.38 46.50
C LEU C 141 -7.25 -32.27 47.71
N ASN C 142 -8.10 -31.81 48.63
CA ASN C 142 -8.40 -32.53 49.86
C ASN C 142 -9.88 -32.85 49.87
N TRP C 143 -10.21 -34.14 50.00
CA TRP C 143 -11.60 -34.58 50.05
C TRP C 143 -12.03 -34.65 51.50
N LEU C 144 -12.89 -33.72 51.90
CA LEU C 144 -13.41 -33.69 53.26
C LEU C 144 -14.67 -34.55 53.36
N THR C 145 -14.83 -35.20 54.51
CA THR C 145 -15.93 -36.12 54.75
C THR C 145 -16.23 -36.14 56.24
N LYS C 146 -17.48 -36.43 56.57
CA LYS C 146 -17.95 -36.47 57.95
C LYS C 146 -17.03 -37.29 58.84
N SER C 147 -17.00 -36.92 60.12
CA SER C 147 -16.23 -37.63 61.14
C SER C 147 -17.19 -38.16 62.19
N GLY C 148 -17.33 -39.47 62.26
CA GLY C 148 -18.32 -40.07 63.13
C GLY C 148 -19.70 -40.02 62.51
N SER C 149 -20.56 -39.14 63.03
CA SER C 149 -21.89 -38.97 62.48
C SER C 149 -22.27 -37.49 62.37
N ALA C 150 -21.30 -36.65 62.03
CA ALA C 150 -21.55 -35.21 61.94
C ALA C 150 -20.62 -34.59 60.91
N TYR C 151 -21.15 -33.60 60.19
CA TYR C 151 -20.36 -32.77 59.28
C TYR C 151 -20.61 -31.33 59.67
N PRO C 152 -19.76 -30.73 60.50
CA PRO C 152 -20.02 -29.37 60.98
C PRO C 152 -19.83 -28.35 59.88
N VAL C 153 -20.50 -27.22 60.05
CA VAL C 153 -20.33 -26.08 59.14
C VAL C 153 -18.90 -25.57 59.26
N LEU C 154 -18.19 -25.54 58.12
CA LEU C 154 -16.79 -25.13 58.10
C LEU C 154 -16.72 -23.66 57.70
N ASN C 155 -15.99 -22.87 58.47
CA ASN C 155 -15.74 -21.46 58.16
C ASN C 155 -14.27 -21.19 58.48
N VAL C 156 -13.41 -21.37 57.48
CA VAL C 156 -11.98 -21.17 57.63
C VAL C 156 -11.57 -19.97 56.80
N THR C 157 -10.46 -19.36 57.18
CA THR C 157 -9.95 -18.15 56.56
C THR C 157 -8.44 -18.23 56.43
N MET C 158 -7.91 -17.54 55.42
CA MET C 158 -6.46 -17.44 55.31
C MET C 158 -6.07 -16.24 54.44
N PRO C 159 -5.34 -15.29 54.99
CA PRO C 159 -5.10 -14.02 54.29
C PRO C 159 -3.87 -14.05 53.39
N ASN C 160 -3.75 -13.00 52.59
CA ASN C 160 -2.61 -12.77 51.71
C ASN C 160 -1.77 -11.61 52.25
N ASN C 161 -0.76 -11.95 53.03
CA ASN C 161 0.22 -10.99 53.52
C ASN C 161 1.46 -10.92 52.64
N ASP C 162 1.50 -11.69 51.56
CA ASP C 162 2.64 -11.70 50.65
C ASP C 162 2.51 -10.55 49.65
N ASN C 163 3.31 -10.59 48.59
CA ASN C 163 3.30 -9.54 47.58
C ASN C 163 3.09 -10.12 46.19
N PHE C 164 2.22 -11.12 46.08
CA PHE C 164 1.90 -11.72 44.80
C PHE C 164 0.52 -12.36 44.88
N ASP C 165 -0.06 -12.62 43.71
CA ASP C 165 -1.40 -13.19 43.64
C ASP C 165 -1.37 -14.68 43.90
N LYS C 166 -2.36 -15.16 44.64
CA LYS C 166 -2.54 -16.58 44.90
C LYS C 166 -3.65 -17.13 44.03
N LEU C 167 -3.54 -18.42 43.70
CA LEU C 167 -4.55 -19.13 42.93
C LEU C 167 -4.96 -20.37 43.70
N TYR C 168 -6.18 -20.36 44.23
CA TYR C 168 -6.72 -21.48 44.97
C TYR C 168 -7.67 -22.26 44.08
N VAL C 169 -7.41 -23.55 43.92
CA VAL C 169 -8.26 -24.44 43.14
C VAL C 169 -8.99 -25.34 44.12
N TRP C 170 -10.32 -25.24 44.13
CA TRP C 170 -11.17 -26.05 44.97
C TRP C 170 -12.19 -26.75 44.09
N GLY C 171 -13.11 -27.48 44.72
CA GLY C 171 -14.09 -28.22 43.96
C GLY C 171 -15.33 -28.53 44.78
N VAL C 172 -16.38 -28.90 44.07
CA VAL C 172 -17.65 -29.31 44.66
C VAL C 172 -18.00 -30.69 44.12
N HIS C 173 -18.40 -31.59 45.01
CA HIS C 173 -18.70 -32.96 44.64
C HIS C 173 -20.19 -33.13 44.43
N HIS C 174 -20.57 -33.72 43.29
CA HIS C 174 -21.96 -34.02 42.99
C HIS C 174 -22.17 -35.52 43.13
N PRO C 175 -22.84 -35.99 44.17
CA PRO C 175 -23.03 -37.43 44.35
C PRO C 175 -24.05 -38.00 43.37
N SER C 176 -23.91 -39.30 43.14
CA SER C 176 -24.85 -39.98 42.24
C SER C 176 -26.23 -40.10 42.86
N THR C 177 -26.31 -40.53 44.11
CA THR C 177 -27.57 -40.76 44.79
C THR C 177 -27.61 -39.99 46.10
N ASN C 178 -28.82 -39.87 46.65
CA ASN C 178 -28.98 -39.23 47.95
C ASN C 178 -28.34 -40.03 49.06
N GLN C 179 -28.34 -41.36 48.94
CA GLN C 179 -27.71 -42.20 49.95
C GLN C 179 -26.23 -41.89 50.08
N GLU C 180 -25.55 -41.72 48.94
CA GLU C 180 -24.14 -41.36 48.97
C GLU C 180 -23.94 -40.01 49.62
N GLN C 181 -24.82 -39.05 49.33
CA GLN C 181 -24.71 -37.72 49.91
C GLN C 181 -24.81 -37.77 51.42
N THR C 182 -25.80 -38.50 51.94
CA THR C 182 -25.98 -38.55 53.38
C THR C 182 -24.93 -39.43 54.05
N SER C 183 -24.39 -40.41 53.34
CA SER C 183 -23.38 -41.29 53.91
C SER C 183 -21.97 -40.69 53.86
N LEU C 184 -21.75 -39.64 53.07
CA LEU C 184 -20.46 -38.96 53.11
C LEU C 184 -20.51 -37.57 53.73
N TYR C 185 -21.67 -36.93 53.80
CA TYR C 185 -21.74 -35.52 54.16
C TYR C 185 -22.86 -35.22 55.14
N VAL C 186 -23.59 -36.21 55.62
CA VAL C 186 -24.69 -36.06 56.57
C VAL C 186 -25.82 -35.24 55.97
N GLN C 187 -25.54 -33.97 55.66
CA GLN C 187 -26.60 -33.08 55.20
C GLN C 187 -27.15 -33.54 53.85
N ALA C 188 -28.47 -33.38 53.70
CA ALA C 188 -29.13 -33.79 52.47
C ALA C 188 -28.81 -32.87 51.31
N SER C 189 -28.62 -31.58 51.57
CA SER C 189 -28.29 -30.61 50.53
C SER C 189 -27.11 -29.77 51.00
N GLY C 190 -25.96 -29.94 50.35
CA GLY C 190 -24.78 -29.20 50.70
C GLY C 190 -24.76 -27.82 50.08
N ARG C 191 -23.67 -27.10 50.33
CA ARG C 191 -23.48 -25.75 49.83
C ARG C 191 -22.03 -25.35 50.06
N VAL C 192 -21.41 -24.76 49.04
CA VAL C 192 -20.03 -24.32 49.11
C VAL C 192 -19.95 -22.88 48.65
N THR C 193 -19.48 -22.00 49.53
CA THR C 193 -19.21 -20.61 49.16
C THR C 193 -17.75 -20.29 49.45
N VAL C 194 -17.07 -19.74 48.46
CA VAL C 194 -15.68 -19.31 48.58
C VAL C 194 -15.61 -17.86 48.12
N SER C 195 -15.24 -16.97 49.02
CA SER C 195 -15.37 -15.54 48.76
C SER C 195 -14.11 -14.80 49.17
N THR C 196 -13.89 -13.67 48.52
CA THR C 196 -12.87 -12.69 48.87
C THR C 196 -13.58 -11.39 49.23
N ARG C 197 -12.80 -10.34 49.48
CA ARG C 197 -13.39 -9.04 49.79
C ARG C 197 -14.09 -8.41 48.59
N ARG C 198 -13.88 -8.94 47.39
CA ARG C 198 -14.39 -8.30 46.18
C ARG C 198 -15.24 -9.20 45.31
N SER C 199 -15.20 -10.52 45.51
CA SER C 199 -15.98 -11.43 44.68
C SER C 199 -16.33 -12.66 45.50
N GLN C 200 -17.38 -13.36 45.05
CA GLN C 200 -17.80 -14.59 45.71
C GLN C 200 -18.27 -15.58 44.66
N GLN C 201 -18.12 -16.86 44.98
CA GLN C 201 -18.69 -17.95 44.18
C GLN C 201 -19.38 -18.91 45.14
N THR C 202 -20.67 -19.11 44.97
CA THR C 202 -21.42 -20.08 45.77
C THR C 202 -22.00 -21.13 44.85
N ILE C 203 -21.67 -22.38 45.10
CA ILE C 203 -22.05 -23.51 44.26
C ILE C 203 -22.92 -24.45 45.09
N ILE C 204 -24.09 -24.79 44.56
CA ILE C 204 -24.99 -25.75 45.18
C ILE C 204 -24.78 -27.10 44.49
N PRO C 205 -24.43 -28.15 45.22
CA PRO C 205 -24.28 -29.47 44.60
C PRO C 205 -25.63 -30.01 44.14
N ASN C 206 -25.58 -30.80 43.07
CA ASN C 206 -26.77 -31.35 42.45
C ASN C 206 -26.61 -32.84 42.26
N ILE C 207 -27.60 -33.60 42.68
CA ILE C 207 -27.51 -35.05 42.80
C ILE C 207 -28.18 -35.68 41.59
N GLY C 208 -27.48 -36.57 40.92
CA GLY C 208 -28.05 -37.25 39.77
C GLY C 208 -27.12 -38.35 39.30
N SER C 209 -27.69 -39.28 38.55
CA SER C 209 -26.95 -40.42 38.02
C SER C 209 -26.30 -40.01 36.70
N ARG C 210 -25.02 -39.66 36.76
CA ARG C 210 -24.25 -39.35 35.58
C ARG C 210 -23.73 -40.63 34.93
N PRO C 211 -23.26 -40.55 33.69
CA PRO C 211 -22.67 -41.74 33.06
C PRO C 211 -21.51 -42.30 33.85
N TRP C 212 -21.42 -43.63 33.86
CA TRP C 212 -20.38 -44.38 34.55
C TRP C 212 -19.02 -44.14 33.94
N VAL C 213 -18.11 -43.52 34.68
CA VAL C 213 -16.75 -43.29 34.23
C VAL C 213 -15.80 -43.76 35.31
N ARG C 214 -14.96 -44.74 34.99
CA ARG C 214 -13.92 -45.23 35.89
C ARG C 214 -14.48 -45.74 37.20
N GLY C 215 -15.73 -46.21 37.19
CA GLY C 215 -16.35 -46.76 38.38
C GLY C 215 -17.23 -45.79 39.15
N GLN C 216 -17.38 -44.56 38.67
CA GLN C 216 -18.05 -43.53 39.44
C GLN C 216 -19.16 -42.90 38.63
N SER C 217 -20.34 -42.79 39.24
N SER C 217 -20.33 -42.78 39.23
CA SER C 217 -21.49 -42.15 38.63
CA SER C 217 -21.49 -42.14 38.62
C SER C 217 -21.66 -40.70 39.06
C SER C 217 -21.66 -40.70 39.06
N GLY C 218 -20.71 -40.16 39.83
N GLY C 218 -20.71 -40.16 39.83
CA GLY C 218 -20.74 -38.77 40.22
CA GLY C 218 -20.74 -38.77 40.22
C GLY C 218 -19.60 -37.98 39.59
C GLY C 218 -19.60 -37.98 39.59
N ARG C 219 -19.65 -36.66 39.79
CA ARG C 219 -18.69 -35.76 39.19
C ARG C 219 -18.17 -34.80 40.24
N ILE C 220 -17.03 -34.19 39.93
CA ILE C 220 -16.44 -33.14 40.74
C ILE C 220 -16.29 -31.91 39.86
N SER C 221 -16.89 -30.80 40.26
CA SER C 221 -16.78 -29.54 39.53
C SER C 221 -15.66 -28.70 40.12
N ILE C 222 -14.71 -28.31 39.28
CA ILE C 222 -13.50 -27.63 39.70
C ILE C 222 -13.65 -26.13 39.48
N TYR C 223 -13.44 -25.36 40.54
CA TYR C 223 -13.51 -23.91 40.50
C TYR C 223 -12.21 -23.32 41.02
N TRP C 224 -11.98 -22.05 40.70
CA TRP C 224 -10.75 -21.37 41.07
C TRP C 224 -11.04 -19.96 41.57
N THR C 225 -10.24 -19.52 42.54
CA THR C 225 -10.31 -18.18 43.09
C THR C 225 -8.92 -17.58 43.16
N ILE C 226 -8.79 -16.32 42.75
CA ILE C 226 -7.52 -15.61 42.73
C ILE C 226 -7.55 -14.56 43.83
N VAL C 227 -6.60 -14.65 44.75
CA VAL C 227 -6.55 -13.77 45.91
C VAL C 227 -5.39 -12.81 45.72
N LYS C 228 -5.70 -11.53 45.53
CA LYS C 228 -4.71 -10.49 45.34
C LYS C 228 -4.04 -10.11 46.65
N PRO C 229 -2.86 -9.48 46.59
CA PRO C 229 -2.24 -8.96 47.79
C PRO C 229 -3.21 -8.17 48.65
N GLY C 230 -3.15 -8.43 49.96
CA GLY C 230 -3.99 -7.73 50.91
C GLY C 230 -5.40 -8.28 51.04
N ASP C 231 -5.74 -9.33 50.31
CA ASP C 231 -7.08 -9.88 50.35
C ASP C 231 -7.12 -11.09 51.30
N VAL C 232 -8.32 -11.53 51.65
CA VAL C 232 -8.50 -12.69 52.53
C VAL C 232 -9.43 -13.68 51.85
N LEU C 233 -9.10 -14.96 51.96
CA LEU C 233 -9.93 -16.03 51.41
C LEU C 233 -10.67 -16.71 52.55
N VAL C 234 -12.00 -16.77 52.44
CA VAL C 234 -12.84 -17.46 53.40
C VAL C 234 -13.63 -18.53 52.67
N ILE C 235 -13.55 -19.77 53.16
CA ILE C 235 -14.25 -20.90 52.58
C ILE C 235 -15.27 -21.36 53.60
N ASN C 236 -16.55 -21.23 53.24
CA ASN C 236 -17.64 -21.69 54.09
C ASN C 236 -18.40 -22.77 53.33
N SER C 237 -18.53 -23.94 53.95
CA SER C 237 -19.15 -25.08 53.30
C SER C 237 -19.95 -25.87 54.33
N ASN C 238 -21.22 -26.09 54.02
CA ASN C 238 -22.08 -26.96 54.80
C ASN C 238 -21.88 -28.42 54.38
N GLY C 239 -21.43 -28.65 53.16
CA GLY C 239 -21.13 -29.99 52.69
C GLY C 239 -20.63 -29.95 51.27
N ASN C 240 -20.14 -31.10 50.81
CA ASN C 240 -19.75 -31.31 49.41
C ASN C 240 -18.59 -30.40 49.01
N LEU C 241 -17.52 -30.42 49.79
CA LEU C 241 -16.39 -29.53 49.57
C LEU C 241 -15.13 -30.34 49.30
N ILE C 242 -14.51 -30.08 48.15
CA ILE C 242 -13.18 -30.59 47.83
C ILE C 242 -12.19 -29.47 48.14
N ALA C 243 -11.56 -29.54 49.30
CA ALA C 243 -10.81 -28.41 49.81
C ALA C 243 -9.48 -28.27 49.09
N PRO C 244 -8.93 -27.06 49.04
CA PRO C 244 -7.57 -26.88 48.52
C PRO C 244 -6.53 -27.05 49.62
N ARG C 245 -5.39 -27.62 49.23
CA ARG C 245 -4.29 -27.83 50.15
C ARG C 245 -3.29 -26.69 50.14
N GLY C 246 -3.46 -25.70 49.28
CA GLY C 246 -2.52 -24.59 49.20
C GLY C 246 -2.87 -23.68 48.05
N TYR C 247 -1.85 -23.05 47.48
CA TYR C 247 -2.05 -22.15 46.37
C TYR C 247 -0.97 -22.34 45.32
N PHE C 248 -1.33 -22.03 44.07
CA PHE C 248 -0.39 -21.99 42.97
C PHE C 248 0.06 -20.56 42.76
N LYS C 249 1.37 -20.34 42.79
CA LYS C 249 1.90 -19.01 42.53
C LYS C 249 1.59 -18.59 41.11
N MET C 250 1.27 -17.31 40.94
N MET C 250 1.27 -17.32 40.93
CA MET C 250 0.89 -16.76 39.65
CA MET C 250 0.90 -16.77 39.65
C MET C 250 1.98 -15.80 39.18
C MET C 250 1.97 -15.80 39.18
N ARG C 251 2.48 -16.02 37.96
CA ARG C 251 3.46 -15.13 37.36
C ARG C 251 2.98 -14.70 35.99
N THR C 252 3.39 -13.50 35.59
CA THR C 252 3.10 -12.95 34.29
C THR C 252 4.35 -12.99 33.43
N GLY C 253 4.25 -13.58 32.26
CA GLY C 253 5.39 -13.74 31.39
C GLY C 253 5.01 -14.11 29.98
N LYS C 254 5.88 -14.90 29.35
CA LYS C 254 5.75 -15.28 27.96
C LYS C 254 5.27 -16.73 27.78
N SER C 255 4.84 -17.38 28.86
CA SER C 255 4.46 -18.77 28.79
C SER C 255 3.11 -18.93 28.10
N SER C 256 2.97 -20.05 27.39
CA SER C 256 1.75 -20.35 26.66
C SER C 256 1.62 -21.86 26.55
N ILE C 257 0.68 -22.31 25.74
CA ILE C 257 0.38 -23.73 25.56
C ILE C 257 0.17 -23.99 24.07
N MET C 258 0.35 -25.25 23.69
CA MET C 258 0.24 -25.65 22.30
C MET C 258 -0.18 -27.11 22.23
N ARG C 259 -1.03 -27.42 21.27
CA ARG C 259 -1.44 -28.79 21.00
C ARG C 259 -0.72 -29.27 19.75
N SER C 260 0.13 -30.28 19.89
CA SER C 260 0.91 -30.78 18.78
C SER C 260 1.32 -32.22 19.06
N ASP C 261 1.66 -32.93 18.00
CA ASP C 261 2.18 -34.29 18.11
C ASP C 261 3.61 -34.41 17.60
N ALA C 262 4.27 -33.29 17.33
CA ALA C 262 5.61 -33.33 16.78
C ALA C 262 6.62 -33.72 17.86
N PRO C 263 7.68 -34.44 17.50
CA PRO C 263 8.71 -34.80 18.48
C PRO C 263 9.56 -33.60 18.87
N ILE C 264 10.44 -33.83 19.83
CA ILE C 264 11.34 -32.81 20.37
C ILE C 264 12.77 -33.20 19.99
N ASP C 265 13.49 -32.25 19.40
CA ASP C 265 14.87 -32.49 19.00
C ASP C 265 15.75 -31.34 19.48
N THR C 266 16.99 -31.67 19.82
CA THR C 266 17.95 -30.66 20.28
C THR C 266 18.38 -29.80 19.11
N CYS C 267 17.85 -28.58 19.05
CA CYS C 267 18.17 -27.63 18.00
C CYS C 267 17.79 -26.23 18.49
N ILE C 268 18.07 -25.23 17.67
CA ILE C 268 17.78 -23.84 17.99
C ILE C 268 16.79 -23.31 16.97
N SER C 269 15.63 -22.87 17.43
CA SER C 269 14.65 -22.23 16.57
C SER C 269 13.80 -21.28 17.41
N GLU C 270 13.56 -20.10 16.86
CA GLU C 270 12.81 -19.08 17.56
C GLU C 270 11.31 -19.14 17.31
N CYS C 271 10.86 -19.99 16.39
CA CYS C 271 9.45 -20.10 16.04
C CYS C 271 9.02 -21.55 16.17
N ILE C 272 7.91 -21.78 16.85
CA ILE C 272 7.36 -23.12 17.04
C ILE C 272 5.94 -23.13 16.51
N THR C 273 5.61 -24.13 15.71
CA THR C 273 4.28 -24.38 15.20
C THR C 273 3.91 -25.83 15.50
N PRO C 274 2.61 -26.14 15.56
CA PRO C 274 2.22 -27.54 15.79
C PRO C 274 2.76 -28.50 14.73
N ASN C 275 3.03 -28.02 13.52
CA ASN C 275 3.66 -28.85 12.50
C ASN C 275 5.17 -28.97 12.70
N GLY C 276 5.74 -28.21 13.63
CA GLY C 276 7.16 -28.21 13.91
C GLY C 276 7.70 -26.81 13.91
N SER C 277 8.97 -26.67 14.26
CA SER C 277 9.63 -25.38 14.28
C SER C 277 10.01 -24.98 12.86
N ILE C 278 9.86 -23.69 12.56
CA ILE C 278 10.10 -23.19 11.22
C ILE C 278 11.09 -22.03 11.28
N PRO C 279 11.88 -21.81 10.23
CA PRO C 279 12.80 -20.67 10.23
C PRO C 279 12.03 -19.36 10.12
N ASN C 280 12.68 -18.29 10.60
CA ASN C 280 12.06 -16.97 10.63
C ASN C 280 12.70 -15.98 9.66
N ASP C 281 13.53 -16.46 8.74
CA ASP C 281 14.20 -15.55 7.81
C ASP C 281 13.20 -14.88 6.88
N LYS C 282 12.26 -15.64 6.32
CA LYS C 282 11.27 -15.08 5.43
C LYS C 282 10.16 -14.39 6.21
N PRO C 283 9.57 -13.32 5.66
CA PRO C 283 8.56 -12.56 6.42
C PRO C 283 7.20 -13.22 6.50
N PHE C 284 6.90 -14.24 5.69
CA PHE C 284 5.60 -14.86 5.68
C PHE C 284 5.75 -16.38 5.74
N GLN C 285 4.72 -17.04 6.27
CA GLN C 285 4.68 -18.48 6.29
C GLN C 285 3.25 -18.94 6.01
N ASN C 286 3.13 -20.16 5.52
CA ASN C 286 1.85 -20.76 5.16
C ASN C 286 1.72 -22.12 5.82
N VAL C 287 2.51 -22.34 6.86
CA VAL C 287 2.59 -23.65 7.51
C VAL C 287 1.40 -23.83 8.44
N ASN C 288 1.22 -22.91 9.37
CA ASN C 288 0.11 -22.99 10.31
C ASN C 288 -0.15 -21.61 10.90
N LYS C 289 -1.40 -21.36 11.29
CA LYS C 289 -1.75 -20.10 11.92
C LYS C 289 -1.50 -20.10 13.42
N ILE C 290 -1.24 -21.25 14.02
CA ILE C 290 -0.87 -21.33 15.43
C ILE C 290 0.64 -21.23 15.50
N THR C 291 1.14 -20.17 16.12
CA THR C 291 2.56 -19.91 16.21
C THR C 291 2.94 -19.55 17.64
N TYR C 292 4.21 -19.75 17.97
CA TYR C 292 4.77 -19.28 19.22
C TYR C 292 6.15 -18.67 18.94
N GLY C 293 6.40 -17.51 19.53
CA GLY C 293 7.69 -16.87 19.39
C GLY C 293 7.78 -15.97 18.18
N ALA C 294 9.01 -15.62 17.85
CA ALA C 294 9.29 -14.76 16.68
C ALA C 294 9.01 -15.57 15.42
N CYS C 295 7.86 -15.33 14.82
CA CYS C 295 7.40 -16.12 13.69
C CYS C 295 7.03 -15.23 12.53
N PRO C 296 7.14 -15.72 11.31
CA PRO C 296 6.60 -14.99 10.16
C PRO C 296 5.07 -14.97 10.21
N LYS C 297 4.50 -13.95 9.62
CA LYS C 297 3.05 -13.81 9.61
C LYS C 297 2.41 -14.86 8.70
N TYR C 298 1.25 -15.33 9.11
CA TYR C 298 0.53 -16.35 8.34
C TYR C 298 -0.18 -15.72 7.16
N VAL C 299 -0.04 -16.35 5.99
CA VAL C 299 -0.67 -15.89 4.78
C VAL C 299 -1.34 -17.07 4.08
N LYS C 300 -2.31 -16.78 3.23
CA LYS C 300 -2.98 -17.81 2.47
C LYS C 300 -2.21 -18.25 1.22
N GLN C 301 -1.24 -17.45 0.79
CA GLN C 301 -0.56 -17.74 -0.47
C GLN C 301 0.53 -18.78 -0.29
N SER C 302 0.58 -19.75 -1.19
CA SER C 302 1.60 -20.79 -1.13
C SER C 302 2.95 -20.28 -1.61
N THR C 303 2.96 -19.35 -2.57
CA THR C 303 4.20 -18.79 -3.07
C THR C 303 4.07 -17.27 -3.19
N LEU C 304 5.20 -16.60 -2.97
CA LEU C 304 5.31 -15.15 -3.13
C LEU C 304 6.77 -14.85 -3.45
N LYS C 305 7.06 -14.63 -4.72
CA LYS C 305 8.43 -14.40 -5.16
C LYS C 305 8.70 -12.90 -5.28
N LEU C 306 9.83 -12.47 -4.75
CA LEU C 306 10.27 -11.08 -4.83
C LEU C 306 11.43 -10.98 -5.81
N ALA C 307 11.32 -10.07 -6.77
CA ALA C 307 12.32 -9.94 -7.81
C ALA C 307 13.60 -9.35 -7.24
N THR C 308 14.72 -10.03 -7.48
CA THR C 308 16.05 -9.54 -7.09
C THR C 308 16.95 -9.35 -8.30
N GLY C 309 16.37 -9.23 -9.49
CA GLY C 309 17.11 -8.95 -10.70
C GLY C 309 16.29 -8.04 -11.60
N MET C 310 16.65 -8.02 -12.87
CA MET C 310 15.94 -7.22 -13.86
C MET C 310 15.12 -8.14 -14.76
N ARG C 311 14.39 -7.52 -15.68
CA ARG C 311 13.59 -8.26 -16.63
C ARG C 311 14.48 -9.10 -17.52
N ASN C 312 14.10 -10.36 -17.72
CA ASN C 312 14.88 -11.30 -18.51
C ASN C 312 14.40 -11.26 -19.94
N VAL C 313 15.24 -10.78 -20.84
CA VAL C 313 14.97 -10.85 -22.27
C VAL C 313 16.02 -11.78 -22.88
N PRO C 314 15.70 -13.05 -23.05
CA PRO C 314 16.70 -14.01 -23.53
C PRO C 314 17.08 -13.76 -24.98
N GLU C 315 18.18 -14.38 -25.38
CA GLU C 315 18.70 -14.23 -26.74
C GLU C 315 18.03 -15.22 -27.68
N LYS C 316 18.11 -14.91 -28.97
CA LYS C 316 17.63 -15.80 -30.01
C LYS C 316 18.75 -16.16 -30.98
N VAL D 1 -22.02 14.90 -30.30
CA VAL D 1 -21.51 16.14 -30.88
C VAL D 1 -22.41 16.59 -32.00
N GLN D 2 -23.40 17.44 -31.67
CA GLN D 2 -24.40 17.84 -32.63
C GLN D 2 -24.72 19.32 -32.46
N LEU D 3 -25.34 19.89 -33.50
CA LEU D 3 -25.88 21.23 -33.46
C LEU D 3 -27.34 21.20 -33.91
N VAL D 4 -28.23 21.72 -33.07
CA VAL D 4 -29.66 21.72 -33.34
C VAL D 4 -30.12 23.16 -33.48
N GLN D 5 -30.84 23.44 -34.56
CA GLN D 5 -31.27 24.78 -34.92
C GLN D 5 -32.77 24.93 -34.68
N SER D 6 -33.29 26.10 -35.06
CA SER D 6 -34.69 26.43 -34.89
C SER D 6 -35.48 26.02 -36.14
N GLY D 7 -36.73 26.46 -36.23
CA GLY D 7 -37.59 26.14 -37.36
C GLY D 7 -37.61 27.24 -38.41
N ALA D 8 -38.42 27.01 -39.43
CA ALA D 8 -38.55 27.95 -40.53
C ALA D 8 -39.21 29.24 -40.07
N GLU D 9 -38.84 30.35 -40.71
CA GLU D 9 -39.38 31.67 -40.37
C GLU D 9 -39.82 32.36 -41.65
N MET D 10 -41.10 32.72 -41.72
CA MET D 10 -41.67 33.38 -42.89
C MET D 10 -41.72 34.89 -42.67
N LYS D 11 -40.55 35.47 -42.41
CA LYS D 11 -40.48 36.89 -42.08
C LYS D 11 -40.73 37.75 -43.32
N LYS D 12 -41.36 38.90 -43.08
CA LYS D 12 -41.68 39.85 -44.14
C LYS D 12 -40.47 40.73 -44.46
N PRO D 13 -40.43 41.33 -45.64
CA PRO D 13 -39.30 42.21 -45.99
C PRO D 13 -39.22 43.40 -45.06
N GLY D 14 -38.00 43.90 -44.88
CA GLY D 14 -37.75 45.00 -43.96
C GLY D 14 -37.99 44.65 -42.52
N ALA D 15 -37.51 43.48 -42.07
CA ALA D 15 -37.73 43.01 -40.72
C ALA D 15 -36.43 42.39 -40.22
N SER D 16 -36.52 41.67 -39.10
CA SER D 16 -35.36 41.06 -38.47
C SER D 16 -35.65 39.59 -38.22
N VAL D 17 -34.63 38.75 -38.40
CA VAL D 17 -34.74 37.31 -38.24
C VAL D 17 -33.61 36.84 -37.33
N LYS D 18 -33.96 36.01 -36.34
CA LYS D 18 -33.00 35.46 -35.41
C LYS D 18 -33.01 33.94 -35.53
N VAL D 19 -31.89 33.37 -35.95
CA VAL D 19 -31.73 31.93 -36.09
C VAL D 19 -30.79 31.45 -35.00
N SER D 20 -31.19 30.41 -34.28
CA SER D 20 -30.43 29.92 -33.15
C SER D 20 -29.77 28.58 -33.49
N CYS D 21 -28.70 28.27 -32.77
CA CYS D 21 -27.97 27.02 -32.94
C CYS D 21 -27.49 26.57 -31.57
N LYS D 22 -28.03 25.46 -31.07
CA LYS D 22 -27.69 24.94 -29.75
C LYS D 22 -26.66 23.82 -29.90
N ALA D 23 -25.62 23.89 -29.08
CA ALA D 23 -24.52 22.93 -29.13
C ALA D 23 -24.68 21.89 -28.03
N SER D 24 -24.62 20.62 -28.41
CA SER D 24 -24.65 19.52 -27.46
C SER D 24 -23.56 18.51 -27.82
N GLY D 25 -22.98 17.91 -26.79
CA GLY D 25 -21.96 16.91 -26.97
C GLY D 25 -20.53 17.42 -26.95
N TYR D 26 -20.33 18.73 -26.91
CA TYR D 26 -18.99 19.30 -26.87
C TYR D 26 -19.04 20.61 -26.11
N THR D 27 -17.87 21.05 -25.64
CA THR D 27 -17.78 22.29 -24.89
C THR D 27 -18.05 23.46 -25.81
N PHE D 28 -19.17 24.15 -25.59
CA PHE D 28 -19.61 25.19 -26.51
C PHE D 28 -18.61 26.34 -26.58
N SER D 29 -18.05 26.73 -25.45
CA SER D 29 -17.15 27.87 -25.38
C SER D 29 -15.75 27.55 -25.87
N ALA D 30 -15.55 26.41 -26.53
CA ALA D 30 -14.21 25.98 -26.92
C ALA D 30 -13.93 26.05 -28.41
N TYR D 31 -14.96 26.20 -29.24
CA TYR D 31 -14.77 26.26 -30.68
C TYR D 31 -15.56 27.41 -31.27
N TYR D 32 -15.08 27.91 -32.40
CA TYR D 32 -15.81 28.92 -33.14
C TYR D 32 -17.08 28.33 -33.74
N ILE D 33 -18.08 29.18 -33.93
CA ILE D 33 -19.33 28.81 -34.59
C ILE D 33 -19.43 29.64 -35.86
N HIS D 34 -19.58 28.97 -36.99
CA HIS D 34 -19.67 29.63 -38.29
C HIS D 34 -21.11 29.59 -38.79
N TRP D 35 -21.46 30.55 -39.64
CA TRP D 35 -22.79 30.65 -40.23
C TRP D 35 -22.65 30.70 -41.75
N VAL D 36 -23.28 29.76 -42.43
CA VAL D 36 -23.26 29.69 -43.88
C VAL D 36 -24.68 29.77 -44.41
N ARG D 37 -24.81 30.34 -45.60
CA ARG D 37 -26.09 30.54 -46.24
C ARG D 37 -26.09 29.88 -47.61
N GLN D 38 -27.21 29.26 -47.97
CA GLN D 38 -27.36 28.59 -49.25
C GLN D 38 -28.66 29.04 -49.91
N ALA D 39 -28.54 29.89 -50.93
CA ALA D 39 -29.71 30.35 -51.66
C ALA D 39 -30.36 29.16 -52.37
N PRO D 40 -31.68 29.20 -52.57
CA PRO D 40 -32.38 28.04 -53.16
C PRO D 40 -31.90 27.76 -54.58
N GLY D 41 -31.26 26.62 -54.76
CA GLY D 41 -30.72 26.23 -56.05
C GLY D 41 -29.32 26.71 -56.33
N GLN D 42 -28.71 27.48 -55.43
CA GLN D 42 -27.37 28.02 -55.61
C GLN D 42 -26.45 27.44 -54.54
N GLY D 43 -25.18 27.85 -54.61
CA GLY D 43 -24.17 27.30 -53.74
C GLY D 43 -24.13 27.95 -52.37
N LEU D 44 -23.29 27.41 -51.51
CA LEU D 44 -23.15 27.93 -50.16
C LEU D 44 -22.46 29.29 -50.17
N GLU D 45 -22.74 30.08 -49.15
CA GLU D 45 -22.19 31.43 -49.03
C GLU D 45 -21.85 31.68 -47.58
N TRP D 46 -20.57 31.90 -47.30
CA TRP D 46 -20.13 32.18 -45.94
C TRP D 46 -20.66 33.54 -45.49
N MET D 47 -21.03 33.62 -44.22
CA MET D 47 -21.54 34.86 -43.63
C MET D 47 -20.61 35.43 -42.57
N GLY D 48 -20.25 34.64 -41.57
CA GLY D 48 -19.37 35.13 -40.53
C GLY D 48 -19.10 34.05 -39.50
N ARG D 49 -18.46 34.45 -38.41
CA ARG D 49 -18.13 33.54 -37.34
C ARG D 49 -18.13 34.30 -36.03
N ILE D 50 -18.30 33.57 -34.93
CA ILE D 50 -18.37 34.16 -33.59
C ILE D 50 -17.48 33.36 -32.65
N ASN D 51 -16.63 34.06 -31.90
CA ASN D 51 -15.84 33.42 -30.87
C ASN D 51 -16.72 33.20 -29.65
N THR D 52 -16.92 31.94 -29.28
CA THR D 52 -17.88 31.60 -28.24
C THR D 52 -17.39 31.93 -26.83
N ASP D 53 -16.13 32.31 -26.67
CA ASP D 53 -15.58 32.65 -25.37
C ASP D 53 -15.49 34.16 -25.17
N SER D 54 -14.77 34.85 -26.04
CA SER D 54 -14.56 36.29 -25.93
C SER D 54 -15.62 37.10 -26.67
N GLY D 55 -16.60 36.45 -27.27
CA GLY D 55 -17.64 37.15 -27.98
C GLY D 55 -17.21 37.85 -29.24
N GLY D 56 -15.96 37.65 -29.66
CA GLY D 56 -15.48 38.31 -30.86
C GLY D 56 -16.20 37.82 -32.10
N THR D 57 -16.23 38.67 -33.12
CA THR D 57 -17.00 38.37 -34.31
C THR D 57 -16.25 38.86 -35.54
N ASN D 58 -16.29 38.07 -36.61
CA ASN D 58 -15.66 38.40 -37.88
C ASN D 58 -16.64 38.10 -39.00
N PHE D 59 -17.17 39.16 -39.61
CA PHE D 59 -18.11 39.02 -40.72
C PHE D 59 -17.35 38.99 -42.04
N ALA D 60 -18.11 38.86 -43.12
CA ALA D 60 -17.59 39.05 -44.46
C ALA D 60 -17.90 40.47 -44.92
N GLN D 61 -17.10 40.97 -45.86
CA GLN D 61 -17.32 42.33 -46.33
C GLN D 61 -18.43 42.34 -47.37
N GLN D 62 -19.54 41.66 -47.05
CA GLN D 62 -20.78 41.73 -47.81
C GLN D 62 -22.00 41.77 -46.91
N PHE D 63 -21.86 41.41 -45.63
CA PHE D 63 -22.96 41.41 -44.68
C PHE D 63 -22.76 42.42 -43.56
N GLU D 64 -21.76 43.30 -43.69
CA GLU D 64 -21.50 44.29 -42.65
C GLU D 64 -22.67 45.26 -42.55
N GLY D 65 -23.03 45.60 -41.31
CA GLY D 65 -24.14 46.50 -41.07
C GLY D 65 -25.51 45.87 -41.13
N ARG D 66 -25.58 44.56 -41.36
CA ARG D 66 -26.86 43.87 -41.43
C ARG D 66 -26.95 42.62 -40.56
N VAL D 67 -25.82 42.03 -40.18
CA VAL D 67 -25.81 40.81 -39.37
C VAL D 67 -25.09 41.07 -38.07
N THR D 68 -25.67 40.56 -36.98
CA THR D 68 -25.02 40.55 -35.67
C THR D 68 -25.04 39.11 -35.15
N MET D 69 -24.04 38.77 -34.36
CA MET D 69 -23.93 37.45 -33.78
C MET D 69 -23.76 37.55 -32.27
N THR D 70 -24.48 36.70 -31.55
CA THR D 70 -24.43 36.67 -30.09
C THR D 70 -24.29 35.23 -29.61
N ARG D 71 -23.84 35.09 -28.37
CA ARG D 71 -23.62 33.80 -27.75
C ARG D 71 -24.33 33.75 -26.40
N ASP D 72 -24.62 32.54 -25.96
CA ASP D 72 -25.22 32.31 -24.64
C ASP D 72 -24.58 31.05 -24.06
N THR D 73 -23.55 31.23 -23.24
CA THR D 73 -22.84 30.11 -22.66
C THR D 73 -23.64 29.38 -21.60
N SER D 74 -24.62 30.05 -20.98
CA SER D 74 -25.44 29.39 -19.97
C SER D 74 -26.24 28.24 -20.56
N ILE D 75 -26.80 28.43 -21.75
CA ILE D 75 -27.59 27.41 -22.43
C ILE D 75 -26.87 26.85 -23.65
N SER D 76 -25.64 27.31 -23.93
CA SER D 76 -24.83 26.81 -25.04
C SER D 76 -25.57 26.99 -26.38
N THR D 77 -25.86 28.24 -26.70
CA THR D 77 -26.59 28.55 -27.92
C THR D 77 -26.03 29.84 -28.53
N ALA D 78 -25.78 29.82 -29.83
CA ALA D 78 -25.31 30.99 -30.56
C ALA D 78 -26.43 31.48 -31.47
N TYR D 79 -26.66 32.79 -31.48
CA TYR D 79 -27.73 33.42 -32.25
C TYR D 79 -27.15 34.24 -33.39
N MET D 80 -27.87 34.28 -34.50
CA MET D 80 -27.55 35.14 -35.63
C MET D 80 -28.77 35.97 -35.96
N GLU D 81 -28.64 37.30 -35.89
CA GLU D 81 -29.72 38.22 -36.17
C GLU D 81 -29.38 38.99 -37.44
N LEU D 82 -30.23 38.85 -38.45
CA LEU D 82 -30.04 39.52 -39.73
C LEU D 82 -31.18 40.50 -39.96
N SER D 83 -30.83 41.76 -40.18
CA SER D 83 -31.81 42.84 -40.35
C SER D 83 -31.90 43.23 -41.82
N SER D 84 -32.91 44.04 -42.12
CA SER D 84 -33.15 44.57 -43.46
C SER D 84 -33.32 43.43 -44.47
N LEU D 85 -34.20 42.49 -44.13
CA LEU D 85 -34.46 41.36 -44.99
C LEU D 85 -35.03 41.80 -46.34
N ARG D 86 -34.65 41.09 -47.39
CA ARG D 86 -35.15 41.37 -48.74
C ARG D 86 -35.35 40.05 -49.47
N SER D 87 -35.75 40.16 -50.73
CA SER D 87 -36.04 38.96 -51.51
C SER D 87 -34.79 38.12 -51.72
N ASP D 88 -33.65 38.77 -51.97
CA ASP D 88 -32.40 38.05 -52.18
C ASP D 88 -31.88 37.37 -50.91
N ASP D 89 -32.46 37.69 -49.75
CA ASP D 89 -32.02 37.12 -48.49
C ASP D 89 -32.78 35.87 -48.10
N THR D 90 -33.62 35.34 -48.98
CA THR D 90 -34.33 34.10 -48.70
C THR D 90 -33.43 32.92 -49.03
N ALA D 91 -33.13 32.10 -48.03
CA ALA D 91 -32.22 30.98 -48.20
C ALA D 91 -32.33 30.06 -46.98
N VAL D 92 -31.48 29.04 -46.95
CA VAL D 92 -31.38 28.13 -45.81
C VAL D 92 -30.10 28.46 -45.06
N TYR D 93 -30.21 28.70 -43.77
CA TYR D 93 -29.11 29.18 -42.95
C TYR D 93 -28.57 28.06 -42.08
N TYR D 94 -27.27 27.85 -42.14
CA TYR D 94 -26.60 26.74 -41.49
C TYR D 94 -25.69 27.24 -40.39
N CYS D 95 -25.58 26.46 -39.33
CA CYS D 95 -24.59 26.67 -38.29
C CYS D 95 -23.62 25.49 -38.29
N ALA D 96 -22.33 25.79 -38.30
CA ALA D 96 -21.30 24.76 -38.30
C ALA D 96 -20.24 25.12 -37.28
N ARG D 97 -19.70 24.10 -36.63
CA ARG D 97 -18.58 24.28 -35.72
C ARG D 97 -17.28 24.24 -36.52
N GLY D 98 -16.46 25.25 -36.35
CA GLY D 98 -15.18 25.31 -37.02
C GLY D 98 -14.08 24.65 -36.21
N TYR D 99 -13.53 23.56 -36.72
CA TYR D 99 -12.42 22.87 -36.08
C TYR D 99 -11.13 23.31 -36.76
N ASP D 100 -10.33 24.09 -36.06
CA ASP D 100 -9.00 24.43 -36.53
C ASP D 100 -8.06 23.24 -36.37
N PHE D 101 -7.03 23.22 -37.19
CA PHE D 101 -6.04 22.15 -37.22
C PHE D 101 -4.73 22.70 -36.64
N TRP D 102 -4.48 22.41 -35.37
CA TRP D 102 -3.34 22.96 -34.65
C TRP D 102 -2.17 22.00 -34.73
N LEU D 103 -1.10 22.42 -35.39
CA LEU D 103 0.13 21.63 -35.48
C LEU D 103 1.15 22.16 -34.48
N GLY D 104 0.81 22.00 -33.20
CA GLY D 104 1.69 22.44 -32.15
C GLY D 104 1.47 23.88 -31.74
N SER D 105 2.30 24.79 -32.27
CA SER D 105 2.20 26.19 -31.93
C SER D 105 1.41 27.01 -32.95
N TYR D 106 1.26 26.51 -34.17
CA TYR D 106 0.58 27.23 -35.23
C TYR D 106 -0.54 26.39 -35.81
N ARG D 107 -1.54 27.07 -36.35
CA ARG D 107 -2.70 26.41 -36.94
C ARG D 107 -2.56 26.39 -38.46
N ALA D 108 -3.03 25.30 -39.06
CA ALA D 108 -2.91 25.10 -40.51
C ALA D 108 -4.21 24.44 -40.99
N GLY D 109 -5.15 25.27 -41.41
CA GLY D 109 -6.39 24.77 -41.98
C GLY D 109 -7.35 24.21 -40.95
N GLY D 110 -8.34 23.51 -41.48
CA GLY D 110 -9.39 22.92 -40.65
C GLY D 110 -10.57 22.51 -41.51
N TRP D 111 -11.72 22.41 -40.86
CA TRP D 111 -12.94 22.01 -41.54
C TRP D 111 -14.14 22.47 -40.71
N PHE D 112 -15.33 22.26 -41.26
CA PHE D 112 -16.59 22.56 -40.59
C PHE D 112 -17.22 21.24 -40.19
N ASP D 113 -17.27 20.98 -38.88
CA ASP D 113 -17.92 19.79 -38.36
C ASP D 113 -18.17 19.96 -36.87
N PRO D 114 -19.38 19.67 -36.38
CA PRO D 114 -20.57 19.22 -37.10
C PRO D 114 -21.34 20.36 -37.76
N TRP D 115 -22.30 20.03 -38.61
CA TRP D 115 -23.18 20.99 -39.23
C TRP D 115 -24.56 20.90 -38.61
N GLY D 116 -25.29 22.00 -38.65
CA GLY D 116 -26.67 22.00 -38.23
C GLY D 116 -27.59 21.46 -39.31
N GLN D 117 -28.86 21.29 -38.95
CA GLN D 117 -29.83 20.76 -39.88
C GLN D 117 -30.31 21.80 -40.89
N GLY D 118 -30.14 23.08 -40.60
CA GLY D 118 -30.55 24.13 -41.52
C GLY D 118 -31.96 24.64 -41.28
N THR D 119 -32.12 25.97 -41.34
CA THR D 119 -33.40 26.62 -41.18
C THR D 119 -33.72 27.41 -42.43
N LEU D 120 -34.94 27.26 -42.94
CA LEU D 120 -35.36 27.95 -44.15
C LEU D 120 -36.01 29.27 -43.75
N VAL D 121 -35.44 30.38 -44.21
CA VAL D 121 -35.99 31.71 -43.98
C VAL D 121 -36.53 32.23 -45.30
N THR D 122 -37.80 32.61 -45.30
CA THR D 122 -38.47 33.09 -46.51
C THR D 122 -38.91 34.53 -46.31
N VAL D 123 -38.62 35.37 -47.30
CA VAL D 123 -39.05 36.77 -47.29
C VAL D 123 -40.11 36.93 -48.37
N SER D 124 -41.32 37.30 -47.95
CA SER D 124 -42.43 37.48 -48.88
C SER D 124 -43.40 38.49 -48.30
N SER D 125 -44.20 39.07 -49.18
CA SER D 125 -45.20 40.05 -48.77
C SER D 125 -46.61 39.53 -48.98
N ILE E 2 -9.16 35.75 -51.96
CA ILE E 2 -9.10 34.47 -52.66
C ILE E 2 -10.49 34.05 -53.11
N VAL E 3 -10.64 33.82 -54.41
CA VAL E 3 -11.90 33.36 -54.99
C VAL E 3 -11.66 31.96 -55.55
N LEU E 4 -12.53 31.02 -55.18
CA LEU E 4 -12.40 29.64 -55.60
C LEU E 4 -13.38 29.36 -56.74
N THR E 5 -12.85 28.83 -57.84
CA THR E 5 -13.66 28.47 -58.99
C THR E 5 -13.52 26.98 -59.26
N GLN E 6 -14.62 26.38 -59.71
CA GLN E 6 -14.67 24.95 -59.97
C GLN E 6 -15.01 24.71 -61.43
N SER E 7 -14.28 23.77 -62.05
CA SER E 7 -14.53 23.37 -63.41
C SER E 7 -14.52 21.84 -63.45
N PRO E 8 -15.47 21.23 -64.16
CA PRO E 8 -16.59 21.81 -64.90
C PRO E 8 -17.77 22.13 -63.98
N GLY E 9 -18.77 22.84 -64.48
CA GLY E 9 -19.94 23.13 -63.65
C GLY E 9 -20.73 21.88 -63.30
N THR E 10 -20.92 20.99 -64.27
CA THR E 10 -21.62 19.74 -64.05
C THR E 10 -20.84 18.62 -64.71
N LEU E 11 -21.03 17.41 -64.19
CA LEU E 11 -20.39 16.21 -64.73
C LEU E 11 -21.45 15.14 -64.93
N SER E 12 -21.43 14.50 -66.10
CA SER E 12 -22.33 13.40 -66.41
C SER E 12 -21.47 12.15 -66.53
N LEU E 13 -21.52 11.30 -65.51
CA LEU E 13 -20.69 10.11 -65.45
C LEU E 13 -21.54 8.90 -65.08
N SER E 14 -21.22 7.76 -65.68
CA SER E 14 -21.89 6.52 -65.38
C SER E 14 -21.29 5.87 -64.15
N PRO E 15 -22.05 5.02 -63.45
CA PRO E 15 -21.49 4.33 -62.28
C PRO E 15 -20.30 3.46 -62.65
N GLY E 16 -19.33 3.43 -61.76
CA GLY E 16 -18.13 2.65 -61.97
C GLY E 16 -17.02 3.34 -62.74
N GLU E 17 -17.18 4.61 -63.06
CA GLU E 17 -16.19 5.37 -63.82
C GLU E 17 -15.51 6.39 -62.92
N ARG E 18 -14.30 6.78 -63.32
CA ARG E 18 -13.52 7.73 -62.54
C ARG E 18 -14.08 9.14 -62.70
N ALA E 19 -13.99 9.92 -61.63
CA ALA E 19 -14.45 11.30 -61.60
C ALA E 19 -13.29 12.20 -61.19
N THR E 20 -13.16 13.34 -61.86
CA THR E 20 -12.14 14.32 -61.53
C THR E 20 -12.78 15.71 -61.49
N LEU E 21 -12.82 16.29 -60.29
CA LEU E 21 -13.31 17.64 -60.10
C LEU E 21 -12.14 18.55 -59.73
N SER E 22 -12.14 19.76 -60.26
CA SER E 22 -11.02 20.68 -60.12
C SER E 22 -11.47 21.97 -59.47
N CYS E 23 -10.65 22.47 -58.55
CA CYS E 23 -10.86 23.75 -57.90
C CYS E 23 -9.65 24.63 -58.17
N ARG E 24 -9.87 25.79 -58.78
CA ARG E 24 -8.81 26.72 -59.11
C ARG E 24 -8.97 27.99 -58.28
N ALA E 25 -7.89 28.39 -57.60
CA ALA E 25 -7.92 29.56 -56.75
C ALA E 25 -7.44 30.79 -57.52
N SER E 26 -7.89 31.97 -57.06
CA SER E 26 -7.49 33.20 -57.71
C SER E 26 -5.98 33.43 -57.60
N GLN E 27 -5.41 33.17 -56.43
CA GLN E 27 -3.98 33.24 -56.21
C GLN E 27 -3.54 31.94 -55.54
N SER E 28 -2.23 31.83 -55.33
CA SER E 28 -1.69 30.64 -54.70
C SER E 28 -2.08 30.59 -53.22
N VAL E 29 -2.56 29.44 -52.77
CA VAL E 29 -2.95 29.24 -51.39
C VAL E 29 -2.26 27.98 -50.88
N SER E 30 -2.05 27.91 -49.58
CA SER E 30 -1.45 26.73 -48.99
C SER E 30 -2.38 25.54 -49.13
N SER E 31 -1.80 24.40 -49.47
CA SER E 31 -2.59 23.19 -49.67
C SER E 31 -3.24 22.71 -48.39
N SER E 32 -2.80 23.21 -47.25
CA SER E 32 -3.39 22.87 -45.96
C SER E 32 -4.67 23.63 -45.68
N TYR E 33 -5.15 24.44 -46.62
CA TYR E 33 -6.34 25.23 -46.43
C TYR E 33 -7.57 24.69 -47.17
N LEU E 34 -7.40 23.70 -48.03
CA LEU E 34 -8.46 23.27 -48.93
C LEU E 34 -9.20 22.05 -48.38
N ALA E 35 -10.52 22.11 -48.40
CA ALA E 35 -11.38 21.02 -47.99
C ALA E 35 -12.47 20.81 -49.03
N TRP E 36 -12.94 19.57 -49.13
CA TRP E 36 -13.98 19.20 -50.08
C TRP E 36 -15.21 18.72 -49.32
N TYR E 37 -16.39 19.15 -49.76
CA TYR E 37 -17.64 18.79 -49.11
C TYR E 37 -18.60 18.16 -50.11
N GLN E 38 -19.37 17.20 -49.62
CA GLN E 38 -20.44 16.56 -50.35
C GLN E 38 -21.78 17.05 -49.82
N GLN E 39 -22.69 17.41 -50.73
CA GLN E 39 -24.03 17.84 -50.33
C GLN E 39 -25.06 17.12 -51.19
N LYS E 40 -25.67 16.09 -50.63
CA LYS E 40 -26.82 15.47 -51.27
C LYS E 40 -28.06 16.34 -51.06
N PRO E 41 -29.03 16.27 -51.96
CA PRO E 41 -30.16 17.19 -51.89
C PRO E 41 -30.92 17.06 -50.57
N GLY E 42 -31.25 18.21 -49.98
CA GLY E 42 -31.99 18.23 -48.74
C GLY E 42 -31.22 17.86 -47.50
N GLN E 43 -29.90 17.96 -47.53
CA GLN E 43 -29.07 17.62 -46.38
C GLN E 43 -27.97 18.65 -46.20
N ALA E 44 -27.42 18.69 -44.99
CA ALA E 44 -26.29 19.55 -44.72
C ALA E 44 -25.03 18.97 -45.36
N PRO E 45 -24.07 19.82 -45.73
CA PRO E 45 -22.85 19.32 -46.36
C PRO E 45 -22.05 18.41 -45.43
N ARG E 46 -21.37 17.45 -46.03
CA ARG E 46 -20.57 16.47 -45.32
C ARG E 46 -19.11 16.62 -45.71
N LEU E 47 -18.23 16.63 -44.72
CA LEU E 47 -16.81 16.77 -44.98
C LEU E 47 -16.25 15.51 -45.62
N LEU E 48 -15.49 15.66 -46.69
CA LEU E 48 -14.90 14.56 -47.42
C LEU E 48 -13.39 14.49 -47.27
N ILE E 49 -12.70 15.58 -47.56
CA ILE E 49 -11.24 15.64 -47.56
C ILE E 49 -10.82 16.97 -46.97
N TYR E 50 -9.81 16.95 -46.10
CA TYR E 50 -9.23 18.16 -45.54
C TYR E 50 -7.72 18.14 -45.80
N GLY E 51 -7.16 19.34 -45.91
CA GLY E 51 -5.74 19.45 -46.19
C GLY E 51 -5.36 19.11 -47.61
N ALA E 52 -6.33 19.00 -48.51
CA ALA E 52 -6.18 18.70 -49.94
C ALA E 52 -5.69 17.29 -50.20
N SER E 53 -5.36 16.51 -49.17
CA SER E 53 -4.93 15.14 -49.38
C SER E 53 -5.49 14.14 -48.39
N SER E 54 -6.07 14.57 -47.27
CA SER E 54 -6.41 13.67 -46.18
C SER E 54 -7.93 13.49 -46.10
N ARG E 55 -8.35 12.24 -45.98
CA ARG E 55 -9.76 11.91 -45.84
C ARG E 55 -10.23 12.13 -44.41
N ALA E 56 -11.54 12.19 -44.24
CA ALA E 56 -12.14 12.38 -42.92
C ALA E 56 -12.14 11.04 -42.17
N THR E 57 -12.85 11.00 -41.04
CA THR E 57 -12.78 9.83 -40.17
C THR E 57 -13.46 8.61 -40.77
N GLY E 58 -14.56 8.80 -41.50
CA GLY E 58 -15.31 7.66 -41.99
C GLY E 58 -15.60 7.69 -43.47
N ILE E 59 -14.66 8.15 -44.27
CA ILE E 59 -14.85 8.33 -45.71
C ILE E 59 -14.16 7.18 -46.43
N PRO E 60 -14.81 6.53 -47.41
CA PRO E 60 -14.19 5.39 -48.08
C PRO E 60 -12.95 5.79 -48.86
N ASP E 61 -12.07 4.82 -49.06
CA ASP E 61 -10.78 5.02 -49.71
C ASP E 61 -10.89 5.28 -51.20
N ARG E 62 -12.09 5.42 -51.75
CA ARG E 62 -12.26 5.75 -53.15
C ARG E 62 -12.24 7.25 -53.42
N PHE E 63 -12.15 8.06 -52.37
CA PHE E 63 -12.02 9.51 -52.50
C PHE E 63 -10.55 9.88 -52.30
N ARG E 64 -9.96 10.48 -53.32
CA ARG E 64 -8.56 10.89 -53.26
C ARG E 64 -8.45 12.35 -53.66
N GLY E 65 -7.78 13.14 -52.84
CA GLY E 65 -7.55 14.54 -53.12
C GLY E 65 -6.07 14.80 -53.38
N SER E 66 -5.81 15.85 -54.16
CA SER E 66 -4.44 16.21 -54.49
C SER E 66 -4.44 17.65 -54.98
N GLY E 67 -3.24 18.21 -55.09
CA GLY E 67 -3.09 19.55 -55.62
C GLY E 67 -2.19 20.46 -54.80
N SER E 68 -1.62 21.47 -55.44
CA SER E 68 -0.75 22.42 -54.77
C SER E 68 -0.75 23.72 -55.55
N GLY E 69 -0.68 24.83 -54.82
CA GLY E 69 -0.64 26.14 -55.46
C GLY E 69 -2.02 26.69 -55.77
N THR E 70 -2.39 26.67 -57.05
CA THR E 70 -3.67 27.22 -57.48
C THR E 70 -4.62 26.17 -58.05
N ASP E 71 -4.16 24.94 -58.27
CA ASP E 71 -4.99 23.90 -58.84
C ASP E 71 -5.10 22.73 -57.87
N PHE E 72 -6.33 22.33 -57.56
CA PHE E 72 -6.59 21.21 -56.67
C PHE E 72 -7.65 20.30 -57.31
N THR E 73 -7.55 19.01 -57.02
CA THR E 73 -8.41 18.02 -57.64
C THR E 73 -8.99 17.09 -56.58
N LEU E 74 -10.17 16.56 -56.88
CA LEU E 74 -10.79 15.51 -56.10
C LEU E 74 -11.13 14.36 -57.04
N THR E 75 -10.74 13.15 -56.66
CA THR E 75 -10.89 11.99 -57.52
C THR E 75 -11.72 10.92 -56.83
N ILE E 76 -12.75 10.44 -57.53
CA ILE E 76 -13.55 9.30 -57.09
C ILE E 76 -13.21 8.15 -58.03
N SER E 77 -12.59 7.10 -57.48
CA SER E 77 -12.16 5.98 -58.30
C SER E 77 -13.34 5.29 -58.96
N ARG E 78 -14.22 4.70 -58.16
CA ARG E 78 -15.43 4.06 -58.65
C ARG E 78 -16.64 4.79 -58.07
N LEU E 79 -17.48 5.31 -58.95
CA LEU E 79 -18.64 6.09 -58.53
C LEU E 79 -19.74 5.15 -58.06
N GLU E 80 -19.83 4.94 -56.76
CA GLU E 80 -20.97 4.24 -56.19
C GLU E 80 -22.22 5.09 -56.36
N PRO E 81 -23.40 4.47 -56.35
CA PRO E 81 -24.63 5.23 -56.60
C PRO E 81 -24.84 6.39 -55.63
N GLU E 82 -24.38 6.28 -54.40
CA GLU E 82 -24.58 7.35 -53.42
C GLU E 82 -23.65 8.53 -53.65
N ASP E 83 -22.68 8.43 -54.55
CA ASP E 83 -21.69 9.47 -54.76
C ASP E 83 -22.12 10.50 -55.79
N PHE E 84 -23.42 10.67 -56.00
CA PHE E 84 -23.95 11.64 -56.96
C PHE E 84 -24.56 12.79 -56.17
N ALA E 85 -23.81 13.88 -56.08
CA ALA E 85 -24.23 15.04 -55.30
C ALA E 85 -23.48 16.26 -55.82
N VAL E 86 -23.53 17.34 -55.06
CA VAL E 86 -22.79 18.57 -55.37
C VAL E 86 -21.55 18.61 -54.51
N TYR E 87 -20.42 18.95 -55.11
CA TYR E 87 -19.13 18.93 -54.44
C TYR E 87 -18.58 20.35 -54.35
N TYR E 88 -18.13 20.73 -53.16
CA TYR E 88 -17.70 22.09 -52.87
C TYR E 88 -16.27 22.08 -52.36
N CYS E 89 -15.48 23.03 -52.85
CA CYS E 89 -14.12 23.25 -52.36
C CYS E 89 -14.12 24.49 -51.49
N GLN E 90 -13.59 24.36 -50.29
CA GLN E 90 -13.59 25.43 -49.30
C GLN E 90 -12.17 25.73 -48.86
N GLN E 91 -11.87 27.01 -48.69
CA GLN E 91 -10.64 27.45 -48.08
C GLN E 91 -10.90 27.74 -46.60
N TYR E 92 -10.02 27.23 -45.74
CA TYR E 92 -10.16 27.39 -44.30
C TYR E 92 -8.90 28.01 -43.74
N GLY E 93 -9.06 29.05 -42.92
CA GLY E 93 -7.95 29.61 -42.17
C GLY E 93 -6.98 30.44 -42.97
N SER E 94 -7.28 30.76 -44.22
CA SER E 94 -6.41 31.63 -44.99
C SER E 94 -6.34 33.02 -44.38
N SER E 95 -7.44 33.48 -43.79
CA SER E 95 -7.55 34.80 -43.21
C SER E 95 -8.73 34.79 -42.25
N PRO E 96 -8.79 35.74 -41.31
CA PRO E 96 -9.98 35.80 -40.45
C PRO E 96 -11.28 35.96 -41.21
N GLN E 97 -11.23 36.56 -42.40
CA GLN E 97 -12.40 36.66 -43.25
C GLN E 97 -12.44 35.62 -44.35
N GLY E 98 -11.41 34.77 -44.47
CA GLY E 98 -11.37 33.83 -45.56
C GLY E 98 -11.84 32.43 -45.20
N PHE E 99 -13.12 32.14 -45.49
CA PHE E 99 -13.68 30.81 -45.33
C PHE E 99 -14.65 30.50 -46.47
N THR E 100 -14.43 31.11 -47.63
CA THR E 100 -15.36 31.04 -48.73
C THR E 100 -15.37 29.66 -49.37
N PHE E 101 -16.47 29.37 -50.06
CA PHE E 101 -16.69 28.11 -50.76
C PHE E 101 -16.52 28.32 -52.26
N GLY E 102 -16.77 27.25 -53.02
CA GLY E 102 -16.78 27.31 -54.45
C GLY E 102 -18.17 27.19 -55.01
N PRO E 103 -18.32 27.45 -56.31
CA PRO E 103 -19.67 27.34 -56.93
C PRO E 103 -20.30 25.96 -56.80
N GLY E 104 -19.51 24.90 -56.92
CA GLY E 104 -20.03 23.56 -56.80
C GLY E 104 -20.07 22.83 -58.12
N THR E 105 -20.07 21.50 -58.04
CA THR E 105 -20.16 20.64 -59.21
C THR E 105 -21.03 19.43 -58.93
N VAL F 1 25.92 -24.91 -18.15
CA VAL F 1 25.89 -24.96 -19.60
C VAL F 1 26.90 -25.99 -20.09
N GLN F 2 26.40 -27.08 -20.66
CA GLN F 2 27.26 -28.16 -21.10
C GLN F 2 26.61 -28.90 -22.26
N LEU F 3 27.44 -29.62 -23.00
CA LEU F 3 27.00 -30.49 -24.09
C LEU F 3 27.58 -31.88 -23.85
N VAL F 4 26.73 -32.89 -23.79
CA VAL F 4 27.13 -34.26 -23.59
C VAL F 4 26.78 -35.05 -24.84
N GLN F 5 27.73 -35.82 -25.35
CA GLN F 5 27.58 -36.56 -26.59
C GLN F 5 27.36 -38.03 -26.31
N SER F 6 27.28 -38.81 -27.38
CA SER F 6 27.08 -40.24 -27.30
C SER F 6 28.42 -40.92 -27.00
N GLY F 7 28.45 -42.26 -27.07
CA GLY F 7 29.65 -43.02 -26.81
C GLY F 7 30.41 -43.39 -28.08
N ALA F 8 31.53 -44.06 -27.88
CA ALA F 8 32.37 -44.49 -28.98
C ALA F 8 31.67 -45.57 -29.80
N GLU F 9 31.84 -45.49 -31.13
CA GLU F 9 31.21 -46.42 -32.05
C GLU F 9 32.25 -46.96 -33.01
N MET F 10 32.38 -48.28 -33.06
CA MET F 10 33.31 -48.94 -33.98
C MET F 10 32.57 -49.45 -35.22
N LYS F 11 32.05 -48.51 -36.01
CA LYS F 11 31.33 -48.87 -37.22
C LYS F 11 32.28 -49.42 -38.28
N LYS F 12 31.72 -50.26 -39.15
CA LYS F 12 32.46 -50.85 -40.26
C LYS F 12 32.42 -49.94 -41.48
N PRO F 13 33.37 -50.10 -42.39
CA PRO F 13 33.38 -49.27 -43.60
C PRO F 13 32.13 -49.50 -44.44
N GLY F 14 31.73 -48.46 -45.16
CA GLY F 14 30.51 -48.51 -45.95
C GLY F 14 29.25 -48.59 -45.14
N ALA F 15 29.15 -47.80 -44.07
CA ALA F 15 27.99 -47.80 -43.19
C ALA F 15 27.68 -46.37 -42.80
N SER F 16 26.82 -46.21 -41.80
CA SER F 16 26.40 -44.89 -41.33
C SER F 16 26.53 -44.83 -39.81
N VAL F 17 26.86 -43.65 -39.30
CA VAL F 17 27.03 -43.44 -37.87
C VAL F 17 26.20 -42.23 -37.44
N LYS F 18 25.46 -42.39 -36.35
CA LYS F 18 24.65 -41.31 -35.78
C LYS F 18 25.21 -40.96 -34.42
N VAL F 19 25.63 -39.71 -34.26
CA VAL F 19 26.23 -39.21 -33.02
C VAL F 19 25.32 -38.14 -32.45
N SER F 20 24.93 -38.30 -31.19
CA SER F 20 24.01 -37.40 -30.53
C SER F 20 24.78 -36.38 -29.69
N CYS F 21 24.11 -35.27 -29.40
CA CYS F 21 24.68 -34.19 -28.59
C CYS F 21 23.55 -33.57 -27.79
N LYS F 22 23.50 -33.86 -26.49
CA LYS F 22 22.42 -33.42 -25.62
C LYS F 22 22.81 -32.12 -24.95
N ALA F 23 21.92 -31.13 -25.00
CA ALA F 23 22.17 -29.81 -24.46
C ALA F 23 21.41 -29.62 -23.16
N SER F 24 22.12 -29.27 -22.10
CA SER F 24 21.52 -29.00 -20.81
C SER F 24 22.12 -27.72 -20.23
N GLY F 25 21.24 -26.82 -19.79
CA GLY F 25 21.65 -25.58 -19.18
C GLY F 25 21.38 -24.33 -19.99
N TYR F 26 20.88 -24.46 -21.22
CA TYR F 26 20.56 -23.31 -22.04
C TYR F 26 19.43 -23.70 -22.99
N THR F 27 18.77 -22.69 -23.53
CA THR F 27 17.65 -22.93 -24.44
C THR F 27 18.19 -23.52 -25.73
N PHE F 28 17.84 -24.78 -26.00
CA PHE F 28 18.42 -25.51 -27.12
C PHE F 28 18.05 -24.87 -28.45
N SER F 29 16.82 -24.38 -28.57
CA SER F 29 16.32 -23.86 -29.84
C SER F 29 16.77 -22.43 -30.11
N ALA F 30 17.62 -21.85 -29.27
CA ALA F 30 18.02 -20.45 -29.44
C ALA F 30 19.42 -20.26 -29.99
N TYR F 31 20.20 -21.33 -30.12
CA TYR F 31 21.58 -21.23 -30.58
C TYR F 31 21.87 -22.30 -31.61
N TYR F 32 22.74 -21.97 -32.55
CA TYR F 32 23.17 -22.94 -33.54
C TYR F 32 24.05 -24.01 -32.89
N ILE F 33 24.09 -25.18 -33.51
CA ILE F 33 24.93 -26.29 -33.07
C ILE F 33 25.87 -26.63 -34.22
N HIS F 34 27.16 -26.67 -33.92
CA HIS F 34 28.19 -26.91 -34.92
C HIS F 34 28.88 -28.23 -34.65
N TRP F 35 29.33 -28.89 -35.71
CA TRP F 35 29.98 -30.19 -35.61
C TRP F 35 31.39 -30.06 -36.16
N VAL F 36 32.38 -30.36 -35.32
CA VAL F 36 33.79 -30.23 -35.68
C VAL F 36 34.46 -31.59 -35.53
N ARG F 37 35.29 -31.92 -36.51
CA ARG F 37 35.96 -33.21 -36.59
C ARG F 37 37.46 -33.02 -36.38
N GLN F 38 38.05 -33.87 -35.54
CA GLN F 38 39.48 -33.85 -35.29
C GLN F 38 40.04 -35.25 -35.51
N ALA F 39 40.79 -35.41 -36.59
CA ALA F 39 41.44 -36.68 -36.85
C ALA F 39 42.61 -36.89 -35.90
N PRO F 40 42.98 -38.14 -35.61
CA PRO F 40 44.13 -38.38 -34.74
C PRO F 40 45.42 -37.86 -35.34
N GLY F 41 46.05 -36.90 -34.66
CA GLY F 41 47.28 -36.30 -35.13
C GLY F 41 47.11 -35.15 -36.08
N GLN F 42 45.88 -34.73 -36.38
CA GLN F 42 45.61 -33.63 -37.28
C GLN F 42 44.82 -32.54 -36.56
N GLY F 43 44.53 -31.47 -37.29
CA GLY F 43 43.81 -30.35 -36.72
C GLY F 43 42.31 -30.51 -36.82
N LEU F 44 41.59 -29.51 -36.31
CA LEU F 44 40.14 -29.55 -36.34
C LEU F 44 39.63 -29.22 -37.73
N GLU F 45 38.49 -29.83 -38.08
CA GLU F 45 37.89 -29.68 -39.40
C GLU F 45 36.41 -29.40 -39.19
N TRP F 46 35.96 -28.24 -39.64
CA TRP F 46 34.55 -27.90 -39.53
C TRP F 46 33.73 -28.72 -40.51
N MET F 47 32.64 -29.30 -40.01
CA MET F 47 31.74 -30.10 -40.85
C MET F 47 30.46 -29.37 -41.20
N GLY F 48 29.78 -28.78 -40.21
CA GLY F 48 28.56 -28.06 -40.52
C GLY F 48 27.91 -27.51 -39.28
N ARG F 49 26.79 -26.82 -39.50
CA ARG F 49 25.99 -26.25 -38.43
C ARG F 49 24.52 -26.44 -38.76
N ILE F 50 23.71 -26.60 -37.72
CA ILE F 50 22.28 -26.84 -37.87
C ILE F 50 21.52 -25.79 -37.06
N ASN F 51 20.55 -25.15 -37.69
CA ASN F 51 19.68 -24.21 -36.99
C ASN F 51 18.67 -24.99 -36.18
N THR F 52 18.65 -24.76 -34.87
CA THR F 52 17.84 -25.56 -33.97
C THR F 52 16.39 -25.13 -33.91
N ASP F 53 16.02 -24.04 -34.59
CA ASP F 53 14.64 -23.58 -34.62
C ASP F 53 13.94 -23.96 -35.92
N SER F 54 14.48 -23.54 -37.06
CA SER F 54 13.87 -23.80 -38.35
C SER F 54 14.39 -25.06 -39.02
N GLY F 55 15.30 -25.78 -38.38
CA GLY F 55 15.87 -26.97 -38.99
C GLY F 55 16.84 -26.70 -40.11
N GLY F 56 17.18 -25.44 -40.36
CA GLY F 56 18.10 -25.14 -41.43
C GLY F 56 19.49 -25.67 -41.15
N THR F 57 20.17 -26.08 -42.22
CA THR F 57 21.49 -26.68 -42.12
C THR F 57 22.40 -26.06 -43.16
N ASN F 58 23.71 -26.05 -42.86
CA ASN F 58 24.72 -25.51 -43.75
C ASN F 58 26.00 -26.31 -43.55
N PHE F 59 26.44 -27.01 -44.60
CA PHE F 59 27.63 -27.83 -44.54
C PHE F 59 28.79 -27.13 -45.23
N ALA F 60 29.92 -27.83 -45.28
CA ALA F 60 31.07 -27.42 -46.07
C ALA F 60 30.99 -28.05 -47.45
N GLN F 61 31.67 -27.44 -48.42
CA GLN F 61 31.69 -28.02 -49.75
C GLN F 61 32.75 -29.11 -49.79
N GLN F 62 32.74 -29.96 -48.76
CA GLN F 62 33.54 -31.17 -48.70
C GLN F 62 32.77 -32.35 -48.12
N PHE F 63 31.64 -32.12 -47.45
CA PHE F 63 30.83 -33.17 -46.88
C PHE F 63 29.45 -33.24 -47.53
N GLU F 64 29.23 -32.49 -48.60
CA GLU F 64 27.93 -32.50 -49.27
C GLU F 64 27.63 -33.90 -49.82
N GLY F 65 26.41 -34.35 -49.58
CA GLY F 65 26.01 -35.67 -50.00
C GLY F 65 26.40 -36.79 -49.06
N ARG F 66 27.00 -36.49 -47.91
CA ARG F 66 27.39 -37.51 -46.95
C ARG F 66 26.93 -37.24 -45.53
N VAL F 67 26.57 -36.01 -45.17
CA VAL F 67 26.20 -35.66 -43.81
C VAL F 67 24.77 -35.15 -43.78
N THR F 68 23.96 -35.71 -42.89
CA THR F 68 22.64 -35.21 -42.59
C THR F 68 22.55 -34.90 -41.11
N MET F 69 22.01 -33.74 -40.79
CA MET F 69 21.91 -33.27 -39.42
C MET F 69 20.45 -32.98 -39.08
N THR F 70 20.00 -33.53 -37.96
CA THR F 70 18.62 -33.41 -37.53
C THR F 70 18.58 -32.94 -36.08
N ARG F 71 17.43 -32.38 -35.69
CA ARG F 71 17.25 -31.84 -34.35
C ARG F 71 16.01 -32.44 -33.72
N ASP F 72 15.98 -32.43 -32.39
CA ASP F 72 14.83 -32.89 -31.61
C ASP F 72 14.66 -31.94 -30.43
N THR F 73 13.83 -30.92 -30.60
CA THR F 73 13.66 -29.90 -29.58
C THR F 73 12.96 -30.42 -28.33
N SER F 74 12.20 -31.52 -28.46
CA SER F 74 11.52 -32.08 -27.29
C SER F 74 12.52 -32.58 -26.26
N ILE F 75 13.57 -33.26 -26.71
CA ILE F 75 14.59 -33.81 -25.83
C ILE F 75 15.87 -33.01 -25.85
N SER F 76 15.95 -31.96 -26.67
CA SER F 76 17.11 -31.07 -26.73
C SER F 76 18.38 -31.85 -27.07
N THR F 77 18.39 -32.43 -28.27
CA THR F 77 19.54 -33.19 -28.75
C THR F 77 19.72 -32.95 -30.23
N ALA F 78 20.97 -32.76 -30.65
CA ALA F 78 21.32 -32.56 -32.06
C ALA F 78 22.02 -33.80 -32.57
N TYR F 79 21.56 -34.32 -33.72
CA TYR F 79 22.10 -35.53 -34.31
C TYR F 79 22.87 -35.21 -35.58
N MET F 80 24.04 -35.82 -35.72
CA MET F 80 24.83 -35.77 -36.94
C MET F 80 24.89 -37.17 -37.51
N GLU F 81 24.47 -37.34 -38.76
CA GLU F 81 24.48 -38.63 -39.43
C GLU F 81 25.40 -38.55 -40.64
N LEU F 82 26.47 -39.34 -40.63
CA LEU F 82 27.45 -39.36 -41.70
C LEU F 82 27.40 -40.73 -42.37
N SER F 83 27.20 -40.73 -43.69
CA SER F 83 27.06 -41.95 -44.47
C SER F 83 28.31 -42.19 -45.30
N SER F 84 28.40 -43.42 -45.82
CA SER F 84 29.53 -43.85 -46.66
C SER F 84 30.85 -43.69 -45.91
N LEU F 85 30.94 -44.31 -44.74
CA LEU F 85 32.13 -44.22 -43.93
C LEU F 85 33.31 -44.87 -44.64
N ARG F 86 34.49 -44.25 -44.49
CA ARG F 86 35.71 -44.75 -45.11
C ARG F 86 36.82 -44.72 -44.07
N SER F 87 38.02 -45.14 -44.49
CA SER F 87 39.14 -45.24 -43.56
C SER F 87 39.55 -43.87 -43.02
N ASP F 88 39.52 -42.84 -43.87
CA ASP F 88 39.91 -41.51 -43.45
C ASP F 88 38.91 -40.86 -42.50
N ASP F 89 37.74 -41.46 -42.32
CA ASP F 89 36.69 -40.86 -41.51
C ASP F 89 36.81 -41.21 -40.02
N THR F 90 37.86 -41.95 -39.64
CA THR F 90 38.11 -42.22 -38.23
C THR F 90 38.67 -40.96 -37.57
N ALA F 91 37.96 -40.45 -36.58
CA ALA F 91 38.33 -39.19 -35.94
C ALA F 91 37.51 -39.03 -34.67
N VAL F 92 37.72 -37.91 -33.99
CA VAL F 92 36.97 -37.54 -32.79
C VAL F 92 36.00 -36.43 -33.18
N TYR F 93 34.72 -36.66 -32.94
CA TYR F 93 33.66 -35.76 -33.40
C TYR F 93 33.15 -34.94 -32.23
N TYR F 94 33.14 -33.62 -32.40
CA TYR F 94 32.73 -32.69 -31.36
C TYR F 94 31.48 -31.94 -31.78
N CYS F 95 30.65 -31.61 -30.80
CA CYS F 95 29.55 -30.67 -30.98
C CYS F 95 29.81 -29.44 -30.13
N ALA F 96 29.71 -28.26 -30.74
CA ALA F 96 29.96 -27.01 -30.07
C ALA F 96 28.87 -26.02 -30.40
N ARG F 97 28.47 -25.24 -29.42
CA ARG F 97 27.42 -24.25 -29.58
C ARG F 97 28.03 -22.96 -30.12
N GLY F 98 27.46 -22.44 -31.19
CA GLY F 98 27.94 -21.20 -31.77
C GLY F 98 27.25 -19.99 -31.19
N TYR F 99 28.04 -19.10 -30.58
CA TYR F 99 27.53 -17.87 -30.00
C TYR F 99 27.87 -16.72 -30.94
N ASP F 100 26.87 -16.19 -31.62
CA ASP F 100 27.07 -15.05 -32.49
C ASP F 100 27.09 -13.75 -31.68
N PHE F 101 28.03 -12.87 -32.02
CA PHE F 101 28.28 -11.64 -31.29
C PHE F 101 27.42 -10.55 -31.93
N TRP F 102 26.38 -10.12 -31.22
CA TRP F 102 25.38 -9.22 -31.76
C TRP F 102 25.65 -7.80 -31.26
N LEU F 103 26.03 -6.91 -32.17
CA LEU F 103 26.21 -5.50 -31.87
C LEU F 103 24.98 -4.72 -32.32
N GLY F 104 23.87 -5.00 -31.65
CA GLY F 104 22.64 -4.29 -31.94
C GLY F 104 21.88 -4.87 -33.12
N SER F 105 21.92 -4.18 -34.25
CA SER F 105 21.15 -4.58 -35.42
C SER F 105 21.87 -5.55 -36.33
N TYR F 106 23.14 -5.83 -36.08
CA TYR F 106 23.94 -6.70 -36.93
C TYR F 106 24.86 -7.57 -36.09
N ARG F 107 25.28 -8.69 -36.66
CA ARG F 107 26.17 -9.62 -35.99
C ARG F 107 27.57 -9.48 -36.57
N ALA F 108 28.58 -9.67 -35.71
CA ALA F 108 29.98 -9.52 -36.10
C ALA F 108 30.83 -10.44 -35.22
N GLY F 109 31.14 -11.61 -35.75
CA GLY F 109 32.01 -12.53 -35.04
C GLY F 109 31.27 -13.41 -34.04
N GLY F 110 32.07 -14.05 -33.20
CA GLY F 110 31.54 -14.95 -32.20
C GLY F 110 32.59 -15.96 -31.77
N TRP F 111 32.13 -17.04 -31.16
CA TRP F 111 33.02 -18.08 -30.67
C TRP F 111 32.23 -19.37 -30.52
N PHE F 112 32.94 -20.47 -30.30
CA PHE F 112 32.37 -21.78 -30.04
C PHE F 112 32.48 -22.05 -28.55
N ASP F 113 31.34 -22.08 -27.86
CA ASP F 113 31.30 -22.41 -26.44
C ASP F 113 29.88 -22.70 -26.01
N PRO F 114 29.64 -23.79 -25.26
CA PRO F 114 30.59 -24.81 -24.82
C PRO F 114 30.77 -25.93 -25.82
N TRP F 115 31.74 -26.81 -25.59
CA TRP F 115 32.01 -27.94 -26.47
C TRP F 115 31.52 -29.22 -25.84
N GLY F 116 31.32 -30.24 -26.68
CA GLY F 116 31.08 -31.57 -26.17
C GLY F 116 32.37 -32.27 -25.82
N GLN F 117 32.23 -33.44 -25.20
CA GLN F 117 33.40 -34.22 -24.79
C GLN F 117 34.03 -34.99 -25.94
N GLY F 118 33.29 -35.22 -27.03
CA GLY F 118 33.84 -35.89 -28.18
C GLY F 118 33.60 -37.38 -28.19
N THR F 119 33.26 -37.92 -29.37
CA THR F 119 33.05 -39.35 -29.56
C THR F 119 34.07 -39.88 -30.54
N LEU F 120 34.79 -40.92 -30.16
CA LEU F 120 35.81 -41.51 -31.01
C LEU F 120 35.15 -42.54 -31.92
N VAL F 121 35.12 -42.25 -33.22
CA VAL F 121 34.53 -43.13 -34.22
C VAL F 121 35.66 -43.78 -34.99
N THR F 122 35.65 -45.10 -35.03
CA THR F 122 36.66 -45.87 -35.74
C THR F 122 35.99 -46.66 -36.86
N VAL F 123 36.58 -46.58 -38.05
CA VAL F 123 36.11 -47.34 -39.21
C VAL F 123 37.16 -48.40 -39.53
N SER F 124 36.79 -49.66 -39.36
CA SER F 124 37.74 -50.76 -39.59
C SER F 124 36.96 -52.02 -39.93
N SER F 125 37.64 -52.93 -40.61
CA SER F 125 37.05 -54.22 -40.98
C SER F 125 37.50 -55.32 -40.03
N ILE G 2 47.19 41.89 -8.97
CA ILE G 2 46.02 42.69 -9.28
C ILE G 2 45.70 43.64 -8.13
N VAL G 3 45.77 44.95 -8.39
CA VAL G 3 45.50 45.97 -7.40
C VAL G 3 44.32 46.79 -7.88
N LEU G 4 43.31 46.95 -7.01
CA LEU G 4 42.09 47.65 -7.35
C LEU G 4 42.14 49.08 -6.81
N THR G 5 41.85 50.04 -7.68
CA THR G 5 41.82 51.45 -7.31
C THR G 5 40.43 52.01 -7.55
N GLN G 6 39.93 52.71 -6.53
CA GLN G 6 38.59 53.30 -6.57
C GLN G 6 38.69 54.81 -6.69
N SER G 7 37.89 55.37 -7.60
CA SER G 7 37.80 56.80 -7.77
C SER G 7 36.31 57.13 -7.92
N PRO G 8 35.85 58.26 -7.39
CA PRO G 8 36.59 59.27 -6.62
C PRO G 8 36.79 58.85 -5.17
N GLY G 9 37.64 59.55 -4.42
CA GLY G 9 37.82 59.22 -3.02
C GLY G 9 36.56 59.44 -2.21
N THR G 10 35.89 60.57 -2.43
CA THR G 10 34.63 60.86 -1.76
C THR G 10 33.66 61.45 -2.77
N LEU G 11 32.37 61.25 -2.51
CA LEU G 11 31.31 61.80 -3.33
C LEU G 11 30.32 62.53 -2.43
N SER G 12 30.00 63.76 -2.79
CA SER G 12 29.04 64.57 -2.05
C SER G 12 27.82 64.77 -2.93
N LEU G 13 26.76 64.01 -2.65
CA LEU G 13 25.56 64.02 -3.47
C LEU G 13 24.34 64.13 -2.60
N SER G 14 23.34 64.88 -3.09
CA SER G 14 22.09 65.06 -2.38
C SER G 14 21.20 63.84 -2.56
N PRO G 15 20.26 63.61 -1.63
CA PRO G 15 19.34 62.48 -1.79
C PRO G 15 18.52 62.62 -3.07
N GLY G 16 18.24 61.48 -3.69
CA GLY G 16 17.50 61.46 -4.94
C GLY G 16 18.32 61.67 -6.18
N GLU G 17 19.64 61.79 -6.06
CA GLU G 17 20.52 61.97 -7.20
C GLU G 17 21.23 60.66 -7.52
N ARG G 18 21.74 60.57 -8.74
CA ARG G 18 22.43 59.38 -9.19
C ARG G 18 23.88 59.42 -8.76
N ALA G 19 24.37 58.29 -8.25
CA ALA G 19 25.75 58.13 -7.80
C ALA G 19 26.44 57.10 -8.67
N THR G 20 27.67 57.39 -9.08
CA THR G 20 28.45 56.49 -9.91
C THR G 20 29.83 56.35 -9.32
N LEU G 21 30.16 55.15 -8.84
CA LEU G 21 31.46 54.85 -8.29
C LEU G 21 32.19 53.87 -9.20
N SER G 22 33.48 54.10 -9.38
CA SER G 22 34.29 53.35 -10.33
C SER G 22 35.36 52.55 -9.61
N CYS G 23 35.61 51.33 -10.11
CA CYS G 23 36.69 50.48 -9.64
C CYS G 23 37.55 50.11 -10.83
N ARG G 24 38.85 50.39 -10.73
CA ARG G 24 39.79 50.13 -11.79
C ARG G 24 40.75 49.02 -11.38
N ALA G 25 40.97 48.07 -12.26
CA ALA G 25 41.88 46.97 -12.01
C ALA G 25 43.23 47.22 -12.69
N SER G 26 44.29 46.78 -12.02
CA SER G 26 45.64 46.97 -12.57
C SER G 26 45.81 46.26 -13.89
N GLN G 27 45.39 45.00 -13.97
CA GLN G 27 45.36 44.25 -15.21
C GLN G 27 43.93 43.78 -15.45
N SER G 28 43.66 43.34 -16.67
CA SER G 28 42.33 42.87 -17.01
C SER G 28 41.94 41.70 -16.13
N VAL G 29 40.75 41.76 -15.55
CA VAL G 29 40.25 40.69 -14.70
C VAL G 29 38.87 40.28 -15.20
N SER G 30 38.54 39.01 -14.96
CA SER G 30 37.23 38.52 -15.32
C SER G 30 36.15 39.21 -14.50
N SER G 31 35.05 39.57 -15.15
CA SER G 31 33.95 40.18 -14.45
C SER G 31 33.30 39.22 -13.46
N SER G 32 33.61 37.94 -13.56
CA SER G 32 33.18 36.94 -12.60
C SER G 32 33.78 37.14 -11.22
N TYR G 33 34.84 37.95 -11.11
CA TYR G 33 35.61 38.05 -9.89
C TYR G 33 35.24 39.24 -9.01
N LEU G 34 34.56 40.25 -9.56
CA LEU G 34 34.38 41.50 -8.84
C LEU G 34 33.11 41.49 -8.00
N ALA G 35 33.22 42.05 -6.80
CA ALA G 35 32.10 42.21 -5.89
C ALA G 35 32.13 43.60 -5.29
N TRP G 36 30.96 44.06 -4.83
CA TRP G 36 30.83 45.37 -4.21
C TRP G 36 30.26 45.20 -2.81
N TYR G 37 30.79 45.98 -1.86
CA TYR G 37 30.40 45.90 -0.47
C TYR G 37 30.05 47.29 0.06
N GLN G 38 29.18 47.32 1.06
CA GLN G 38 28.80 48.54 1.75
C GLN G 38 29.10 48.42 3.23
N GLN G 39 29.75 49.43 3.80
CA GLN G 39 30.12 49.41 5.21
C GLN G 39 29.69 50.71 5.87
N LYS G 40 28.70 50.63 6.72
CA LYS G 40 28.29 51.75 7.54
C LYS G 40 29.15 51.81 8.80
N PRO G 41 29.30 52.99 9.41
CA PRO G 41 30.16 53.12 10.59
C PRO G 41 29.70 52.18 11.71
N GLY G 42 30.67 51.48 12.29
CA GLY G 42 30.38 50.56 13.38
C GLY G 42 29.72 49.27 12.98
N GLN G 43 29.84 48.86 11.72
CA GLN G 43 29.22 47.63 11.24
C GLN G 43 30.19 46.91 10.31
N ALA G 44 29.89 45.63 10.08
CA ALA G 44 30.66 44.85 9.13
C ALA G 44 30.17 45.14 7.71
N PRO G 45 31.02 44.93 6.70
CA PRO G 45 30.60 45.14 5.32
C PRO G 45 29.46 44.21 4.93
N ARG G 46 28.58 44.70 4.07
CA ARG G 46 27.44 43.95 3.57
C ARG G 46 27.60 43.77 2.06
N LEU G 47 27.41 42.54 1.59
CA LEU G 47 27.53 42.27 0.17
C LEU G 47 26.39 42.92 -0.59
N LEU G 48 26.74 43.69 -1.62
CA LEU G 48 25.77 44.40 -2.44
C LEU G 48 25.66 43.81 -3.84
N ILE G 49 26.79 43.58 -4.49
CA ILE G 49 26.83 43.12 -5.86
C ILE G 49 27.93 42.08 -5.99
N TYR G 50 27.64 40.98 -6.69
CA TYR G 50 28.63 39.97 -7.00
C TYR G 50 28.55 39.64 -8.48
N GLY G 51 29.69 39.22 -9.04
CA GLY G 51 29.72 38.98 -10.47
C GLY G 51 29.69 40.22 -11.31
N ALA G 52 29.89 41.38 -10.71
CA ALA G 52 29.95 42.71 -11.32
C ALA G 52 28.62 43.18 -11.87
N SER G 53 27.59 42.35 -11.90
CA SER G 53 26.28 42.78 -12.36
C SER G 53 25.11 42.25 -11.54
N SER G 54 25.31 41.26 -10.68
CA SER G 54 24.22 40.57 -10.01
C SER G 54 24.11 41.04 -8.57
N ARG G 55 22.89 41.28 -8.11
CA ARG G 55 22.65 41.72 -6.76
C ARG G 55 22.57 40.53 -5.81
N ALA G 56 22.73 40.81 -4.52
CA ALA G 56 22.65 39.79 -3.49
C ALA G 56 21.19 39.44 -3.24
N THR G 57 20.94 38.63 -2.20
CA THR G 57 19.61 38.07 -2.00
C THR G 57 18.57 39.14 -1.66
N GLY G 58 18.94 40.14 -0.87
CA GLY G 58 17.97 41.11 -0.42
C GLY G 58 18.37 42.56 -0.65
N ILE G 59 19.02 42.84 -1.76
CA ILE G 59 19.49 44.18 -2.09
C ILE G 59 18.42 44.85 -2.97
N PRO G 60 18.04 46.10 -2.68
CA PRO G 60 17.04 46.78 -3.52
C PRO G 60 17.54 47.02 -4.93
N ASP G 61 16.59 47.23 -5.83
CA ASP G 61 16.81 47.33 -7.27
C ASP G 61 17.55 48.56 -7.68
N ARG G 62 17.74 49.55 -6.83
CA ARG G 62 18.44 50.77 -7.21
C ARG G 62 19.94 50.59 -7.34
N PHE G 63 20.48 49.46 -6.91
CA PHE G 63 21.90 49.17 -7.01
C PHE G 63 22.15 48.38 -8.29
N ARG G 64 23.00 48.91 -9.17
CA ARG G 64 23.28 48.30 -10.45
C ARG G 64 24.77 48.38 -10.72
N GLY G 65 25.37 47.27 -11.13
CA GLY G 65 26.77 47.20 -11.45
C GLY G 65 26.99 46.87 -12.92
N SER G 66 28.17 47.21 -13.41
CA SER G 66 28.52 46.96 -14.80
C SER G 66 30.04 47.02 -14.94
N GLY G 67 30.50 46.83 -16.16
CA GLY G 67 31.91 46.96 -16.45
C GLY G 67 32.55 45.67 -16.96
N SER G 68 33.67 45.80 -17.64
CA SER G 68 34.42 44.65 -18.11
C SER G 68 35.87 45.06 -18.32
N GLY G 69 36.77 44.09 -18.13
CA GLY G 69 38.18 44.35 -18.36
C GLY G 69 38.87 44.99 -17.19
N THR G 70 39.11 46.30 -17.28
CA THR G 70 39.78 47.03 -16.21
C THR G 70 38.90 48.07 -15.54
N ASP G 71 37.73 48.38 -16.09
CA ASP G 71 36.86 49.41 -15.54
C ASP G 71 35.53 48.80 -15.13
N PHE G 72 35.14 49.04 -13.87
CA PHE G 72 33.89 48.56 -13.32
C PHE G 72 33.21 49.70 -12.58
N THR G 73 31.87 49.73 -12.66
CA THR G 73 31.11 50.83 -12.08
C THR G 73 29.98 50.30 -11.22
N LEU G 74 29.61 51.10 -10.22
CA LEU G 74 28.44 50.87 -9.40
C LEU G 74 27.55 52.11 -9.50
N THR G 75 26.25 51.89 -9.70
CA THR G 75 25.31 52.98 -9.91
C THR G 75 24.16 52.85 -8.92
N ILE G 76 23.88 53.92 -8.18
CA ILE G 76 22.71 54.02 -7.33
C ILE G 76 21.74 54.99 -7.98
N SER G 77 20.59 54.48 -8.42
CA SER G 77 19.65 55.29 -9.18
C SER G 77 19.11 56.45 -8.35
N ARG G 78 18.63 56.15 -7.14
CA ARG G 78 18.08 57.14 -6.25
C ARG G 78 18.71 56.96 -4.87
N LEU G 79 19.42 57.98 -4.41
CA LEU G 79 20.17 57.90 -3.16
C LEU G 79 19.21 58.10 -1.99
N GLU G 80 18.73 57.00 -1.42
CA GLU G 80 17.97 57.04 -0.20
C GLU G 80 18.89 57.41 0.96
N PRO G 81 18.34 57.90 2.07
CA PRO G 81 19.19 58.28 3.21
C PRO G 81 20.05 57.15 3.74
N GLU G 82 19.59 55.90 3.59
CA GLU G 82 20.35 54.75 4.08
C GLU G 82 21.53 54.40 3.20
N ASP G 83 21.66 55.00 2.02
CA ASP G 83 22.69 54.67 1.06
C ASP G 83 23.96 55.51 1.22
N PHE G 84 24.15 56.15 2.36
CA PHE G 84 25.33 56.97 2.62
C PHE G 84 26.28 56.17 3.50
N ALA G 85 27.28 55.55 2.88
CA ALA G 85 28.23 54.68 3.57
C ALA G 85 29.52 54.66 2.75
N VAL G 86 30.40 53.72 3.07
CA VAL G 86 31.66 53.51 2.36
C VAL G 86 31.55 52.25 1.53
N TYR G 87 31.90 52.35 0.25
CA TYR G 87 31.69 51.27 -0.71
C TYR G 87 33.04 50.72 -1.17
N TYR G 88 33.20 49.40 -1.05
CA TYR G 88 34.44 48.71 -1.38
C TYR G 88 34.20 47.73 -2.52
N CYS G 89 35.09 47.75 -3.50
CA CYS G 89 35.09 46.78 -4.58
C CYS G 89 36.18 45.75 -4.30
N GLN G 90 35.85 44.48 -4.51
CA GLN G 90 36.74 43.39 -4.18
C GLN G 90 36.84 42.42 -5.35
N GLN G 91 38.02 41.82 -5.52
CA GLN G 91 38.22 40.72 -6.44
C GLN G 91 38.20 39.42 -5.66
N TYR G 92 37.47 38.43 -6.17
CA TYR G 92 37.34 37.13 -5.50
C TYR G 92 37.72 36.03 -6.47
N GLY G 93 38.71 35.22 -6.07
CA GLY G 93 39.02 34.00 -6.79
C GLY G 93 39.95 34.15 -7.98
N SER G 94 40.56 35.32 -8.19
CA SER G 94 41.50 35.46 -9.28
C SER G 94 42.77 34.63 -9.04
N SER G 95 43.05 34.33 -7.78
CA SER G 95 44.22 33.57 -7.40
C SER G 95 43.98 33.00 -6.01
N PRO G 96 44.70 31.94 -5.62
CA PRO G 96 44.60 31.49 -4.23
C PRO G 96 44.97 32.58 -3.24
N GLN G 97 45.87 33.48 -3.60
CA GLN G 97 46.25 34.61 -2.77
C GLN G 97 45.54 35.90 -3.17
N GLY G 98 44.72 35.88 -4.20
CA GLY G 98 44.06 37.09 -4.65
C GLY G 98 42.64 37.24 -4.16
N PHE G 99 42.45 38.00 -3.09
CA PHE G 99 41.13 38.33 -2.58
C PHE G 99 41.08 39.76 -2.07
N THR G 100 41.93 40.62 -2.61
CA THR G 100 42.14 41.95 -2.07
C THR G 100 40.97 42.87 -2.35
N PHE G 101 40.89 43.94 -1.57
CA PHE G 101 39.85 44.95 -1.66
C PHE G 101 40.39 46.21 -2.32
N GLY G 102 39.54 47.24 -2.39
CA GLY G 102 39.93 48.53 -2.90
C GLY G 102 39.92 49.58 -1.82
N PRO G 103 40.44 50.77 -2.12
CA PRO G 103 40.52 51.83 -1.09
C PRO G 103 39.16 52.21 -0.52
N GLY G 104 38.13 52.26 -1.33
CA GLY G 104 36.81 52.61 -0.85
C GLY G 104 36.41 54.02 -1.28
N THR G 105 35.11 54.28 -1.16
CA THR G 105 34.56 55.58 -1.51
C THR G 105 33.31 55.90 -0.71
N VAL H 1 22.61 31.28 9.63
CA VAL H 1 24.02 31.36 9.27
C VAL H 1 24.62 32.62 9.88
N GLN H 2 25.54 32.44 10.81
CA GLN H 2 26.16 33.57 11.49
C GLN H 2 27.57 33.20 11.93
N LEU H 3 28.37 34.22 12.17
CA LEU H 3 29.75 34.08 12.63
C LEU H 3 29.94 34.97 13.85
N VAL H 4 30.40 34.38 14.95
CA VAL H 4 30.56 35.09 16.22
C VAL H 4 32.02 35.04 16.63
N GLN H 5 32.55 36.18 17.08
CA GLN H 5 33.96 36.30 17.40
C GLN H 5 34.15 36.62 18.88
N SER H 6 35.41 36.82 19.26
CA SER H 6 35.81 37.07 20.63
C SER H 6 35.65 38.55 20.96
N GLY H 7 36.23 38.98 22.09
CA GLY H 7 36.18 40.35 22.51
C GLY H 7 37.47 41.11 22.21
N ALA H 8 37.49 42.37 22.64
CA ALA H 8 38.64 43.23 22.41
C ALA H 8 39.83 42.81 23.27
N GLU H 9 41.02 43.06 22.76
CA GLU H 9 42.26 42.71 23.46
C GLU H 9 43.20 43.91 23.44
N MET H 10 43.62 44.34 24.63
CA MET H 10 44.55 45.46 24.76
C MET H 10 45.98 44.96 24.95
N LYS H 11 46.50 44.33 23.91
CA LYS H 11 47.83 43.73 23.99
C LYS H 11 48.93 44.79 23.89
N LYS H 12 50.07 44.50 24.50
CA LYS H 12 51.24 45.36 24.44
C LYS H 12 52.10 45.02 23.22
N PRO H 13 52.91 45.97 22.76
CA PRO H 13 53.75 45.71 21.59
C PRO H 13 54.75 44.59 21.83
N GLY H 14 55.14 43.93 20.75
CA GLY H 14 56.01 42.78 20.86
C GLY H 14 55.39 41.58 21.54
N ALA H 15 54.14 41.26 21.19
CA ALA H 15 53.42 40.16 21.81
C ALA H 15 52.67 39.40 20.72
N SER H 16 51.77 38.52 21.13
CA SER H 16 50.98 37.71 20.22
C SER H 16 49.51 37.83 20.59
N VAL H 17 48.63 37.69 19.58
CA VAL H 17 47.20 37.85 19.76
C VAL H 17 46.50 36.69 19.07
N LYS H 18 45.47 36.14 19.70
CA LYS H 18 44.66 35.08 19.12
C LYS H 18 43.20 35.53 19.14
N VAL H 19 42.56 35.50 17.96
CA VAL H 19 41.18 35.91 17.80
C VAL H 19 40.39 34.70 17.30
N SER H 20 39.28 34.41 17.95
CA SER H 20 38.46 33.25 17.64
C SER H 20 37.25 33.65 16.82
N CYS H 21 36.77 32.70 16.01
CA CYS H 21 35.61 32.93 15.14
C CYS H 21 34.80 31.64 15.10
N LYS H 22 33.66 31.63 15.77
CA LYS H 22 32.82 30.43 15.88
C LYS H 22 31.71 30.47 14.86
N ALA H 23 31.51 29.35 14.17
CA ALA H 23 30.51 29.25 13.12
C ALA H 23 29.30 28.49 13.63
N SER H 24 28.12 29.03 13.38
CA SER H 24 26.87 28.38 13.73
C SER H 24 25.85 28.59 12.61
N GLY H 25 25.12 27.53 12.28
CA GLY H 25 24.15 27.56 11.23
C GLY H 25 24.57 26.91 9.93
N TYR H 26 25.79 26.41 9.84
CA TYR H 26 26.26 25.73 8.64
C TYR H 26 27.40 24.80 8.99
N THR H 27 27.70 23.88 8.08
CA THR H 27 28.81 22.96 8.24
C THR H 27 30.11 23.74 8.17
N PHE H 28 30.82 23.80 9.30
CA PHE H 28 32.04 24.59 9.38
C PHE H 28 33.09 24.09 8.41
N SER H 29 33.21 22.78 8.26
CA SER H 29 34.28 22.16 7.48
C SER H 29 33.99 22.16 5.99
N ALA H 30 32.97 22.87 5.53
CA ALA H 30 32.60 22.89 4.13
C ALA H 30 32.95 24.19 3.41
N TYR H 31 33.30 25.24 4.15
CA TYR H 31 33.59 26.53 3.56
C TYR H 31 34.88 27.09 4.12
N TYR H 32 35.51 27.98 3.34
CA TYR H 32 36.72 28.65 3.78
C TYR H 32 36.37 29.77 4.74
N ILE H 33 37.34 30.14 5.58
CA ILE H 33 37.21 31.27 6.49
C ILE H 33 38.31 32.27 6.15
N HIS H 34 37.91 33.50 5.85
CA HIS H 34 38.84 34.54 5.48
C HIS H 34 38.95 35.57 6.60
N TRP H 35 40.14 36.11 6.78
CA TRP H 35 40.40 37.10 7.81
C TRP H 35 40.70 38.44 7.15
N VAL H 36 39.91 39.46 7.49
CA VAL H 36 40.06 40.79 6.95
C VAL H 36 40.30 41.77 8.10
N ARG H 37 41.18 42.72 7.87
CA ARG H 37 41.61 43.68 8.86
C ARG H 37 41.30 45.09 8.38
N GLN H 38 40.74 45.91 9.27
CA GLN H 38 40.38 47.28 8.94
C GLN H 38 41.00 48.22 9.95
N ALA H 39 42.03 48.95 9.53
CA ALA H 39 42.64 49.93 10.40
C ALA H 39 41.65 51.06 10.68
N PRO H 40 41.76 51.70 11.84
CA PRO H 40 40.83 52.80 12.15
C PRO H 40 40.95 53.95 11.17
N GLY H 41 39.89 54.18 10.39
CA GLY H 41 39.88 55.23 9.41
C GLY H 41 40.32 54.82 8.02
N GLN H 42 40.78 53.59 7.83
CA GLN H 42 41.24 53.12 6.54
C GLN H 42 40.40 51.94 6.06
N GLY H 43 40.74 51.43 4.88
CA GLY H 43 39.94 50.40 4.25
C GLY H 43 40.34 49.00 4.65
N LEU H 44 39.58 48.03 4.15
CA LEU H 44 39.78 46.64 4.51
C LEU H 44 41.04 46.08 3.85
N GLU H 45 41.70 45.16 4.56
CA GLU H 45 42.96 44.60 4.13
C GLU H 45 42.92 43.10 4.34
N TRP H 46 42.89 42.35 3.26
CA TRP H 46 42.84 40.90 3.34
C TRP H 46 44.13 40.35 3.91
N MET H 47 44.02 39.49 4.91
CA MET H 47 45.17 38.87 5.55
C MET H 47 45.44 37.47 5.05
N GLY H 48 44.44 36.59 5.08
CA GLY H 48 44.63 35.24 4.59
C GLY H 48 43.35 34.44 4.70
N ARG H 49 43.44 33.17 4.30
CA ARG H 49 42.31 32.27 4.38
C ARG H 49 42.79 30.91 4.84
N ILE H 50 41.89 30.15 5.45
CA ILE H 50 42.19 28.83 5.98
C ILE H 50 41.15 27.84 5.47
N ASN H 51 41.62 26.68 5.03
CA ASN H 51 40.73 25.59 4.65
C ASN H 51 40.29 24.86 5.92
N THR H 52 38.99 24.74 6.12
CA THR H 52 38.46 24.16 7.34
C THR H 52 38.40 22.64 7.32
N ASP H 53 38.75 22.02 6.19
CA ASP H 53 38.75 20.56 6.10
C ASP H 53 40.16 19.98 6.22
N SER H 54 41.07 20.38 5.32
CA SER H 54 42.40 19.83 5.27
C SER H 54 43.42 20.65 6.03
N GLY H 55 43.02 21.77 6.62
CA GLY H 55 43.95 22.58 7.39
C GLY H 55 44.90 23.43 6.58
N GLY H 56 44.76 23.45 5.26
CA GLY H 56 45.61 24.30 4.45
C GLY H 56 45.33 25.76 4.70
N THR H 57 46.35 26.59 4.49
CA THR H 57 46.27 28.02 4.72
C THR H 57 46.95 28.75 3.58
N ASN H 58 46.42 29.92 3.24
CA ASN H 58 46.98 30.76 2.18
C ASN H 58 46.99 32.20 2.66
N PHE H 59 48.16 32.71 3.00
CA PHE H 59 48.33 34.07 3.50
C PHE H 59 48.56 35.02 2.34
N ALA H 60 48.69 36.30 2.66
CA ALA H 60 49.10 37.32 1.71
C ALA H 60 50.62 37.50 1.79
N GLN H 61 51.20 37.98 0.70
CA GLN H 61 52.64 38.15 0.70
C GLN H 61 53.02 39.45 1.39
N GLN H 62 52.40 39.69 2.55
CA GLN H 62 52.79 40.74 3.47
C GLN H 62 52.71 40.30 4.92
N PHE H 63 51.99 39.22 5.24
CA PHE H 63 51.85 38.73 6.60
C PHE H 63 52.60 37.42 6.81
N GLU H 64 53.37 36.96 5.83
CA GLU H 64 54.11 35.71 5.98
C GLU H 64 55.12 35.83 7.11
N GLY H 65 55.20 34.79 7.93
CA GLY H 65 56.07 34.78 9.07
C GLY H 65 55.51 35.44 10.30
N ARG H 66 54.29 35.96 10.25
CA ARG H 66 53.67 36.60 11.40
C ARG H 66 52.27 36.09 11.71
N VAL H 67 51.59 35.42 10.78
CA VAL H 67 50.24 34.93 10.99
C VAL H 67 50.22 33.41 10.82
N THR H 68 49.66 32.72 11.80
CA THR H 68 49.39 31.30 11.71
C THR H 68 47.92 31.06 11.99
N MET H 69 47.27 30.29 11.12
CA MET H 69 45.84 30.06 11.20
C MET H 69 45.57 28.59 11.52
N THR H 70 44.71 28.35 12.49
CA THR H 70 44.36 27.01 12.92
C THR H 70 42.85 26.88 13.03
N ARG H 71 42.37 25.65 13.00
CA ARG H 71 40.95 25.34 13.07
C ARG H 71 40.69 24.34 14.18
N ASP H 72 39.44 24.32 14.65
CA ASP H 72 38.99 23.36 15.66
C ASP H 72 37.59 22.90 15.24
N THR H 73 37.54 21.79 14.51
CA THR H 73 36.27 21.29 13.99
C THR H 73 35.34 20.80 15.09
N SER H 74 35.89 20.36 16.24
CA SER H 74 35.04 19.82 17.30
C SER H 74 34.09 20.89 17.83
N ILE H 75 34.59 22.11 18.03
CA ILE H 75 33.78 23.21 18.53
C ILE H 75 33.42 24.21 17.44
N SER H 76 33.83 23.95 16.19
CA SER H 76 33.52 24.80 15.04
C SER H 76 33.99 26.24 15.27
N THR H 77 35.31 26.38 15.44
CA THR H 77 35.91 27.68 15.68
C THR H 77 37.26 27.74 14.97
N ALA H 78 37.50 28.83 14.25
CA ALA H 78 38.75 29.06 13.55
C ALA H 78 39.52 30.17 14.26
N TYR H 79 40.82 29.96 14.44
CA TYR H 79 41.66 30.89 15.17
C TYR H 79 42.66 31.56 14.24
N MET H 80 42.98 32.81 14.57
CA MET H 80 44.05 33.56 13.93
C MET H 80 45.06 33.96 14.99
N GLU H 81 46.32 33.61 14.76
CA GLU H 81 47.41 33.97 15.67
C GLU H 81 48.34 34.92 14.93
N LEU H 82 48.53 36.11 15.48
CA LEU H 82 49.38 37.13 14.88
C LEU H 82 50.51 37.48 15.83
N SER H 83 51.74 37.34 15.35
CA SER H 83 52.93 37.54 16.16
C SER H 83 53.65 38.83 15.75
N SER H 84 54.62 39.21 16.57
CA SER H 84 55.43 40.41 16.33
C SER H 84 54.55 41.65 16.16
N LEU H 85 53.70 41.89 17.16
CA LEU H 85 52.74 42.98 17.09
C LEU H 85 53.46 44.32 17.08
N ARG H 86 52.82 45.31 16.44
CA ARG H 86 53.34 46.66 16.36
C ARG H 86 52.19 47.63 16.56
N SER H 87 52.52 48.92 16.65
CA SER H 87 51.48 49.93 16.85
C SER H 87 50.54 50.00 15.67
N ASP H 88 51.07 49.83 14.45
CA ASP H 88 50.24 49.85 13.25
C ASP H 88 49.30 48.66 13.14
N ASP H 89 49.49 47.64 13.98
CA ASP H 89 48.65 46.45 13.96
C ASP H 89 47.35 46.63 14.72
N THR H 90 47.05 47.85 15.19
CA THR H 90 45.79 48.14 15.84
C THR H 90 44.71 48.31 14.78
N ALA H 91 43.67 47.48 14.85
CA ALA H 91 42.60 47.51 13.85
C ALA H 91 41.45 46.64 14.36
N VAL H 92 40.38 46.56 13.57
CA VAL H 92 39.27 45.66 13.82
C VAL H 92 39.43 44.46 12.89
N TYR H 93 39.46 43.27 13.47
CA TYR H 93 39.76 42.05 12.73
C TYR H 93 38.46 41.31 12.46
N TYR H 94 38.21 41.00 11.19
CA TYR H 94 36.97 40.38 10.76
C TYR H 94 37.23 38.97 10.26
N CYS H 95 36.32 38.06 10.59
CA CYS H 95 36.29 36.72 10.04
C CYS H 95 35.08 36.62 9.13
N ALA H 96 35.29 36.12 7.92
CA ALA H 96 34.25 36.05 6.91
C ALA H 96 34.27 34.68 6.25
N ARG H 97 33.08 34.17 5.94
CA ARG H 97 32.96 32.93 5.20
C ARG H 97 33.00 33.23 3.70
N GLY H 98 33.88 32.55 2.99
CA GLY H 98 33.98 32.71 1.57
C GLY H 98 33.14 31.72 0.80
N TYR H 99 32.20 32.22 -0.01
CA TYR H 99 31.36 31.38 -0.86
C TYR H 99 31.94 31.41 -2.26
N ASP H 100 32.26 30.25 -2.81
CA ASP H 100 32.70 30.16 -4.18
C ASP H 100 31.52 29.85 -5.09
N PHE H 101 31.53 30.46 -6.27
CA PHE H 101 30.45 30.36 -7.24
C PHE H 101 30.80 29.26 -8.22
N TRP H 102 30.26 28.06 -7.97
CA TRP H 102 30.58 26.89 -8.76
C TRP H 102 29.60 26.76 -9.92
N LEU H 103 30.10 26.92 -11.13
CA LEU H 103 29.31 26.74 -12.34
C LEU H 103 29.58 25.36 -12.93
N GLY H 104 29.15 24.34 -12.20
CA GLY H 104 29.36 22.98 -12.64
C GLY H 104 30.70 22.43 -12.24
N SER H 105 31.63 22.39 -13.18
CA SER H 105 32.97 21.85 -12.93
C SER H 105 34.00 22.92 -12.61
N TYR H 106 33.69 24.19 -12.86
CA TYR H 106 34.63 25.26 -12.60
C TYR H 106 33.99 26.32 -11.71
N ARG H 107 34.83 27.04 -10.97
CA ARG H 107 34.38 28.10 -10.08
C ARG H 107 34.71 29.46 -10.69
N ALA H 108 33.83 30.43 -10.45
CA ALA H 108 33.95 31.75 -11.03
C ALA H 108 33.53 32.79 -9.99
N GLY H 109 34.50 33.29 -9.24
CA GLY H 109 34.24 34.34 -8.29
C GLY H 109 33.50 33.86 -7.05
N GLY H 110 32.87 34.82 -6.38
CA GLY H 110 32.13 34.53 -5.17
C GLY H 110 31.98 35.81 -4.35
N TRP H 111 31.82 35.62 -3.04
CA TRP H 111 31.61 36.73 -2.13
C TRP H 111 31.90 36.27 -0.71
N PHE H 112 31.88 37.22 0.21
CA PHE H 112 32.06 36.96 1.64
C PHE H 112 30.72 37.13 2.34
N ASP H 113 30.20 36.04 2.88
CA ASP H 113 28.94 36.07 3.62
C ASP H 113 28.81 34.80 4.45
N PRO H 114 28.56 34.92 5.76
CA PRO H 114 28.41 36.13 6.55
C PRO H 114 29.72 36.68 7.06
N TRP H 115 29.68 37.86 7.66
CA TRP H 115 30.82 38.46 8.33
C TRP H 115 30.62 38.40 9.84
N GLY H 116 31.72 38.29 10.56
CA GLY H 116 31.65 38.37 12.00
C GLY H 116 31.46 39.81 12.47
N GLN H 117 31.26 39.95 13.78
CA GLN H 117 31.04 41.27 14.37
C GLN H 117 32.32 42.09 14.46
N GLY H 118 33.49 41.45 14.41
CA GLY H 118 34.75 42.17 14.48
C GLY H 118 35.25 42.36 15.90
N THR H 119 36.53 42.08 16.13
CA THR H 119 37.18 42.28 17.41
C THR H 119 38.22 43.37 17.27
N LEU H 120 38.20 44.35 18.16
CA LEU H 120 39.14 45.45 18.12
C LEU H 120 40.37 45.10 18.94
N VAL H 121 41.52 45.06 18.28
CA VAL H 121 42.80 44.76 18.92
C VAL H 121 43.61 46.04 18.95
N THR H 122 44.04 46.45 20.14
CA THR H 122 44.81 47.66 20.35
C THR H 122 46.19 47.30 20.86
N VAL H 123 47.22 47.91 20.28
CA VAL H 123 48.60 47.69 20.69
C VAL H 123 49.14 49.00 21.23
N SER H 124 49.51 49.00 22.52
CA SER H 124 50.00 50.20 23.17
C SER H 124 50.76 49.80 24.43
N SER H 125 51.53 50.74 24.96
CA SER H 125 52.30 50.50 26.17
C SER H 125 51.50 50.88 27.41
N ILE I 2 37.96 -18.27 -47.68
CA ILE I 2 39.01 -17.83 -46.78
C ILE I 2 39.68 -19.04 -46.14
N VAL I 3 41.00 -19.13 -46.30
CA VAL I 3 41.79 -20.21 -45.75
C VAL I 3 42.82 -19.61 -44.80
N LEU I 4 42.88 -20.14 -43.59
CA LEU I 4 43.79 -19.65 -42.55
C LEU I 4 45.02 -20.53 -42.49
N THR I 5 46.18 -19.90 -42.48
CA THR I 5 47.47 -20.58 -42.36
C THR I 5 48.19 -20.09 -41.10
N GLN I 6 48.69 -21.05 -40.34
CA GLN I 6 49.40 -20.76 -39.10
C GLN I 6 50.88 -21.09 -39.25
N SER I 7 51.72 -20.19 -38.76
CA SER I 7 53.15 -20.40 -38.74
C SER I 7 53.67 -19.90 -37.40
N PRO I 8 54.70 -20.54 -36.83
CA PRO I 8 55.37 -21.75 -37.28
C PRO I 8 54.60 -23.01 -36.87
N GLY I 9 54.96 -24.17 -37.42
CA GLY I 9 54.27 -25.39 -37.03
C GLY I 9 54.49 -25.75 -35.58
N THR I 10 55.72 -25.62 -35.09
CA THR I 10 56.03 -25.89 -33.70
C THR I 10 56.89 -24.75 -33.16
N LEU I 11 56.73 -24.49 -31.87
CA LEU I 11 57.49 -23.46 -31.17
C LEU I 11 58.15 -24.09 -29.96
N SER I 12 59.48 -24.08 -29.94
CA SER I 12 60.27 -24.64 -28.85
C SER I 12 60.70 -23.49 -27.96
N LEU I 13 60.00 -23.29 -26.85
CA LEU I 13 60.25 -22.18 -25.95
C LEU I 13 60.34 -22.69 -24.52
N SER I 14 61.31 -22.16 -23.77
CA SER I 14 61.49 -22.51 -22.38
C SER I 14 60.44 -21.82 -21.51
N PRO I 15 60.16 -22.36 -20.32
CA PRO I 15 59.20 -21.70 -19.43
C PRO I 15 59.67 -20.30 -19.04
N GLY I 16 58.70 -19.41 -18.86
CA GLY I 16 58.98 -18.04 -18.49
C GLY I 16 59.29 -17.12 -19.65
N GLU I 17 59.26 -17.61 -20.88
CA GLU I 17 59.61 -16.82 -22.06
C GLU I 17 58.35 -16.37 -22.79
N ARG I 18 58.54 -15.39 -23.67
CA ARG I 18 57.45 -14.87 -24.47
C ARG I 18 57.19 -15.76 -25.68
N ALA I 19 55.92 -16.01 -25.96
CA ALA I 19 55.51 -16.83 -27.09
C ALA I 19 54.67 -15.99 -28.03
N THR I 20 55.04 -15.99 -29.31
CA THR I 20 54.31 -15.25 -30.34
C THR I 20 53.91 -16.23 -31.43
N LEU I 21 52.60 -16.35 -31.64
CA LEU I 21 52.05 -17.28 -32.62
C LEU I 21 51.30 -16.48 -33.67
N SER I 22 51.48 -16.85 -34.94
CA SER I 22 50.97 -16.07 -36.05
C SER I 22 50.04 -16.90 -36.92
N CYS I 23 48.88 -16.32 -37.25
CA CYS I 23 47.89 -16.96 -38.10
C CYS I 23 47.56 -15.99 -39.22
N ARG I 24 47.69 -16.45 -40.46
CA ARG I 24 47.56 -15.59 -41.63
C ARG I 24 46.36 -16.03 -42.46
N ALA I 25 45.64 -15.05 -43.00
CA ALA I 25 44.45 -15.30 -43.80
C ALA I 25 44.77 -15.24 -45.29
N SER I 26 43.99 -15.99 -46.07
CA SER I 26 44.16 -15.99 -47.51
C SER I 26 43.85 -14.62 -48.10
N GLN I 27 42.69 -14.07 -47.79
CA GLN I 27 42.33 -12.72 -48.16
C GLN I 27 42.08 -11.91 -46.89
N SER I 28 41.89 -10.61 -47.05
CA SER I 28 41.62 -9.76 -45.90
C SER I 28 40.27 -10.12 -45.30
N VAL I 29 40.25 -10.26 -43.98
CA VAL I 29 39.03 -10.58 -43.25
C VAL I 29 38.88 -9.58 -42.10
N SER I 30 37.65 -9.42 -41.63
CA SER I 30 37.40 -8.52 -40.53
C SER I 30 38.02 -9.06 -39.26
N SER I 31 38.66 -8.17 -38.49
CA SER I 31 39.28 -8.58 -37.25
C SER I 31 38.27 -9.08 -36.24
N SER I 32 36.99 -8.79 -36.45
CA SER I 32 35.93 -9.28 -35.59
C SER I 32 35.68 -10.76 -35.73
N TYR I 33 36.25 -11.41 -36.75
CA TYR I 33 35.95 -12.79 -37.06
C TYR I 33 36.91 -13.79 -36.45
N LEU I 34 38.10 -13.37 -36.04
CA LEU I 34 39.13 -14.30 -35.60
C LEU I 34 39.00 -14.63 -34.12
N ALA I 35 39.18 -15.90 -33.80
CA ALA I 35 39.19 -16.39 -32.43
C ALA I 35 40.37 -17.34 -32.26
N TRP I 36 40.86 -17.45 -31.03
CA TRP I 36 41.97 -18.33 -30.69
C TRP I 36 41.50 -19.38 -29.69
N TYR I 37 41.95 -20.61 -29.88
CA TYR I 37 41.58 -21.73 -29.03
C TYR I 37 42.84 -22.47 -28.56
N GLN I 38 42.74 -23.04 -27.37
CA GLN I 38 43.79 -23.87 -26.79
C GLN I 38 43.26 -25.28 -26.57
N GLN I 39 44.01 -26.27 -27.00
CA GLN I 39 43.60 -27.67 -26.87
C GLN I 39 44.74 -28.48 -26.28
N LYS I 40 44.65 -28.76 -24.99
CA LYS I 40 45.51 -29.74 -24.35
C LYS I 40 45.10 -31.14 -24.81
N PRO I 41 46.03 -32.10 -24.77
CA PRO I 41 45.71 -33.45 -25.27
C PRO I 41 44.53 -34.07 -24.54
N GLY I 42 43.65 -34.71 -25.31
CA GLY I 42 42.52 -35.41 -24.73
C GLY I 42 41.39 -34.55 -24.24
N GLN I 43 41.37 -33.26 -24.60
CA GLN I 43 40.33 -32.36 -24.16
C GLN I 43 39.80 -31.58 -25.35
N ALA I 44 38.55 -31.15 -25.24
CA ALA I 44 37.96 -30.31 -26.26
C ALA I 44 38.61 -28.92 -26.22
N PRO I 45 38.69 -28.25 -27.37
CA PRO I 45 39.34 -26.94 -27.40
C PRO I 45 38.64 -25.95 -26.49
N ARG I 46 39.44 -25.07 -25.89
CA ARG I 46 38.97 -24.07 -24.94
C ARG I 46 39.19 -22.69 -25.54
N LEU I 47 38.14 -21.88 -25.54
CA LEU I 47 38.21 -20.57 -26.16
C LEU I 47 39.12 -19.65 -25.35
N LEU I 48 40.02 -18.96 -26.05
CA LEU I 48 41.03 -18.13 -25.44
C LEU I 48 40.82 -16.64 -25.74
N ILE I 49 40.70 -16.29 -27.01
CA ILE I 49 40.55 -14.91 -27.43
C ILE I 49 39.51 -14.86 -28.54
N TYR I 50 38.60 -13.90 -28.46
CA TYR I 50 37.62 -13.65 -29.51
C TYR I 50 37.72 -12.21 -29.97
N GLY I 51 37.37 -11.98 -31.23
CA GLY I 51 37.45 -10.63 -31.77
C GLY I 51 38.85 -10.16 -32.06
N ALA I 52 39.82 -11.06 -32.07
CA ALA I 52 41.23 -10.83 -32.36
C ALA I 52 41.93 -10.00 -31.29
N SER I 53 41.20 -9.46 -30.31
CA SER I 53 41.83 -8.68 -29.25
C SER I 53 41.28 -8.94 -27.85
N SER I 54 40.15 -9.62 -27.71
CA SER I 54 39.44 -9.70 -26.44
C SER I 54 39.58 -11.10 -25.85
N ARG I 55 39.85 -11.15 -24.55
CA ARG I 55 39.98 -12.42 -23.84
C ARG I 55 38.60 -12.94 -23.44
N ALA I 56 38.58 -14.20 -23.04
CA ALA I 56 37.35 -14.87 -22.63
C ALA I 56 37.03 -14.50 -21.18
N THR I 57 36.08 -15.21 -20.58
CA THR I 57 35.59 -14.86 -19.25
C THR I 57 36.66 -15.03 -18.18
N GLY I 58 37.43 -16.12 -18.22
CA GLY I 58 38.38 -16.38 -17.16
C GLY I 58 39.78 -16.66 -17.65
N ILE I 59 40.23 -15.98 -18.69
CA ILE I 59 41.54 -16.20 -19.29
C ILE I 59 42.50 -15.18 -18.69
N PRO I 60 43.63 -15.60 -18.14
CA PRO I 60 44.53 -14.65 -17.47
C PRO I 60 45.09 -13.61 -18.42
N ASP I 61 45.56 -12.52 -17.83
CA ASP I 61 46.06 -11.36 -18.55
C ASP I 61 47.34 -11.60 -19.31
N ARG I 62 47.91 -12.81 -19.31
CA ARG I 62 49.12 -13.09 -20.06
C ARG I 62 48.83 -13.49 -21.50
N PHE I 63 47.57 -13.70 -21.86
CA PHE I 63 47.17 -13.98 -23.23
C PHE I 63 46.72 -12.68 -23.87
N ARG I 64 47.41 -12.28 -24.94
CA ARG I 64 47.14 -11.02 -25.62
C ARG I 64 46.95 -11.29 -27.10
N GLY I 65 45.92 -10.69 -27.68
CA GLY I 65 45.64 -10.83 -29.09
C GLY I 65 45.79 -9.50 -29.81
N SER I 66 46.23 -9.58 -31.06
CA SER I 66 46.45 -8.39 -31.87
C SER I 66 46.42 -8.78 -33.33
N GLY I 67 46.32 -7.77 -34.19
CA GLY I 67 46.35 -8.00 -35.62
C GLY I 67 45.17 -7.37 -36.34
N SER I 68 45.34 -7.15 -37.64
CA SER I 68 44.29 -6.59 -38.47
C SER I 68 44.65 -6.86 -39.92
N GLY I 69 43.62 -7.18 -40.72
CA GLY I 69 43.83 -7.45 -42.12
C GLY I 69 44.03 -8.91 -42.41
N THR I 70 45.23 -9.29 -42.85
CA THR I 70 45.55 -10.68 -43.14
C THR I 70 46.52 -11.29 -42.15
N ASP I 71 47.09 -10.51 -41.24
CA ASP I 71 48.07 -11.01 -40.28
C ASP I 71 47.57 -10.77 -38.87
N PHE I 72 47.51 -11.84 -38.09
CA PHE I 72 47.06 -11.79 -36.71
C PHE I 72 48.04 -12.56 -35.84
N THR I 73 48.21 -12.09 -34.61
CA THR I 73 49.17 -12.70 -33.69
C THR I 73 48.52 -12.91 -32.33
N LEU I 74 48.93 -13.99 -31.67
CA LEU I 74 48.58 -14.25 -30.28
C LEU I 74 49.88 -14.33 -29.48
N THR I 75 49.95 -13.54 -28.41
CA THR I 75 51.17 -13.41 -27.63
C THR I 75 50.93 -13.87 -26.21
N ILE I 76 51.89 -14.61 -25.66
CA ILE I 76 51.87 -15.02 -24.26
C ILE I 76 53.08 -14.36 -23.60
N SER I 77 52.81 -13.51 -22.61
CA SER I 77 53.88 -12.74 -21.98
C SER I 77 54.83 -13.63 -21.19
N ARG I 78 54.27 -14.51 -20.36
CA ARG I 78 55.05 -15.49 -19.60
C ARG I 78 54.41 -16.85 -19.80
N LEU I 79 55.21 -17.83 -20.19
CA LEU I 79 54.72 -19.19 -20.42
C LEU I 79 54.69 -19.94 -19.10
N GLU I 80 53.52 -20.08 -18.52
CA GLU I 80 53.34 -20.96 -17.37
C GLU I 80 53.38 -22.42 -17.83
N PRO I 81 53.63 -23.35 -16.90
CA PRO I 81 53.68 -24.77 -17.31
C PRO I 81 52.40 -25.27 -17.94
N GLU I 82 51.23 -24.78 -17.51
CA GLU I 82 49.96 -25.23 -18.07
C GLU I 82 49.68 -24.64 -19.45
N ASP I 83 50.51 -23.72 -19.93
CA ASP I 83 50.30 -23.05 -21.21
C ASP I 83 50.99 -23.75 -22.37
N PHE I 84 51.18 -25.06 -22.30
CA PHE I 84 51.82 -25.82 -23.37
C PHE I 84 50.78 -26.74 -23.99
N ALA I 85 50.27 -26.36 -25.16
CA ALA I 85 49.22 -27.11 -25.84
C ALA I 85 49.27 -26.75 -27.32
N VAL I 86 48.21 -27.12 -28.05
CA VAL I 86 48.09 -26.80 -29.46
C VAL I 86 47.09 -25.66 -29.61
N TYR I 87 47.50 -24.61 -30.32
CA TYR I 87 46.71 -23.40 -30.45
C TYR I 87 46.16 -23.28 -31.87
N TYR I 88 44.87 -22.97 -31.98
CA TYR I 88 44.18 -22.89 -33.25
C TYR I 88 43.60 -21.50 -33.44
N CYS I 89 43.53 -21.05 -34.69
CA CYS I 89 42.83 -19.82 -35.04
C CYS I 89 41.61 -20.16 -35.88
N GLN I 90 40.49 -19.53 -35.55
CA GLN I 90 39.22 -19.75 -36.22
C GLN I 90 38.68 -18.44 -36.77
N GLN I 91 38.12 -18.49 -37.97
CA GLN I 91 37.30 -17.41 -38.50
C GLN I 91 35.84 -17.75 -38.26
N TYR I 92 35.11 -16.82 -37.66
CA TYR I 92 33.71 -17.03 -37.29
C TYR I 92 32.85 -15.98 -37.96
N GLY I 93 31.87 -16.42 -38.74
CA GLY I 93 30.88 -15.53 -39.31
C GLY I 93 31.28 -14.83 -40.58
N SER I 94 32.39 -15.20 -41.20
CA SER I 94 32.79 -14.56 -42.45
C SER I 94 31.81 -14.87 -43.57
N SER I 95 31.14 -16.01 -43.49
CA SER I 95 30.16 -16.44 -44.48
C SER I 95 29.26 -17.46 -43.82
N PRO I 96 28.06 -17.70 -44.37
CA PRO I 96 27.22 -18.76 -43.80
C PRO I 96 27.90 -20.12 -43.79
N GLN I 97 28.81 -20.36 -44.72
CA GLN I 97 29.62 -21.57 -44.72
C GLN I 97 31.01 -21.36 -44.13
N GLY I 98 31.34 -20.14 -43.70
CA GLY I 98 32.68 -19.87 -43.21
C GLY I 98 32.84 -19.91 -41.70
N PHE I 99 33.31 -21.04 -41.19
CA PHE I 99 33.64 -21.19 -39.77
C PHE I 99 34.90 -22.03 -39.60
N THR I 100 35.79 -21.98 -40.58
CA THR I 100 36.93 -22.89 -40.63
C THR I 100 37.93 -22.58 -39.53
N PHE I 101 38.78 -23.57 -39.25
CA PHE I 101 39.86 -23.45 -38.29
C PHE I 101 41.19 -23.26 -39.02
N GLY I 102 42.27 -23.29 -38.26
CA GLY I 102 43.61 -23.23 -38.80
C GLY I 102 44.32 -24.55 -38.70
N PRO I 103 45.51 -24.64 -39.29
CA PRO I 103 46.27 -25.90 -39.24
C PRO I 103 46.61 -26.35 -37.83
N GLY I 104 46.84 -25.42 -36.92
CA GLY I 104 47.31 -25.74 -35.59
C GLY I 104 48.79 -25.44 -35.43
N THR I 105 49.18 -25.17 -34.18
CA THR I 105 50.55 -24.78 -33.88
C THR I 105 50.96 -25.08 -32.45
N GLY J 327 3.93 17.12 -20.41
CA GLY J 327 5.25 17.51 -20.86
C GLY J 327 5.24 18.62 -21.88
N PHE J 328 6.07 18.47 -22.92
CA PHE J 328 6.10 19.47 -23.99
C PHE J 328 4.83 19.46 -24.81
N ILE J 329 4.16 18.32 -24.92
CA ILE J 329 2.87 18.24 -25.61
C ILE J 329 1.82 18.87 -24.71
N GLU J 330 1.20 19.94 -25.20
CA GLU J 330 0.34 20.76 -24.35
C GLU J 330 -1.08 20.20 -24.25
N ASN J 331 -1.77 20.12 -25.38
CA ASN J 331 -3.18 19.76 -25.40
C ASN J 331 -3.40 18.52 -26.24
N GLY J 332 -4.43 17.76 -25.86
CA GLY J 332 -4.84 16.63 -26.66
C GLY J 332 -5.66 17.05 -27.86
N TRP J 333 -5.74 16.14 -28.82
CA TRP J 333 -6.47 16.38 -30.07
C TRP J 333 -7.81 15.67 -29.98
N GLU J 334 -8.89 16.44 -29.98
CA GLU J 334 -10.23 15.87 -29.95
C GLU J 334 -10.68 15.37 -31.31
N GLY J 335 -9.92 15.65 -32.37
CA GLY J 335 -10.22 15.10 -33.67
C GLY J 335 -9.82 13.66 -33.86
N MET J 336 -9.04 13.10 -32.93
CA MET J 336 -8.65 11.70 -32.98
C MET J 336 -9.70 10.87 -32.28
N ILE J 337 -10.39 10.03 -33.04
CA ILE J 337 -11.35 9.07 -32.49
C ILE J 337 -10.97 7.64 -32.83
N ASP J 338 -9.82 7.43 -33.46
CA ASP J 338 -9.39 6.10 -33.89
C ASP J 338 -8.15 5.63 -33.15
N GLY J 339 -7.81 6.25 -32.03
CA GLY J 339 -6.65 5.84 -31.28
C GLY J 339 -6.38 6.79 -30.14
N TRP J 340 -5.32 6.49 -29.40
CA TRP J 340 -4.89 7.28 -28.26
C TRP J 340 -3.71 8.19 -28.60
N TYR J 341 -2.68 7.63 -29.23
CA TYR J 341 -1.51 8.40 -29.64
C TYR J 341 -1.42 8.39 -31.16
N GLY J 342 -1.07 9.54 -31.73
CA GLY J 342 -1.04 9.63 -33.17
C GLY J 342 -0.12 10.74 -33.65
N PHE J 343 -0.13 10.92 -34.96
CA PHE J 343 0.73 11.87 -35.65
C PHE J 343 -0.11 12.91 -36.35
N ARG J 344 0.43 14.11 -36.47
CA ARG J 344 -0.10 15.15 -37.34
C ARG J 344 1.05 15.72 -38.13
N HIS J 345 0.79 16.10 -39.37
CA HIS J 345 1.87 16.52 -40.24
C HIS J 345 1.40 17.59 -41.21
N GLN J 346 2.35 18.35 -41.72
CA GLN J 346 2.13 19.33 -42.78
C GLN J 346 3.27 19.23 -43.76
N ASN J 347 2.95 19.16 -45.05
CA ASN J 347 3.97 19.17 -46.09
C ASN J 347 3.38 19.85 -47.32
N SER J 348 4.09 19.74 -48.44
CA SER J 348 3.69 20.47 -49.64
C SER J 348 2.32 20.04 -50.14
N GLU J 349 1.97 18.77 -49.96
CA GLU J 349 0.69 18.27 -50.44
C GLU J 349 -0.43 18.41 -49.41
N GLY J 350 -0.14 18.93 -48.22
CA GLY J 350 -1.19 19.28 -47.29
C GLY J 350 -0.91 18.72 -45.91
N THR J 351 -1.97 18.65 -45.12
CA THR J 351 -1.90 18.18 -43.75
C THR J 351 -2.62 16.85 -43.60
N GLY J 352 -2.40 16.21 -42.46
CA GLY J 352 -3.01 14.91 -42.21
C GLY J 352 -2.93 14.50 -40.76
N GLN J 353 -3.72 13.49 -40.43
CA GLN J 353 -3.72 12.88 -39.11
C GLN J 353 -3.75 11.37 -39.25
N ALA J 354 -3.10 10.69 -38.32
CA ALA J 354 -3.11 9.24 -38.28
C ALA J 354 -2.87 8.80 -36.85
N ALA J 355 -3.23 7.57 -36.55
CA ALA J 355 -3.05 7.00 -35.23
C ALA J 355 -1.96 5.94 -35.26
N ASP J 356 -1.31 5.75 -34.12
CA ASP J 356 -0.28 4.73 -33.96
C ASP J 356 -0.84 3.65 -33.05
N LEU J 357 -1.17 2.49 -33.62
CA LEU J 357 -1.84 1.43 -32.89
C LEU J 357 -0.91 0.65 -31.98
N LYS J 358 0.39 0.63 -32.25
CA LYS J 358 1.30 -0.16 -31.43
C LYS J 358 1.36 0.34 -29.99
N SER J 359 1.39 1.66 -29.79
N SER J 359 1.39 1.66 -29.79
CA SER J 359 1.42 2.22 -28.45
CA SER J 359 1.42 2.22 -28.45
C SER J 359 0.04 2.25 -27.80
C SER J 359 0.04 2.25 -27.80
N THR J 360 -1.00 2.52 -28.58
CA THR J 360 -2.35 2.49 -28.06
C THR J 360 -2.70 1.10 -27.52
N GLN J 361 -2.35 0.06 -28.27
CA GLN J 361 -2.64 -1.30 -27.82
C GLN J 361 -1.81 -1.66 -26.59
N ALA J 362 -0.55 -1.19 -26.52
CA ALA J 362 0.26 -1.46 -25.35
C ALA J 362 -0.33 -0.83 -24.10
N ALA J 363 -0.72 0.45 -24.21
CA ALA J 363 -1.32 1.12 -23.07
C ALA J 363 -2.65 0.46 -22.67
N ILE J 364 -3.46 0.08 -23.66
CA ILE J 364 -4.73 -0.57 -23.38
C ILE J 364 -4.50 -1.90 -22.69
N ASP J 365 -3.51 -2.67 -23.15
CA ASP J 365 -3.23 -3.96 -22.56
C ASP J 365 -2.77 -3.81 -21.11
N GLN J 366 -1.90 -2.83 -20.85
CA GLN J 366 -1.48 -2.60 -19.47
C GLN J 366 -2.66 -2.20 -18.59
N ILE J 367 -3.56 -1.36 -19.10
CA ILE J 367 -4.70 -0.93 -18.30
C ILE J 367 -5.63 -2.11 -17.99
N ASN J 368 -5.92 -2.94 -19.00
CA ASN J 368 -6.77 -4.10 -18.77
C ASN J 368 -6.11 -5.09 -17.81
N GLY J 369 -4.81 -5.27 -17.94
CA GLY J 369 -4.11 -6.16 -17.00
C GLY J 369 -4.17 -5.67 -15.57
N LYS J 370 -3.97 -4.37 -15.37
CA LYS J 370 -4.09 -3.82 -14.02
C LYS J 370 -5.53 -3.83 -13.52
N LEU J 371 -6.50 -3.88 -14.43
CA LEU J 371 -7.89 -4.03 -14.01
C LEU J 371 -8.20 -5.46 -13.60
N ASN J 372 -7.59 -6.44 -14.27
CA ASN J 372 -7.89 -7.83 -13.97
C ASN J 372 -7.39 -8.27 -12.60
N ARG J 373 -6.37 -7.61 -12.06
CA ARG J 373 -5.88 -7.91 -10.71
C ARG J 373 -6.75 -7.31 -9.62
N VAL J 374 -7.66 -6.40 -9.95
CA VAL J 374 -8.50 -5.74 -8.96
C VAL J 374 -9.81 -6.49 -8.75
N ILE J 375 -10.45 -6.93 -9.83
CA ILE J 375 -11.69 -7.68 -9.73
C ILE J 375 -11.38 -9.14 -9.45
N ASN J 379 -13.29 -13.66 -2.55
CA ASN J 379 -13.61 -14.03 -1.18
C ASN J 379 -15.02 -14.61 -1.09
N GLU J 380 -15.16 -15.67 -0.30
CA GLU J 380 -16.45 -16.35 -0.13
C GLU J 380 -16.60 -16.71 1.34
N LYS J 381 -17.26 -15.83 2.09
CA LYS J 381 -17.54 -16.05 3.49
C LYS J 381 -19.01 -16.42 3.64
N PHE J 382 -19.29 -17.47 4.41
CA PHE J 382 -20.63 -18.04 4.49
C PHE J 382 -21.29 -17.79 5.84
N HIS J 383 -20.69 -18.24 6.93
CA HIS J 383 -21.23 -18.01 8.28
C HIS J 383 -20.28 -17.10 9.04
N GLN J 384 -20.81 -16.00 9.57
CA GLN J 384 -20.01 -15.03 10.30
C GLN J 384 -20.71 -14.63 11.58
N ILE J 385 -20.20 -13.60 12.24
CA ILE J 385 -20.81 -13.13 13.48
C ILE J 385 -21.98 -12.21 13.16
N GLU J 386 -22.84 -12.01 14.16
CA GLU J 386 -23.93 -11.07 14.02
C GLU J 386 -23.40 -9.65 13.99
N LYS J 387 -24.03 -8.81 13.17
CA LYS J 387 -23.59 -7.43 12.99
C LYS J 387 -24.63 -6.39 13.36
N GLU J 388 -25.91 -6.75 13.38
CA GLU J 388 -26.97 -5.87 13.87
C GLU J 388 -27.68 -6.54 15.02
N PHE J 389 -28.00 -5.76 16.05
CA PHE J 389 -28.57 -6.28 17.27
C PHE J 389 -29.85 -5.54 17.61
N SER J 390 -30.71 -6.20 18.38
CA SER J 390 -31.98 -5.63 18.80
C SER J 390 -32.08 -5.37 20.29
N GLU J 391 -31.22 -5.97 21.11
CA GLU J 391 -31.19 -5.72 22.53
C GLU J 391 -29.88 -5.05 22.91
N VAL J 392 -29.83 -4.54 24.13
CA VAL J 392 -28.60 -4.03 24.73
C VAL J 392 -28.10 -5.08 25.72
N GLU J 393 -26.92 -5.63 25.46
CA GLU J 393 -26.39 -6.70 26.29
C GLU J 393 -25.11 -6.29 27.02
N GLY J 394 -24.09 -5.85 26.30
CA GLY J 394 -22.86 -5.45 26.94
C GLY J 394 -21.60 -6.00 26.29
N ARG J 395 -20.77 -6.67 27.09
CA ARG J 395 -19.38 -6.95 26.71
C ARG J 395 -19.28 -7.60 25.34
N ILE J 396 -20.06 -8.67 25.11
CA ILE J 396 -19.97 -9.41 23.86
C ILE J 396 -20.35 -8.54 22.68
N GLN J 397 -21.46 -7.81 22.81
CA GLN J 397 -21.98 -7.03 21.70
C GLN J 397 -21.01 -5.92 21.30
N ASP J 398 -20.45 -5.23 22.29
CA ASP J 398 -19.42 -4.24 21.97
C ASP J 398 -18.19 -4.87 21.38
N LEU J 399 -17.83 -6.08 21.80
CA LEU J 399 -16.68 -6.73 21.17
C LEU J 399 -16.94 -7.01 19.69
N GLU J 400 -18.13 -7.52 19.35
CA GLU J 400 -18.42 -7.79 17.95
C GLU J 400 -18.54 -6.51 17.13
N LYS J 401 -19.15 -5.48 17.70
CA LYS J 401 -19.20 -4.19 17.01
C LYS J 401 -17.81 -3.64 16.76
N TYR J 402 -16.91 -3.76 17.74
CA TYR J 402 -15.55 -3.31 17.57
C TYR J 402 -14.83 -4.08 16.47
N VAL J 403 -14.98 -5.41 16.46
CA VAL J 403 -14.33 -6.21 15.43
C VAL J 403 -14.81 -5.80 14.04
N GLU J 404 -16.12 -5.65 13.88
CA GLU J 404 -16.65 -5.30 12.57
C GLU J 404 -16.22 -3.89 12.15
N ASP J 405 -16.25 -2.94 13.08
CA ASP J 405 -15.84 -1.57 12.74
C ASP J 405 -14.37 -1.54 12.33
N THR J 406 -13.52 -2.26 13.06
CA THR J 406 -12.11 -2.30 12.71
C THR J 406 -11.90 -2.88 11.32
N LYS J 407 -12.58 -3.98 11.01
CA LYS J 407 -12.45 -4.58 9.69
C LYS J 407 -12.90 -3.63 8.60
N ILE J 408 -14.02 -2.94 8.81
CA ILE J 408 -14.52 -2.02 7.79
C ILE J 408 -13.55 -0.87 7.59
N ASP J 409 -13.01 -0.31 8.67
CA ASP J 409 -12.07 0.79 8.54
C ASP J 409 -10.82 0.37 7.78
N LEU J 410 -10.28 -0.80 8.12
CA LEU J 410 -9.06 -1.26 7.45
C LEU J 410 -9.31 -1.52 5.96
N TRP J 411 -10.45 -2.12 5.61
CA TRP J 411 -10.72 -2.38 4.20
C TRP J 411 -11.02 -1.10 3.44
N SER J 412 -11.65 -0.12 4.08
CA SER J 412 -11.85 1.17 3.43
C SER J 412 -10.52 1.84 3.13
N TYR J 413 -9.58 1.79 4.08
CA TYR J 413 -8.26 2.36 3.84
C TYR J 413 -7.57 1.63 2.70
N ASN J 414 -7.66 0.31 2.68
CA ASN J 414 -6.99 -0.46 1.62
C ASN J 414 -7.56 -0.10 0.26
N ALA J 415 -8.88 0.01 0.15
CA ALA J 415 -9.49 0.37 -1.12
C ALA J 415 -9.05 1.76 -1.58
N GLU J 416 -9.05 2.73 -0.66
CA GLU J 416 -8.63 4.08 -1.02
C GLU J 416 -7.19 4.08 -1.53
N LEU J 417 -6.30 3.45 -0.79
CA LEU J 417 -4.89 3.44 -1.17
C LEU J 417 -4.70 2.75 -2.51
N LEU J 418 -5.38 1.63 -2.71
CA LEU J 418 -5.22 0.88 -3.96
C LEU J 418 -5.65 1.69 -5.15
N VAL J 419 -6.83 2.33 -5.07
CA VAL J 419 -7.29 3.09 -6.24
C VAL J 419 -6.38 4.28 -6.48
N ALA J 420 -5.90 4.93 -5.42
CA ALA J 420 -5.03 6.08 -5.61
C ALA J 420 -3.72 5.69 -6.30
N LEU J 421 -3.08 4.62 -5.80
CA LEU J 421 -1.84 4.17 -6.41
C LEU J 421 -2.06 3.73 -7.86
N GLU J 422 -3.14 3.01 -8.13
CA GLU J 422 -3.39 2.53 -9.48
C GLU J 422 -3.63 3.69 -10.44
N ASN J 423 -4.37 4.70 -10.01
CA ASN J 423 -4.62 5.85 -10.88
C ASN J 423 -3.33 6.61 -11.17
N GLN J 424 -2.50 6.81 -10.14
CA GLN J 424 -1.22 7.47 -10.36
C GLN J 424 -0.38 6.69 -11.35
N HIS J 425 -0.32 5.37 -11.20
CA HIS J 425 0.48 4.56 -12.09
C HIS J 425 -0.05 4.58 -13.51
N THR J 426 -1.38 4.60 -13.68
CA THR J 426 -1.96 4.64 -15.02
C THR J 426 -1.60 5.93 -15.72
N ILE J 427 -1.73 7.07 -15.01
CA ILE J 427 -1.36 8.35 -15.61
C ILE J 427 0.10 8.34 -16.00
N ASP J 428 0.97 7.85 -15.12
CA ASP J 428 2.39 7.81 -15.40
C ASP J 428 2.70 6.94 -16.61
N LEU J 429 2.06 5.77 -16.71
CA LEU J 429 2.37 4.85 -17.79
C LEU J 429 1.91 5.40 -19.14
N THR J 430 0.76 6.08 -19.16
CA THR J 430 0.30 6.68 -20.41
C THR J 430 1.25 7.78 -20.87
N ASP J 431 1.68 8.65 -19.94
CA ASP J 431 2.64 9.67 -20.30
C ASP J 431 3.95 9.06 -20.79
N SER J 432 4.38 7.98 -20.15
CA SER J 432 5.59 7.28 -20.57
C SER J 432 5.46 6.72 -21.97
N GLU J 433 4.30 6.16 -22.31
CA GLU J 433 4.09 5.64 -23.66
C GLU J 433 4.17 6.76 -24.69
N MET J 434 3.59 7.92 -24.38
CA MET J 434 3.66 9.05 -25.31
C MET J 434 5.12 9.46 -25.52
N ASN J 435 5.88 9.56 -24.43
CA ASN J 435 7.29 9.94 -24.55
C ASN J 435 8.07 8.89 -25.32
N LYS J 436 7.72 7.61 -25.16
CA LYS J 436 8.39 6.55 -25.88
C LYS J 436 8.17 6.67 -27.38
N LEU J 437 6.94 6.96 -27.80
CA LEU J 437 6.66 7.17 -29.21
C LEU J 437 7.47 8.35 -29.74
N PHE J 438 7.52 9.44 -28.97
CA PHE J 438 8.29 10.61 -29.40
C PHE J 438 9.76 10.27 -29.56
N GLU J 439 10.33 9.54 -28.61
CA GLU J 439 11.77 9.23 -28.67
C GLU J 439 12.08 8.27 -29.81
N LYS J 440 11.19 7.29 -30.06
CA LYS J 440 11.39 6.41 -31.20
C LYS J 440 11.40 7.20 -32.50
N THR J 441 10.46 8.14 -32.65
CA THR J 441 10.45 8.96 -33.87
C THR J 441 11.71 9.80 -33.98
N ARG J 442 12.16 10.38 -32.87
CA ARG J 442 13.36 11.20 -32.90
C ARG J 442 14.58 10.39 -33.33
N ARG J 443 14.73 9.18 -32.78
CA ARG J 443 15.85 8.36 -33.18
C ARG J 443 15.72 7.89 -34.63
N GLN J 444 14.49 7.74 -35.12
CA GLN J 444 14.30 7.41 -36.52
C GLN J 444 14.79 8.53 -37.43
N LEU J 445 14.48 9.77 -37.08
CA LEU J 445 14.76 10.88 -37.98
C LEU J 445 16.26 11.20 -38.08
N ARG J 446 17.00 10.98 -37.00
CA ARG J 446 18.47 11.19 -36.95
C ARG J 446 18.74 12.68 -37.20
N GLU J 447 19.74 13.00 -38.01
CA GLU J 447 20.15 14.39 -38.24
C GLU J 447 19.28 15.08 -39.29
N ASN J 448 18.19 14.47 -39.71
CA ASN J 448 17.33 15.02 -40.75
C ASN J 448 16.29 15.99 -40.22
N ALA J 449 15.96 15.92 -38.93
CA ALA J 449 14.93 16.76 -38.35
C ALA J 449 15.38 17.22 -36.98
N GLU J 450 14.78 18.31 -36.51
CA GLU J 450 15.22 18.97 -35.30
C GLU J 450 14.01 19.38 -34.46
N ASP J 451 14.06 19.05 -33.17
CA ASP J 451 12.92 19.21 -32.27
C ASP J 451 12.61 20.69 -32.07
N MET J 452 11.33 21.04 -32.09
CA MET J 452 10.89 22.42 -31.93
C MET J 452 10.35 22.72 -30.53
N GLY J 453 10.32 21.74 -29.62
CA GLY J 453 9.98 21.99 -28.24
C GLY J 453 8.52 21.86 -27.88
N ASN J 454 7.63 21.66 -28.85
CA ASN J 454 6.21 21.54 -28.58
C ASN J 454 5.66 20.18 -28.96
N GLY J 455 6.52 19.17 -29.06
CA GLY J 455 6.13 17.88 -29.55
C GLY J 455 6.17 17.73 -31.05
N CYS J 456 6.67 18.72 -31.77
CA CYS J 456 6.71 18.70 -33.22
C CYS J 456 8.14 18.65 -33.73
N PHE J 457 8.34 17.95 -34.83
CA PHE J 457 9.63 17.88 -35.51
C PHE J 457 9.60 18.74 -36.75
N LYS J 458 10.75 19.31 -37.10
CA LYS J 458 10.91 20.05 -38.34
C LYS J 458 11.81 19.24 -39.26
N ILE J 459 11.20 18.53 -40.21
CA ILE J 459 11.94 17.75 -41.17
C ILE J 459 12.50 18.68 -42.24
N TYR J 460 13.82 18.66 -42.39
CA TYR J 460 14.53 19.66 -43.18
C TYR J 460 14.72 19.24 -44.63
N HIS J 461 13.80 18.44 -45.15
CA HIS J 461 13.85 18.04 -46.55
C HIS J 461 12.44 17.83 -47.05
N LYS J 462 12.29 17.77 -48.37
CA LYS J 462 11.01 17.45 -48.97
C LYS J 462 10.53 16.10 -48.49
N CYS J 463 9.46 16.10 -47.70
CA CYS J 463 8.90 14.88 -47.11
C CYS J 463 7.46 14.76 -47.59
N ASP J 464 7.25 13.99 -48.65
CA ASP J 464 5.92 13.81 -49.23
C ASP J 464 5.13 12.85 -48.35
N ASN J 465 3.94 12.45 -48.82
CA ASN J 465 3.08 11.59 -48.01
C ASN J 465 3.66 10.20 -47.82
N ALA J 466 4.36 9.67 -48.82
CA ALA J 466 5.06 8.40 -48.63
C ALA J 466 6.16 8.53 -47.60
N CYS J 467 6.84 9.68 -47.57
CA CYS J 467 7.84 9.97 -46.55
C CYS J 467 7.23 9.93 -45.15
N ILE J 468 6.09 10.60 -44.96
CA ILE J 468 5.45 10.62 -43.66
C ILE J 468 4.98 9.21 -43.28
N GLU J 469 4.44 8.48 -44.25
CA GLU J 469 4.06 7.09 -44.02
C GLU J 469 5.25 6.29 -43.53
N SER J 470 6.40 6.45 -44.19
CA SER J 470 7.60 5.69 -43.82
C SER J 470 8.05 6.04 -42.41
N ILE J 471 7.99 7.32 -42.04
CA ILE J 471 8.29 7.68 -40.66
C ILE J 471 7.31 7.03 -39.71
N ARG J 472 6.06 6.87 -40.13
CA ARG J 472 5.04 6.33 -39.23
C ARG J 472 5.16 4.83 -39.02
N ASN J 473 5.45 4.04 -40.06
CA ASN J 473 5.46 2.60 -39.87
C ASN J 473 6.83 2.06 -39.48
N GLY J 474 7.86 2.90 -39.45
CA GLY J 474 9.17 2.49 -39.02
C GLY J 474 10.14 2.12 -40.13
N THR J 475 9.86 2.48 -41.37
CA THR J 475 10.70 2.14 -42.52
C THR J 475 11.29 3.39 -43.16
N TYR J 476 11.75 4.34 -42.34
CA TYR J 476 12.31 5.59 -42.84
C TYR J 476 13.82 5.44 -42.98
N ASP J 477 14.30 5.52 -44.22
CA ASP J 477 15.73 5.44 -44.50
C ASP J 477 16.30 6.85 -44.46
N HIS J 478 17.15 7.11 -43.48
CA HIS J 478 17.68 8.44 -43.25
C HIS J 478 18.91 8.76 -44.10
N ASP J 479 19.58 7.74 -44.63
CA ASP J 479 20.82 7.99 -45.36
C ASP J 479 20.58 8.59 -46.74
N ILE J 480 19.35 8.55 -47.25
CA ILE J 480 19.07 9.05 -48.59
C ILE J 480 18.53 10.47 -48.57
N TYR J 481 18.15 11.00 -47.41
CA TYR J 481 17.79 12.40 -47.27
C TYR J 481 18.82 13.20 -46.48
N ARG J 482 19.94 12.58 -46.11
CA ARG J 482 20.88 13.24 -45.20
C ARG J 482 21.57 14.42 -45.85
N ASP J 483 21.92 14.29 -47.14
CA ASP J 483 22.65 15.37 -47.81
C ASP J 483 21.81 16.65 -47.86
N GLU J 484 20.58 16.54 -48.35
CA GLU J 484 19.74 17.73 -48.47
C GLU J 484 19.34 18.25 -47.10
N ALA J 485 19.10 17.35 -46.15
CA ALA J 485 18.74 17.78 -44.79
C ALA J 485 19.87 18.56 -44.14
N LEU J 486 21.11 18.10 -44.31
CA LEU J 486 22.24 18.81 -43.73
C LEU J 486 22.50 20.12 -44.48
N ASN J 487 22.29 20.14 -45.79
CA ASN J 487 22.49 21.38 -46.53
C ASN J 487 21.51 22.44 -46.06
N ASN J 488 20.23 22.07 -45.89
CA ASN J 488 19.23 23.04 -45.44
C ASN J 488 19.41 23.39 -43.98
N ARG J 489 19.85 22.44 -43.15
CA ARG J 489 19.93 22.65 -41.71
C ARG J 489 21.03 23.64 -41.35
N PHE J 490 22.23 23.45 -41.88
CA PHE J 490 23.39 24.20 -41.42
C PHE J 490 23.67 25.43 -42.27
N GLN J 491 23.92 25.23 -43.56
CA GLN J 491 24.25 26.34 -44.46
C GLN J 491 22.96 27.06 -44.84
N ILE J 492 22.56 28.00 -43.97
CA ILE J 492 21.34 28.78 -44.15
C ILE J 492 20.12 27.88 -44.28
N GLY K 327 20.94 12.74 -11.59
CA GLY K 327 22.20 12.56 -10.90
C GLY K 327 23.34 13.23 -11.61
N PHE K 328 23.07 13.65 -12.85
CA PHE K 328 24.05 14.37 -13.65
C PHE K 328 24.33 15.78 -13.11
N ILE K 329 23.46 16.30 -12.24
CA ILE K 329 23.81 17.46 -11.42
C ILE K 329 24.36 16.94 -10.10
N GLU K 330 25.62 17.28 -9.81
CA GLU K 330 26.34 16.66 -8.70
C GLU K 330 25.92 17.23 -7.35
N ASN K 331 26.04 18.54 -7.18
CA ASN K 331 25.84 19.18 -5.89
C ASN K 331 24.74 20.23 -5.97
N GLY K 332 24.12 20.49 -4.83
CA GLY K 332 23.14 21.55 -4.76
C GLY K 332 23.78 22.91 -4.48
N TRP K 333 22.95 23.94 -4.49
CA TRP K 333 23.39 25.30 -4.23
C TRP K 333 22.77 25.78 -2.93
N GLU K 334 23.60 25.97 -1.91
CA GLU K 334 23.12 26.52 -0.65
C GLU K 334 22.97 28.02 -0.70
N GLY K 335 23.48 28.66 -1.75
CA GLY K 335 23.39 30.10 -1.89
C GLY K 335 22.13 30.61 -2.57
N MET K 336 21.33 29.72 -3.16
CA MET K 336 20.07 30.14 -3.77
C MET K 336 18.94 29.80 -2.81
N ILE K 337 18.46 30.82 -2.09
CA ILE K 337 17.47 30.65 -1.04
C ILE K 337 16.12 31.25 -1.42
N ASP K 338 15.92 31.57 -2.70
CA ASP K 338 14.67 32.16 -3.18
C ASP K 338 13.86 31.19 -4.02
N GLY K 339 14.21 29.91 -4.00
CA GLY K 339 13.51 28.93 -4.79
C GLY K 339 14.14 27.57 -4.64
N TRP K 340 13.53 26.59 -5.29
CA TRP K 340 14.02 25.22 -5.28
C TRP K 340 14.87 24.92 -6.50
N TYR K 341 14.49 25.42 -7.67
CA TYR K 341 15.23 25.23 -8.90
C TYR K 341 15.55 26.58 -9.50
N GLY K 342 16.75 26.71 -10.06
CA GLY K 342 17.15 27.98 -10.61
C GLY K 342 18.22 27.83 -11.68
N PHE K 343 18.83 28.96 -12.02
CA PHE K 343 19.87 29.03 -13.04
C PHE K 343 21.10 29.73 -12.49
N ARG K 344 22.25 29.39 -13.05
CA ARG K 344 23.50 30.09 -12.82
C ARG K 344 24.20 30.26 -14.16
N HIS K 345 24.78 31.44 -14.39
CA HIS K 345 25.32 31.74 -15.70
C HIS K 345 26.64 32.49 -15.58
N GLN K 346 27.42 32.44 -16.65
CA GLN K 346 28.62 33.23 -16.80
C GLN K 346 28.66 33.77 -18.23
N ASN K 347 29.02 35.04 -18.36
CA ASN K 347 29.13 35.66 -19.67
C ASN K 347 30.17 36.78 -19.59
N SER K 348 30.19 37.63 -20.62
CA SER K 348 31.17 38.71 -20.65
C SER K 348 30.92 39.73 -19.54
N GLU K 349 29.68 39.86 -19.10
CA GLU K 349 29.33 40.84 -18.08
C GLU K 349 29.30 40.27 -16.68
N GLY K 350 29.64 39.00 -16.49
CA GLY K 350 29.84 38.44 -15.17
C GLY K 350 28.96 37.22 -14.95
N THR K 351 28.85 36.82 -13.69
CA THR K 351 28.03 35.69 -13.28
C THR K 351 26.78 36.19 -12.57
N GLY K 352 25.83 35.27 -12.43
CA GLY K 352 24.56 35.60 -11.81
C GLY K 352 23.80 34.36 -11.42
N GLN K 353 22.71 34.56 -10.70
CA GLN K 353 21.87 33.47 -10.24
C GLN K 353 20.43 33.93 -10.21
N ALA K 354 19.53 33.06 -10.66
CA ALA K 354 18.10 33.35 -10.61
C ALA K 354 17.35 32.03 -10.43
N ALA K 355 16.20 32.12 -9.79
CA ALA K 355 15.39 30.96 -9.48
C ALA K 355 14.21 30.86 -10.45
N ASP K 356 13.68 29.65 -10.58
CA ASP K 356 12.53 29.40 -11.44
C ASP K 356 11.30 29.25 -10.56
N LEU K 357 10.32 30.12 -10.75
CA LEU K 357 9.09 30.09 -9.98
C LEU K 357 8.14 28.99 -10.39
N LYS K 358 8.02 28.72 -11.69
CA LYS K 358 7.01 27.75 -12.15
C LYS K 358 7.28 26.35 -11.65
N SER K 359 8.53 25.90 -11.69
N SER K 359 8.53 25.90 -11.69
CA SER K 359 8.87 24.55 -11.26
CA SER K 359 8.87 24.55 -11.26
C SER K 359 8.86 24.41 -9.74
C SER K 359 8.86 24.41 -9.74
N THR K 360 9.37 25.42 -9.03
CA THR K 360 9.31 25.40 -7.58
C THR K 360 7.86 25.37 -7.12
N GLN K 361 7.00 26.17 -7.74
CA GLN K 361 5.60 26.18 -7.38
C GLN K 361 4.94 24.83 -7.68
N ALA K 362 5.27 24.22 -8.81
CA ALA K 362 4.70 22.92 -9.13
C ALA K 362 5.08 21.88 -8.09
N ALA K 363 6.36 21.87 -7.71
CA ALA K 363 6.81 20.92 -6.69
C ALA K 363 6.10 21.17 -5.35
N ILE K 364 5.98 22.43 -4.95
CA ILE K 364 5.32 22.73 -3.67
C ILE K 364 3.85 22.33 -3.71
N ASP K 365 3.16 22.62 -4.81
CA ASP K 365 1.75 22.24 -4.89
C ASP K 365 1.57 20.73 -4.82
N GLN K 366 2.40 19.97 -5.54
CA GLN K 366 2.28 18.51 -5.44
C GLN K 366 2.56 18.02 -4.02
N ILE K 367 3.60 18.57 -3.37
CA ILE K 367 3.95 18.11 -2.03
C ILE K 367 2.84 18.45 -1.04
N ASN K 368 2.27 19.65 -1.14
CA ASN K 368 1.20 20.03 -0.22
C ASN K 368 -0.07 19.24 -0.48
N GLY K 369 -0.37 18.95 -1.74
CA GLY K 369 -1.51 18.09 -2.04
C GLY K 369 -1.33 16.70 -1.48
N LYS K 370 -0.10 16.19 -1.50
CA LYS K 370 0.19 14.92 -0.87
C LYS K 370 0.12 14.99 0.65
N LEU K 371 0.54 16.11 1.24
CA LEU K 371 0.44 16.29 2.68
C LEU K 371 -1.01 16.31 3.15
N ASN K 372 -1.89 16.98 2.40
CA ASN K 372 -3.27 17.11 2.82
C ASN K 372 -4.01 15.78 2.84
N ARG K 373 -3.69 14.86 1.93
CA ARG K 373 -4.29 13.54 1.93
C ARG K 373 -3.91 12.72 3.15
N VAL K 374 -2.72 12.93 3.71
CA VAL K 374 -2.29 12.24 4.90
C VAL K 374 -2.90 12.84 6.16
N ILE K 375 -2.89 14.16 6.27
CA ILE K 375 -3.46 14.84 7.43
C ILE K 375 -4.92 15.20 7.17
N ASN K 379 -10.99 9.66 11.62
CA ASN K 379 -11.80 8.70 12.36
C ASN K 379 -12.31 9.31 13.66
N GLU K 380 -13.54 8.96 14.04
CA GLU K 380 -14.21 9.53 15.21
C GLU K 380 -14.84 8.38 15.98
N LYS K 381 -14.11 7.86 16.97
CA LYS K 381 -14.56 6.72 17.76
C LYS K 381 -14.95 7.21 19.14
N PHE K 382 -16.09 6.75 19.64
CA PHE K 382 -16.66 7.22 20.89
C PHE K 382 -16.68 6.16 21.98
N HIS K 383 -17.34 5.03 21.76
CA HIS K 383 -17.36 3.95 22.72
C HIS K 383 -16.74 2.70 22.10
N GLN K 384 -15.73 2.17 22.78
CA GLN K 384 -15.04 1.00 22.28
C GLN K 384 -14.93 -0.04 23.38
N ILE K 385 -14.18 -1.11 23.14
CA ILE K 385 -13.99 -2.13 24.15
C ILE K 385 -12.94 -1.66 25.16
N GLU K 386 -12.97 -2.28 26.34
CA GLU K 386 -11.94 -2.01 27.33
C GLU K 386 -10.62 -2.59 26.87
N LYS K 387 -9.55 -1.81 27.06
CA LYS K 387 -8.22 -2.19 26.60
C LYS K 387 -7.23 -2.43 27.71
N GLU K 388 -7.51 -2.00 28.94
CA GLU K 388 -6.66 -2.25 30.08
C GLU K 388 -7.45 -3.04 31.12
N PHE K 389 -6.79 -4.03 31.71
CA PHE K 389 -7.45 -4.95 32.63
C PHE K 389 -6.67 -5.06 33.92
N SER K 390 -7.40 -5.10 35.02
CA SER K 390 -6.80 -5.19 36.35
C SER K 390 -6.93 -6.57 36.98
N GLU K 391 -7.82 -7.42 36.48
CA GLU K 391 -7.97 -8.78 36.95
C GLU K 391 -7.66 -9.76 35.82
N VAL K 392 -7.31 -10.98 36.20
CA VAL K 392 -7.08 -12.06 35.27
C VAL K 392 -8.38 -12.83 35.13
N GLU K 393 -8.95 -12.86 33.93
CA GLU K 393 -10.23 -13.50 33.70
C GLU K 393 -10.11 -14.72 32.78
N GLY K 394 -9.57 -14.55 31.58
CA GLY K 394 -9.44 -15.67 30.69
C GLY K 394 -9.89 -15.41 29.27
N ARG K 395 -10.82 -16.23 28.78
CA ARG K 395 -11.12 -16.31 27.36
C ARG K 395 -11.48 -14.94 26.76
N ILE K 396 -12.40 -14.23 27.39
CA ILE K 396 -12.88 -12.97 26.84
C ILE K 396 -11.78 -11.92 26.87
N GLN K 397 -11.02 -11.86 27.96
CA GLN K 397 -9.96 -10.87 28.08
C GLN K 397 -8.87 -11.13 27.05
N ASP K 398 -8.54 -12.41 26.82
CA ASP K 398 -7.58 -12.74 25.79
C ASP K 398 -8.08 -12.39 24.40
N LEU K 399 -9.38 -12.59 24.13
CA LEU K 399 -9.91 -12.19 22.84
C LEU K 399 -9.82 -10.68 22.65
N GLU K 400 -10.14 -9.91 23.68
CA GLU K 400 -10.05 -8.45 23.60
C GLU K 400 -8.61 -8.01 23.33
N LYS K 401 -7.67 -8.59 24.07
CA LYS K 401 -6.26 -8.24 23.88
C LYS K 401 -5.80 -8.60 22.48
N TYR K 402 -6.20 -9.76 21.98
CA TYR K 402 -5.81 -10.18 20.64
C TYR K 402 -6.36 -9.24 19.59
N VAL K 403 -7.62 -8.83 19.73
CA VAL K 403 -8.22 -7.93 18.75
C VAL K 403 -7.48 -6.61 18.73
N GLU K 404 -7.21 -6.04 19.92
CA GLU K 404 -6.50 -4.77 19.96
C GLU K 404 -5.10 -4.89 19.38
N ASP K 405 -4.38 -5.96 19.71
CA ASP K 405 -3.03 -6.13 19.18
C ASP K 405 -3.04 -6.25 17.67
N THR K 406 -4.01 -6.99 17.12
CA THR K 406 -4.11 -7.09 15.67
C THR K 406 -4.36 -5.73 15.03
N LYS K 407 -5.27 -4.94 15.61
CA LYS K 407 -5.55 -3.63 15.05
C LYS K 407 -4.32 -2.73 15.07
N ILE K 408 -3.59 -2.72 16.19
CA ILE K 408 -2.40 -1.86 16.26
C ILE K 408 -1.33 -2.32 15.28
N ASP K 409 -1.10 -3.62 15.18
CA ASP K 409 -0.07 -4.09 14.25
C ASP K 409 -0.41 -3.73 12.82
N LEU K 410 -1.68 -3.92 12.42
CA LEU K 410 -2.06 -3.60 11.05
C LEU K 410 -1.95 -2.11 10.77
N TRP K 411 -2.38 -1.26 11.70
CA TRP K 411 -2.27 0.17 11.44
C TRP K 411 -0.83 0.65 11.45
N SER K 412 0.03 0.06 12.28
CA SER K 412 1.44 0.41 12.26
C SER K 412 2.06 0.07 10.91
N TYR K 413 1.76 -1.12 10.40
CA TYR K 413 2.27 -1.48 9.08
C TYR K 413 1.75 -0.54 8.00
N ASN K 414 0.47 -0.19 8.08
CA ASN K 414 -0.10 0.71 7.09
C ASN K 414 0.60 2.06 7.11
N ALA K 415 0.86 2.59 8.30
CA ALA K 415 1.55 3.86 8.41
C ALA K 415 2.95 3.79 7.83
N GLU K 416 3.69 2.72 8.13
CA GLU K 416 5.04 2.58 7.61
C GLU K 416 5.05 2.51 6.08
N LEU K 417 4.15 1.70 5.52
CA LEU K 417 4.07 1.59 4.07
C LEU K 417 3.71 2.92 3.42
N LEU K 418 2.74 3.62 4.00
CA LEU K 418 2.32 4.89 3.43
C LEU K 418 3.45 5.91 3.43
N VAL K 419 4.19 6.00 4.54
CA VAL K 419 5.25 7.00 4.58
C VAL K 419 6.37 6.65 3.63
N ALA K 420 6.71 5.35 3.52
CA ALA K 420 7.76 4.96 2.59
C ALA K 420 7.37 5.31 1.15
N LEU K 421 6.14 4.97 0.78
CA LEU K 421 5.67 5.26 -0.58
C LEU K 421 5.65 6.75 -0.88
N GLU K 422 5.16 7.54 0.08
CA GLU K 422 5.04 8.97 -0.17
C GLU K 422 6.40 9.64 -0.25
N ASN K 423 7.35 9.22 0.59
CA ASN K 423 8.70 9.76 0.48
C ASN K 423 9.35 9.40 -0.84
N GLN K 424 9.18 8.15 -1.29
CA GLN K 424 9.75 7.75 -2.56
C GLN K 424 9.16 8.57 -3.71
N HIS K 425 7.84 8.76 -3.69
CA HIS K 425 7.19 9.57 -4.71
C HIS K 425 7.69 11.00 -4.70
N THR K 426 7.88 11.58 -3.50
CA THR K 426 8.35 12.96 -3.42
C THR K 426 9.73 13.11 -4.04
N ILE K 427 10.64 12.20 -3.70
CA ILE K 427 11.99 12.29 -4.25
C ILE K 427 11.95 12.13 -5.77
N ASP K 428 11.19 11.14 -6.25
CA ASP K 428 11.10 10.93 -7.70
C ASP K 428 10.54 12.16 -8.41
N LEU K 429 9.50 12.78 -7.83
CA LEU K 429 8.87 13.90 -8.52
C LEU K 429 9.78 15.13 -8.52
N THR K 430 10.55 15.34 -7.45
CA THR K 430 11.49 16.45 -7.45
C THR K 430 12.58 16.26 -8.51
N ASP K 431 13.14 15.04 -8.60
CA ASP K 431 14.11 14.77 -9.66
C ASP K 431 13.49 14.97 -11.03
N SER K 432 12.25 14.53 -11.22
CA SER K 432 11.58 14.71 -12.50
C SER K 432 11.40 16.18 -12.83
N GLU K 433 11.07 17.01 -11.84
CA GLU K 433 10.93 18.44 -12.10
C GLU K 433 12.24 19.06 -12.55
N MET K 434 13.34 18.68 -11.89
CA MET K 434 14.64 19.19 -12.31
C MET K 434 14.96 18.78 -13.74
N ASN K 435 14.70 17.51 -14.08
CA ASN K 435 14.95 17.03 -15.44
C ASN K 435 14.05 17.74 -16.45
N LYS K 436 12.81 18.02 -16.07
CA LYS K 436 11.90 18.74 -16.96
C LYS K 436 12.43 20.13 -17.28
N LEU K 437 12.91 20.85 -16.26
CA LEU K 437 13.47 22.17 -16.51
C LEU K 437 14.70 22.09 -17.41
N PHE K 438 15.56 21.09 -17.17
CA PHE K 438 16.73 20.93 -18.02
C PHE K 438 16.35 20.70 -19.48
N GLU K 439 15.39 19.81 -19.70
CA GLU K 439 14.97 19.50 -21.07
C GLU K 439 14.28 20.69 -21.73
N LYS K 440 13.54 21.47 -20.96
CA LYS K 440 12.91 22.66 -21.51
C LYS K 440 13.95 23.68 -21.96
N THR K 441 14.97 23.91 -21.14
CA THR K 441 16.04 24.82 -21.55
C THR K 441 16.77 24.30 -22.79
N ARG K 442 17.03 23.00 -22.82
CA ARG K 442 17.70 22.42 -23.99
C ARG K 442 16.87 22.61 -25.25
N ARG K 443 15.57 22.37 -25.16
CA ARG K 443 14.72 22.52 -26.34
C ARG K 443 14.59 23.98 -26.74
N GLN K 444 14.72 24.90 -25.78
CA GLN K 444 14.79 26.32 -26.13
C GLN K 444 16.02 26.62 -26.96
N LEU K 445 17.18 26.12 -26.53
CA LEU K 445 18.43 26.57 -27.12
C LEU K 445 18.60 26.11 -28.56
N ARG K 446 18.07 24.94 -28.90
CA ARG K 446 18.13 24.36 -30.26
C ARG K 446 19.60 24.12 -30.61
N GLU K 447 20.03 24.46 -31.83
CA GLU K 447 21.37 24.20 -32.31
C GLU K 447 22.37 25.24 -31.84
N ASN K 448 21.96 26.17 -30.99
CA ASN K 448 22.79 27.29 -30.57
C ASN K 448 23.63 26.98 -29.34
N ALA K 449 23.42 25.82 -28.72
CA ALA K 449 24.13 25.48 -27.50
C ALA K 449 24.31 23.97 -27.46
N GLU K 450 25.25 23.52 -26.64
CA GLU K 450 25.56 22.11 -26.52
C GLU K 450 25.84 21.76 -25.07
N ASP K 451 25.23 20.68 -24.61
CA ASP K 451 25.29 20.29 -23.21
C ASP K 451 26.70 19.81 -22.88
N MET K 452 27.21 20.24 -21.72
CA MET K 452 28.56 19.91 -21.29
C MET K 452 28.63 18.63 -20.47
N GLY K 453 27.50 18.07 -20.07
CA GLY K 453 27.47 16.82 -19.35
C GLY K 453 27.39 16.94 -17.84
N ASN K 454 27.75 18.10 -17.28
CA ASN K 454 27.65 18.32 -15.84
C ASN K 454 26.30 18.86 -15.44
N GLY K 455 25.28 18.55 -16.23
CA GLY K 455 23.94 19.02 -15.98
C GLY K 455 23.68 20.45 -16.41
N CYS K 456 24.53 21.03 -17.25
CA CYS K 456 24.48 22.46 -17.49
C CYS K 456 25.32 22.89 -18.68
N PHE K 457 24.83 23.90 -19.41
CA PHE K 457 25.03 24.08 -20.84
C PHE K 457 26.24 24.94 -21.21
N LYS K 458 26.56 24.94 -22.51
CA LYS K 458 27.53 25.84 -23.12
C LYS K 458 26.88 26.50 -24.33
N ILE K 459 26.84 27.83 -24.33
CA ILE K 459 26.20 28.57 -25.41
C ILE K 459 27.27 29.13 -26.33
N TYR K 460 27.08 28.96 -27.63
CA TYR K 460 28.09 29.25 -28.64
C TYR K 460 27.90 30.60 -29.31
N HIS K 461 27.42 31.60 -28.57
CA HIS K 461 27.28 32.94 -29.11
C HIS K 461 27.25 33.93 -27.95
N LYS K 462 27.48 35.20 -28.27
CA LYS K 462 27.50 36.25 -27.26
C LYS K 462 26.13 36.41 -26.64
N CYS K 463 26.05 36.25 -25.32
CA CYS K 463 24.78 36.15 -24.60
C CYS K 463 24.88 37.05 -23.37
N ASP K 464 24.34 38.26 -23.46
CA ASP K 464 24.38 39.22 -22.36
C ASP K 464 23.31 38.86 -21.34
N ASN K 465 23.10 39.75 -20.35
CA ASN K 465 22.11 39.48 -19.32
C ASN K 465 20.70 39.48 -19.88
N ALA K 466 20.42 40.32 -20.88
CA ALA K 466 19.12 40.26 -21.54
C ALA K 466 18.92 38.91 -22.22
N CYS K 467 19.98 38.35 -22.78
CA CYS K 467 19.93 37.02 -23.40
C CYS K 467 19.58 35.95 -22.38
N ILE K 468 20.25 35.94 -21.23
CA ILE K 468 19.95 34.97 -20.19
C ILE K 468 18.53 35.16 -19.66
N GLU K 469 18.12 36.42 -19.49
CA GLU K 469 16.75 36.70 -19.08
C GLU K 469 15.75 36.11 -20.07
N SER K 470 16.03 36.27 -21.36
CA SER K 470 15.15 35.72 -22.40
C SER K 470 15.08 34.21 -22.31
N ILE K 471 16.22 33.56 -22.09
CA ILE K 471 16.21 32.11 -21.92
C ILE K 471 15.39 31.71 -20.70
N ARG K 472 15.46 32.51 -19.63
CA ARG K 472 14.80 32.15 -18.38
C ARG K 472 13.29 32.34 -18.44
N ASN K 473 12.82 33.42 -19.07
CA ASN K 473 11.38 33.70 -19.07
C ASN K 473 10.66 33.11 -20.26
N GLY K 474 11.34 32.35 -21.11
CA GLY K 474 10.69 31.65 -22.19
C GLY K 474 10.57 32.40 -23.51
N THR K 475 11.24 33.53 -23.65
CA THR K 475 11.15 34.37 -24.84
C THR K 475 12.48 34.45 -25.56
N TYR K 476 13.15 33.31 -25.71
CA TYR K 476 14.46 33.26 -26.35
C TYR K 476 14.29 32.90 -27.82
N ASP K 477 14.68 33.81 -28.70
CA ASP K 477 14.59 33.59 -30.14
C ASP K 477 15.94 33.07 -30.62
N HIS K 478 15.94 31.86 -31.18
CA HIS K 478 17.17 31.19 -31.55
C HIS K 478 17.61 31.46 -32.98
N ASP K 479 16.73 32.01 -33.82
CA ASP K 479 17.08 32.21 -35.23
C ASP K 479 18.01 33.39 -35.45
N ILE K 480 18.01 34.38 -34.55
CA ILE K 480 18.87 35.55 -34.72
C ILE K 480 20.28 35.32 -34.21
N TYR K 481 20.54 34.20 -33.53
CA TYR K 481 21.88 33.83 -33.13
C TYR K 481 22.35 32.57 -33.83
N ARG K 482 21.52 31.95 -34.67
CA ARG K 482 21.85 30.65 -35.22
C ARG K 482 23.08 30.70 -36.11
N ASP K 483 23.23 31.77 -36.89
CA ASP K 483 24.34 31.83 -37.84
C ASP K 483 25.69 31.81 -37.12
N GLU K 484 25.87 32.72 -36.15
CA GLU K 484 27.15 32.79 -35.46
C GLU K 484 27.34 31.60 -34.54
N ALA K 485 26.25 31.05 -34.00
CA ALA K 485 26.35 29.86 -33.18
C ALA K 485 26.84 28.66 -33.99
N LEU K 486 26.33 28.50 -35.21
CA LEU K 486 26.78 27.42 -36.07
C LEU K 486 28.21 27.66 -36.55
N ASN K 487 28.57 28.92 -36.80
CA ASN K 487 29.95 29.21 -37.18
C ASN K 487 30.92 28.86 -36.06
N ASN K 488 30.55 29.20 -34.82
CA ASN K 488 31.43 28.92 -33.68
C ASN K 488 31.43 27.45 -33.31
N ARG K 489 30.32 26.74 -33.54
CA ARG K 489 30.19 25.36 -33.10
C ARG K 489 31.01 24.41 -33.97
N PHE K 490 30.84 24.52 -35.28
CA PHE K 490 31.42 23.54 -36.20
C PHE K 490 32.72 24.05 -36.83
N GLN K 491 32.68 25.23 -37.43
CA GLN K 491 33.88 25.83 -38.00
C GLN K 491 34.72 26.39 -36.86
N ILE K 492 35.36 25.48 -36.13
CA ILE K 492 36.19 25.82 -34.98
C ILE K 492 35.40 26.60 -33.94
N GLY L 327 14.78 0.65 -22.81
CA GLY L 327 13.66 0.31 -23.67
C GLY L 327 14.06 0.09 -25.11
N PHE L 328 14.92 0.98 -25.62
CA PHE L 328 15.39 0.86 -27.01
C PHE L 328 16.32 -0.33 -27.19
N ILE L 329 16.88 -0.87 -26.11
CA ILE L 329 17.67 -2.09 -26.17
C ILE L 329 16.72 -3.25 -26.42
N GLU L 330 17.02 -4.08 -27.42
CA GLU L 330 16.11 -5.13 -27.85
C GLU L 330 16.14 -6.33 -26.88
N ASN L 331 17.31 -6.91 -26.67
CA ASN L 331 17.44 -8.10 -25.85
C ASN L 331 18.67 -8.03 -24.96
N GLY L 332 18.73 -8.93 -23.99
CA GLY L 332 19.89 -9.03 -23.14
C GLY L 332 20.98 -9.90 -23.75
N TRP L 333 22.15 -9.85 -23.14
CA TRP L 333 23.30 -10.61 -23.58
C TRP L 333 23.54 -11.75 -22.60
N GLU L 334 23.46 -12.99 -23.09
CA GLU L 334 23.74 -14.13 -22.24
C GLU L 334 25.22 -14.45 -22.15
N GLY L 335 26.06 -13.78 -22.95
CA GLY L 335 27.49 -13.89 -22.80
C GLY L 335 28.09 -13.02 -21.73
N MET L 336 27.24 -12.29 -21.00
CA MET L 336 27.68 -11.43 -19.91
C MET L 336 27.43 -12.14 -18.58
N ILE L 337 28.50 -12.49 -17.86
CA ILE L 337 28.40 -13.17 -16.59
C ILE L 337 29.24 -12.48 -15.52
N ASP L 338 29.84 -11.34 -15.83
CA ASP L 338 30.65 -10.61 -14.87
C ASP L 338 30.05 -9.25 -14.52
N GLY L 339 28.77 -9.07 -14.80
CA GLY L 339 28.10 -7.83 -14.46
C GLY L 339 26.66 -7.88 -14.91
N TRP L 340 25.97 -6.77 -14.68
CA TRP L 340 24.58 -6.59 -15.07
C TRP L 340 24.43 -5.69 -16.29
N TYR L 341 25.16 -4.59 -16.32
CA TYR L 341 25.19 -3.68 -17.45
C TYR L 341 26.60 -3.60 -18.01
N GLY L 342 26.71 -3.35 -19.31
CA GLY L 342 28.03 -3.31 -19.90
C GLY L 342 28.02 -2.73 -21.31
N PHE L 343 29.16 -2.89 -21.97
CA PHE L 343 29.39 -2.32 -23.29
C PHE L 343 29.83 -3.40 -24.26
N ARG L 344 29.52 -3.19 -25.53
CA ARG L 344 30.07 -3.98 -26.63
C ARG L 344 30.55 -3.02 -27.71
N HIS L 345 31.64 -3.37 -28.38
CA HIS L 345 32.23 -2.44 -29.33
C HIS L 345 32.83 -3.19 -30.51
N GLN L 346 33.01 -2.46 -31.60
CA GLN L 346 33.71 -2.94 -32.77
C GLN L 346 34.55 -1.81 -33.33
N ASN L 347 35.82 -2.10 -33.64
CA ASN L 347 36.71 -1.12 -34.22
C ASN L 347 37.66 -1.82 -35.17
N SER L 348 38.71 -1.12 -35.57
CA SER L 348 39.66 -1.70 -36.53
C SER L 348 40.38 -2.89 -35.93
N GLU L 349 40.57 -2.91 -34.61
CA GLU L 349 41.28 -3.99 -33.95
C GLU L 349 40.37 -5.09 -33.42
N GLY L 350 39.07 -5.01 -33.66
CA GLY L 350 38.19 -6.12 -33.38
C GLY L 350 37.06 -5.72 -32.47
N THR L 351 36.40 -6.72 -31.90
CA THR L 351 35.25 -6.57 -31.03
C THR L 351 35.64 -6.91 -29.59
N GLY L 352 34.76 -6.58 -28.67
CA GLY L 352 35.03 -6.81 -27.26
C GLY L 352 33.81 -6.57 -26.41
N GLN L 353 33.92 -7.01 -25.15
CA GLN L 353 32.87 -6.83 -24.16
C GLN L 353 33.47 -6.47 -22.82
N ALA L 354 32.78 -5.61 -22.09
CA ALA L 354 33.19 -5.23 -20.74
C ALA L 354 31.96 -4.81 -19.96
N ALA L 355 32.02 -4.97 -18.64
CA ALA L 355 30.93 -4.64 -17.76
C ALA L 355 31.22 -3.36 -16.99
N ASP L 356 30.16 -2.62 -16.68
CA ASP L 356 30.26 -1.41 -15.88
C ASP L 356 29.95 -1.78 -14.43
N LEU L 357 30.92 -1.57 -13.55
CA LEU L 357 30.76 -1.89 -12.15
C LEU L 357 29.93 -0.86 -11.38
N LYS L 358 30.02 0.42 -11.74
CA LYS L 358 29.32 1.45 -10.98
C LYS L 358 27.80 1.30 -11.07
N SER L 359 27.30 0.85 -12.22
N SER L 359 27.30 0.85 -12.22
CA SER L 359 25.86 0.67 -12.39
CA SER L 359 25.86 0.67 -12.39
C SER L 359 25.37 -0.65 -11.81
C SER L 359 25.37 -0.65 -11.81
N THR L 360 26.12 -1.73 -12.01
CA THR L 360 25.75 -3.01 -11.40
C THR L 360 25.73 -2.89 -9.89
N GLN L 361 26.75 -2.25 -9.32
CA GLN L 361 26.82 -2.11 -7.86
C GLN L 361 25.68 -1.26 -7.34
N ALA L 362 25.32 -0.19 -8.04
CA ALA L 362 24.19 0.63 -7.61
C ALA L 362 22.90 -0.18 -7.66
N ALA L 363 22.72 -0.97 -8.71
CA ALA L 363 21.53 -1.83 -8.79
C ALA L 363 21.46 -2.79 -7.61
N ILE L 364 22.53 -3.53 -7.34
CA ILE L 364 22.48 -4.50 -6.25
C ILE L 364 22.34 -3.80 -4.90
N ASP L 365 22.95 -2.62 -4.75
CA ASP L 365 22.80 -1.89 -3.51
C ASP L 365 21.34 -1.54 -3.26
N GLN L 366 20.66 -1.03 -4.28
CA GLN L 366 19.23 -0.72 -4.11
C GLN L 366 18.41 -1.98 -3.86
N ILE L 367 18.73 -3.06 -4.56
CA ILE L 367 17.94 -4.29 -4.41
C ILE L 367 18.10 -4.86 -3.01
N ASN L 368 19.33 -4.90 -2.50
CA ASN L 368 19.56 -5.40 -1.15
C ASN L 368 18.94 -4.47 -0.10
N GLY L 369 19.06 -3.16 -0.29
CA GLY L 369 18.45 -2.23 0.66
C GLY L 369 16.95 -2.39 0.72
N LYS L 370 16.33 -2.70 -0.42
CA LYS L 370 14.90 -3.00 -0.44
C LYS L 370 14.59 -4.36 0.17
N LEU L 371 15.42 -5.38 -0.09
CA LEU L 371 15.18 -6.70 0.46
C LEU L 371 15.22 -6.69 1.98
N ASN L 372 16.16 -5.95 2.56
CA ASN L 372 16.30 -5.93 4.01
C ASN L 372 15.12 -5.28 4.71
N ARG L 373 14.36 -4.43 4.04
CA ARG L 373 13.17 -3.85 4.66
C ARG L 373 11.97 -4.76 4.59
N VAL L 374 11.98 -5.75 3.70
CA VAL L 374 10.88 -6.70 3.57
C VAL L 374 10.98 -7.79 4.62
N ILE L 375 12.18 -8.32 4.84
CA ILE L 375 12.37 -9.36 5.84
C ILE L 375 12.32 -8.75 7.24
N ASN L 379 7.76 -9.80 14.01
CA ASN L 379 6.76 -9.81 15.08
C ASN L 379 7.02 -10.95 16.05
N GLU L 380 6.75 -10.71 17.33
CA GLU L 380 7.01 -11.68 18.39
C GLU L 380 5.77 -11.77 19.26
N LYS L 381 5.00 -12.84 19.08
CA LYS L 381 3.79 -13.08 19.86
C LYS L 381 3.95 -14.39 20.61
N PHE L 382 3.56 -14.39 21.89
CA PHE L 382 3.76 -15.54 22.75
C PHE L 382 2.45 -16.23 23.12
N HIS L 383 1.52 -15.52 23.75
CA HIS L 383 0.24 -16.10 24.16
C HIS L 383 -0.88 -15.46 23.37
N GLN L 384 -1.65 -16.29 22.68
CA GLN L 384 -2.72 -15.81 21.82
C GLN L 384 -4.01 -16.60 22.08
N ILE L 385 -5.06 -16.29 21.34
CA ILE L 385 -6.32 -16.99 21.50
C ILE L 385 -6.22 -18.38 20.85
N GLU L 386 -7.13 -19.25 21.24
CA GLU L 386 -7.23 -20.54 20.58
C GLU L 386 -7.77 -20.36 19.17
N LYS L 387 -7.09 -20.98 18.21
CA LYS L 387 -7.41 -20.82 16.80
C LYS L 387 -8.09 -22.03 16.19
N GLU L 388 -7.92 -23.22 16.76
CA GLU L 388 -8.64 -24.40 16.33
C GLU L 388 -9.38 -25.01 17.51
N PHE L 389 -10.61 -25.44 17.27
CA PHE L 389 -11.51 -25.90 18.31
C PHE L 389 -11.91 -27.35 18.07
N SER L 390 -12.20 -28.06 19.15
CA SER L 390 -12.61 -29.45 19.10
C SER L 390 -14.08 -29.68 19.36
N GLU L 391 -14.80 -28.67 19.84
CA GLU L 391 -16.22 -28.78 20.12
C GLU L 391 -16.97 -27.66 19.41
N VAL L 392 -18.29 -27.79 19.38
CA VAL L 392 -19.17 -26.76 18.87
C VAL L 392 -19.76 -26.03 20.07
N GLU L 393 -19.46 -24.75 20.21
CA GLU L 393 -19.88 -23.98 21.38
C GLU L 393 -20.87 -22.88 21.03
N GLY L 394 -20.52 -21.98 20.13
CA GLY L 394 -21.44 -20.92 19.76
C GLY L 394 -20.82 -19.55 19.59
N ARG L 395 -21.36 -18.56 20.31
CA ARG L 395 -21.06 -17.16 20.04
C ARG L 395 -19.57 -16.87 20.12
N ILE L 396 -18.93 -17.27 21.22
CA ILE L 396 -17.52 -16.94 21.44
C ILE L 396 -16.64 -17.60 20.40
N GLN L 397 -16.90 -18.87 20.10
CA GLN L 397 -16.11 -19.59 19.11
C GLN L 397 -16.22 -18.95 17.74
N ASP L 398 -17.44 -18.55 17.35
CA ASP L 398 -17.62 -17.83 16.09
C ASP L 398 -16.87 -16.52 16.08
N LEU L 399 -16.87 -15.80 17.21
CA LEU L 399 -16.13 -14.54 17.26
C LEU L 399 -14.64 -14.76 17.07
N GLU L 400 -14.09 -15.78 17.74
CA GLU L 400 -12.66 -16.07 17.58
C GLU L 400 -12.33 -16.46 16.14
N LYS L 401 -13.16 -17.30 15.53
CA LYS L 401 -12.93 -17.67 14.14
C LYS L 401 -12.98 -16.46 13.23
N TYR L 402 -13.94 -15.57 13.44
CA TYR L 402 -14.08 -14.38 12.63
C TYR L 402 -12.83 -13.49 12.76
N VAL L 403 -12.35 -13.33 13.98
CA VAL L 403 -11.16 -12.50 14.20
C VAL L 403 -9.96 -13.08 13.47
N GLU L 404 -9.78 -14.40 13.58
CA GLU L 404 -8.65 -15.04 12.90
C GLU L 404 -8.75 -14.89 11.39
N ASP L 405 -9.92 -15.13 10.81
CA ASP L 405 -10.07 -14.98 9.36
C ASP L 405 -9.82 -13.55 8.92
N THR L 406 -10.33 -12.57 9.66
CA THR L 406 -10.08 -11.18 9.31
C THR L 406 -8.59 -10.88 9.30
N LYS L 407 -7.88 -11.30 10.33
CA LYS L 407 -6.44 -11.05 10.40
C LYS L 407 -5.71 -11.71 9.24
N ILE L 408 -6.07 -12.95 8.93
CA ILE L 408 -5.38 -13.68 7.88
C ILE L 408 -5.61 -13.02 6.52
N ASP L 409 -6.86 -12.66 6.22
CA ASP L 409 -7.14 -12.04 4.93
C ASP L 409 -6.46 -10.69 4.79
N LEU L 410 -6.47 -9.88 5.86
CA LEU L 410 -5.81 -8.58 5.77
C LEU L 410 -4.32 -8.74 5.55
N TRP L 411 -3.68 -9.68 6.24
CA TRP L 411 -2.24 -9.83 6.05
C TRP L 411 -1.91 -10.44 4.70
N SER L 412 -2.77 -11.30 4.17
CA SER L 412 -2.57 -11.83 2.83
C SER L 412 -2.65 -10.72 1.78
N TYR L 413 -3.64 -9.83 1.92
CA TYR L 413 -3.71 -8.69 1.02
C TYR L 413 -2.46 -7.82 1.13
N ASN L 414 -1.99 -7.60 2.35
CA ASN L 414 -0.80 -6.79 2.54
C ASN L 414 0.40 -7.41 1.83
N ALA L 415 0.55 -8.73 1.96
CA ALA L 415 1.67 -9.41 1.31
C ALA L 415 1.59 -9.29 -0.20
N GLU L 416 0.39 -9.50 -0.76
CA GLU L 416 0.23 -9.41 -2.22
C GLU L 416 0.57 -8.02 -2.73
N LEU L 417 0.00 -6.99 -2.07
CA LEU L 417 0.25 -5.62 -2.51
C LEU L 417 1.72 -5.26 -2.37
N LEU L 418 2.35 -5.67 -1.27
CA LEU L 418 3.75 -5.35 -1.05
C LEU L 418 4.63 -5.96 -2.14
N VAL L 419 4.44 -7.25 -2.41
CA VAL L 419 5.30 -7.89 -3.40
C VAL L 419 5.06 -7.29 -4.78
N ALA L 420 3.81 -6.99 -5.12
CA ALA L 420 3.54 -6.42 -6.43
C ALA L 420 4.22 -5.06 -6.59
N LEU L 421 4.04 -4.17 -5.61
CA LEU L 421 4.64 -2.85 -5.70
C LEU L 421 6.16 -2.94 -5.75
N GLU L 422 6.75 -3.84 -4.95
CA GLU L 422 8.20 -3.85 -4.86
C GLU L 422 8.81 -4.45 -6.12
N ASN L 423 8.16 -5.46 -6.71
CA ASN L 423 8.63 -5.97 -8.00
C ASN L 423 8.52 -4.91 -9.08
N GLN L 424 7.42 -4.17 -9.09
CA GLN L 424 7.30 -3.07 -10.05
C GLN L 424 8.45 -2.08 -9.89
N HIS L 425 8.71 -1.64 -8.66
CA HIS L 425 9.75 -0.66 -8.43
C HIS L 425 11.12 -1.21 -8.81
N THR L 426 11.34 -2.51 -8.59
CA THR L 426 12.59 -3.15 -9.01
C THR L 426 12.77 -3.06 -10.52
N ILE L 427 11.72 -3.37 -11.26
CA ILE L 427 11.80 -3.38 -12.72
C ILE L 427 12.11 -1.97 -13.23
N ASP L 428 11.38 -0.97 -12.73
CA ASP L 428 11.67 0.40 -13.16
C ASP L 428 13.05 0.87 -12.73
N LEU L 429 13.54 0.49 -11.55
CA LEU L 429 14.86 0.96 -11.16
C LEU L 429 15.94 0.36 -12.05
N THR L 430 15.79 -0.91 -12.43
CA THR L 430 16.77 -1.52 -13.32
C THR L 430 16.76 -0.86 -14.71
N ASP L 431 15.57 -0.67 -15.28
CA ASP L 431 15.50 0.02 -16.56
C ASP L 431 16.05 1.44 -16.46
N SER L 432 15.82 2.11 -15.34
CA SER L 432 16.32 3.46 -15.16
C SER L 432 17.84 3.48 -15.09
N GLU L 433 18.43 2.48 -14.46
CA GLU L 433 19.89 2.39 -14.43
C GLU L 433 20.46 2.22 -15.83
N MET L 434 19.82 1.37 -16.63
CA MET L 434 20.28 1.19 -18.01
C MET L 434 20.18 2.50 -18.78
N ASN L 435 19.06 3.20 -18.64
CA ASN L 435 18.89 4.47 -19.34
C ASN L 435 19.90 5.50 -18.87
N LYS L 436 20.22 5.52 -17.58
CA LYS L 436 21.22 6.44 -17.06
C LYS L 436 22.58 6.18 -17.67
N LEU L 437 22.97 4.92 -17.78
CA LEU L 437 24.24 4.59 -18.41
C LEU L 437 24.27 5.06 -19.86
N PHE L 438 23.18 4.83 -20.59
CA PHE L 438 23.12 5.27 -21.98
C PHE L 438 23.26 6.78 -22.08
N GLU L 439 22.54 7.51 -21.24
CA GLU L 439 22.57 8.97 -21.31
C GLU L 439 23.95 9.50 -20.94
N LYS L 440 24.61 8.89 -19.97
CA LYS L 440 25.95 9.34 -19.60
C LYS L 440 26.96 9.12 -20.72
N THR L 441 26.90 7.96 -21.38
CA THR L 441 27.77 7.74 -22.52
C THR L 441 27.48 8.73 -23.65
N ARG L 442 26.20 9.00 -23.90
CA ARG L 442 25.84 9.95 -24.95
C ARG L 442 26.37 11.35 -24.63
N ARG L 443 26.27 11.76 -23.37
CA ARG L 443 26.75 13.08 -22.98
C ARG L 443 28.27 13.16 -23.07
N GLN L 444 28.97 12.08 -22.73
CA GLN L 444 30.42 12.06 -22.88
C GLN L 444 30.82 12.20 -24.34
N LEU L 445 30.15 11.48 -25.23
CA LEU L 445 30.58 11.46 -26.63
C LEU L 445 30.39 12.81 -27.31
N ARG L 446 29.42 13.60 -26.87
CA ARG L 446 29.17 14.97 -27.37
C ARG L 446 28.85 14.85 -28.87
N GLU L 447 29.40 15.73 -29.70
CA GLU L 447 29.11 15.74 -31.12
C GLU L 447 29.96 14.74 -31.91
N ASN L 448 30.73 13.91 -31.23
CA ASN L 448 31.63 12.95 -31.89
C ASN L 448 30.93 11.69 -32.33
N ALA L 449 29.74 11.40 -31.82
CA ALA L 449 29.01 10.19 -32.17
C ALA L 449 27.54 10.54 -32.32
N GLU L 450 26.80 9.64 -32.96
CA GLU L 450 25.39 9.85 -33.23
C GLU L 450 24.63 8.56 -33.00
N ASP L 451 23.55 8.66 -32.22
CA ASP L 451 22.83 7.49 -31.76
C ASP L 451 22.14 6.77 -32.92
N MET L 452 22.22 5.44 -32.92
CA MET L 452 21.67 4.64 -34.00
C MET L 452 20.30 4.06 -33.67
N GLY L 453 19.76 4.34 -32.49
CA GLY L 453 18.40 3.99 -32.17
C GLY L 453 18.18 2.60 -31.63
N ASN L 454 19.22 1.77 -31.56
CA ASN L 454 19.09 0.40 -31.05
C ASN L 454 19.89 0.20 -29.77
N GLY L 455 20.19 1.28 -29.05
CA GLY L 455 21.08 1.20 -27.91
C GLY L 455 22.54 1.31 -28.25
N CYS L 456 22.89 1.70 -29.47
CA CYS L 456 24.26 1.77 -29.92
C CYS L 456 24.59 3.14 -30.49
N PHE L 457 25.86 3.52 -30.39
CA PHE L 457 26.38 4.76 -30.92
C PHE L 457 27.29 4.46 -32.11
N LYS L 458 27.36 5.39 -33.05
CA LYS L 458 28.33 5.33 -34.13
C LYS L 458 29.37 6.41 -33.92
N ILE L 459 30.56 6.01 -33.50
CA ILE L 459 31.68 6.92 -33.32
C ILE L 459 32.24 7.27 -34.70
N TYR L 460 32.33 8.56 -34.99
CA TYR L 460 32.72 9.02 -36.32
C TYR L 460 34.21 9.33 -36.43
N HIS L 461 35.04 8.58 -35.70
CA HIS L 461 36.48 8.74 -35.77
C HIS L 461 37.14 7.42 -35.38
N LYS L 462 38.44 7.35 -35.60
CA LYS L 462 39.19 6.15 -35.24
C LYS L 462 39.25 6.00 -33.73
N CYS L 463 38.66 4.94 -33.21
CA CYS L 463 38.55 4.72 -31.77
C CYS L 463 39.12 3.35 -31.45
N ASP L 464 40.40 3.31 -31.06
CA ASP L 464 41.09 2.06 -30.77
C ASP L 464 40.69 1.57 -29.39
N ASN L 465 41.39 0.53 -28.91
CA ASN L 465 41.03 -0.07 -27.63
C ASN L 465 41.20 0.90 -26.47
N ALA L 466 42.24 1.72 -26.49
CA ALA L 466 42.41 2.73 -25.45
C ALA L 466 41.30 3.77 -25.51
N CYS L 467 40.84 4.10 -26.71
CA CYS L 467 39.72 5.02 -26.87
C CYS L 467 38.45 4.49 -26.23
N ILE L 468 38.15 3.21 -26.45
CA ILE L 468 36.97 2.61 -25.84
C ILE L 468 37.14 2.51 -24.33
N GLU L 469 38.36 2.20 -23.87
CA GLU L 469 38.63 2.19 -22.44
C GLU L 469 38.36 3.54 -21.82
N SER L 470 38.82 4.61 -22.49
CA SER L 470 38.61 5.96 -21.98
C SER L 470 37.13 6.31 -21.95
N ILE L 471 36.38 5.88 -22.97
CA ILE L 471 34.95 6.10 -22.96
C ILE L 471 34.31 5.39 -21.78
N ARG L 472 34.76 4.17 -21.48
CA ARG L 472 34.13 3.36 -20.45
C ARG L 472 34.44 3.85 -19.04
N ASN L 473 35.70 4.22 -18.76
CA ASN L 473 36.05 4.58 -17.39
C ASN L 473 35.76 6.03 -17.06
N GLY L 474 35.35 6.83 -18.04
CA GLY L 474 34.94 8.20 -17.78
C GLY L 474 35.97 9.27 -18.07
N THR L 475 37.03 8.95 -18.80
CA THR L 475 38.11 9.88 -19.08
C THR L 475 38.26 10.12 -20.57
N TYR L 476 37.15 10.35 -21.27
CA TYR L 476 37.16 10.52 -22.71
C TYR L 476 37.16 12.01 -23.03
N ASP L 477 38.12 12.45 -23.84
CA ASP L 477 38.25 13.85 -24.22
C ASP L 477 37.73 14.01 -25.63
N HIS L 478 36.66 14.78 -25.78
CA HIS L 478 36.01 14.94 -27.07
C HIS L 478 36.66 16.00 -27.96
N ASP L 479 37.54 16.83 -27.41
CA ASP L 479 38.12 17.91 -28.20
C ASP L 479 39.29 17.46 -29.06
N ILE L 480 39.91 16.32 -28.76
CA ILE L 480 41.01 15.82 -29.58
C ILE L 480 40.53 14.96 -30.74
N TYR L 481 39.24 14.66 -30.80
CA TYR L 481 38.64 13.97 -31.94
C TYR L 481 37.57 14.79 -32.63
N ARG L 482 37.32 16.02 -32.17
CA ARG L 482 36.15 16.76 -32.64
C ARG L 482 36.29 17.15 -34.11
N ASP L 483 37.48 17.57 -34.54
CA ASP L 483 37.65 18.00 -35.92
C ASP L 483 37.39 16.84 -36.89
N GLU L 484 37.98 15.68 -36.62
CA GLU L 484 37.81 14.54 -37.51
C GLU L 484 36.38 14.02 -37.46
N ALA L 485 35.77 14.00 -36.26
CA ALA L 485 34.39 13.55 -36.14
C ALA L 485 33.44 14.47 -36.90
N LEU L 486 33.67 15.78 -36.83
CA LEU L 486 32.83 16.72 -37.56
C LEU L 486 33.05 16.60 -39.06
N ASN L 487 34.28 16.35 -39.50
CA ASN L 487 34.55 16.19 -40.92
C ASN L 487 33.85 14.94 -41.46
N ASN L 488 33.91 13.84 -40.71
CA ASN L 488 33.27 12.61 -41.17
C ASN L 488 31.75 12.71 -41.08
N ARG L 489 31.23 13.36 -40.04
CA ARG L 489 29.79 13.37 -39.81
C ARG L 489 29.05 14.16 -40.87
N PHE L 490 29.49 15.38 -41.14
CA PHE L 490 28.71 16.31 -41.95
C PHE L 490 29.14 16.31 -43.41
N GLN L 491 30.40 16.63 -43.68
CA GLN L 491 30.92 16.62 -45.04
C GLN L 491 31.17 15.17 -45.45
N ILE L 492 30.11 14.52 -45.92
CA ILE L 492 30.15 13.13 -46.36
C ILE L 492 30.66 12.21 -45.24
#